data_7NY0
#
_entry.id   7NY0
#
_entity_poly.entity_id   1
_entity_poly.type   'polypeptide(L)'
_entity_poly.pdbx_seq_one_letter_code
;LAAALAEIYKGLAEYQARLKSLEGISPELGPALDALRLDMADFATTMAQAMEEGLDSLPQSFLLKALEQIRKIQADAAAL
REKLAATYKGNDRAAAAVEIAAQLEAFLEKAYQILRHLAAA
;
_entity_poly.pdbx_strand_id   A
#
# COMPACT_ATOMS: atom_id res chain seq x y z
N LEU A 1 -8.42 13.20 -14.03
CA LEU A 1 -9.02 12.49 -12.89
C LEU A 1 -8.91 10.98 -13.09
N ALA A 2 -9.56 10.49 -14.14
CA ALA A 2 -9.52 9.05 -14.44
C ALA A 2 -8.09 8.58 -14.69
N ALA A 3 -7.34 9.36 -15.47
CA ALA A 3 -5.95 9.03 -15.77
C ALA A 3 -5.12 8.97 -14.49
N ALA A 4 -5.30 9.96 -13.63
CA ALA A 4 -4.58 10.02 -12.36
C ALA A 4 -4.93 8.80 -11.51
N LEU A 5 -6.23 8.55 -11.36
CA LEU A 5 -6.71 7.40 -10.60
C LEU A 5 -6.15 6.08 -11.15
N ALA A 6 -6.08 5.97 -12.48
CA ALA A 6 -5.53 4.80 -13.14
C ALA A 6 -4.07 4.57 -12.74
N GLU A 7 -3.30 5.66 -12.68
CA GLU A 7 -1.88 5.57 -12.35
C GLU A 7 -1.67 5.00 -10.94
N ILE A 8 -2.44 5.51 -9.97
CA ILE A 8 -2.30 5.08 -8.59
C ILE A 8 -2.66 3.60 -8.45
N TYR A 9 -3.77 3.20 -9.07
CA TYR A 9 -4.25 1.82 -8.99
C TYR A 9 -3.22 0.85 -9.58
N LYS A 10 -2.65 1.22 -10.72
CA LYS A 10 -1.68 0.37 -11.40
C LYS A 10 -0.46 0.14 -10.53
N GLY A 11 0.05 1.21 -9.91
CA GLY A 11 1.22 1.13 -9.06
C GLY A 11 0.99 0.18 -7.88
N LEU A 12 -0.18 0.28 -7.27
CA LEU A 12 -0.52 -0.56 -6.13
C LEU A 12 -0.53 -2.04 -6.51
N ALA A 13 -1.10 -2.35 -7.67
CA ALA A 13 -1.19 -3.72 -8.15
C ALA A 13 0.20 -4.32 -8.32
N GLU A 14 1.11 -3.54 -8.92
CA GLU A 14 2.48 -4.01 -9.14
C GLU A 14 3.16 -4.38 -7.82
N TYR A 15 3.01 -3.50 -6.84
CA TYR A 15 3.59 -3.73 -5.51
C TYR A 15 3.10 -5.03 -4.91
N GLN A 16 1.81 -5.32 -5.08
CA GLN A 16 1.23 -6.57 -4.59
C GLN A 16 1.93 -7.78 -5.20
N ALA A 17 2.20 -7.72 -6.50
CA ALA A 17 2.89 -8.80 -7.20
C ALA A 17 4.25 -9.09 -6.58
N ARG A 18 4.98 -8.02 -6.22
CA ARG A 18 6.28 -8.17 -5.56
C ARG A 18 6.15 -8.73 -4.14
N LEU A 19 5.05 -8.38 -3.46
CA LEU A 19 4.82 -8.85 -2.09
C LEU A 19 4.42 -10.33 -2.01
N LYS A 20 3.91 -10.91 -3.11
CA LYS A 20 3.70 -12.36 -3.18
C LYS A 20 5.02 -13.05 -3.53
N SER A 21 5.64 -12.59 -4.64
CA SER A 21 6.94 -13.11 -5.12
C SER A 21 7.93 -13.37 -3.98
N LEU A 22 7.99 -12.42 -3.03
CA LEU A 22 8.54 -12.74 -1.73
C LEU A 22 7.40 -13.20 -0.81
N GLU A 23 7.46 -14.45 -0.41
CA GLU A 23 6.73 -14.94 0.76
C GLU A 23 7.51 -16.10 1.41
N GLY A 24 7.07 -16.53 2.58
CA GLY A 24 7.71 -17.67 3.28
C GLY A 24 8.29 -17.25 4.62
N ILE A 25 7.46 -16.63 5.46
CA ILE A 25 7.88 -16.26 6.81
C ILE A 25 7.65 -17.44 7.76
N SER A 26 6.38 -17.75 8.01
CA SER A 26 6.02 -18.89 8.84
C SER A 26 4.54 -19.22 8.70
N PRO A 27 4.09 -20.44 8.95
CA PRO A 27 2.65 -20.80 8.82
C PRO A 27 1.80 -20.13 9.89
N GLU A 28 2.30 -20.16 11.13
CA GLU A 28 1.61 -19.52 12.25
C GLU A 28 1.23 -18.06 11.98
N LEU A 29 1.90 -17.40 11.02
CA LEU A 29 1.61 -16.00 10.70
C LEU A 29 0.50 -15.87 9.66
N GLY A 30 -0.51 -16.74 9.73
CA GLY A 30 -1.66 -16.68 8.83
C GLY A 30 -2.40 -15.35 9.00
N PRO A 31 -2.80 -14.98 10.20
CA PRO A 31 -3.46 -13.64 10.44
C PRO A 31 -2.61 -12.49 9.93
N ALA A 32 -1.29 -12.61 10.04
CA ALA A 32 -0.37 -11.56 9.62
C ALA A 32 -0.55 -11.27 8.12
N LEU A 33 -0.26 -12.27 7.30
CA LEU A 33 -0.42 -12.15 5.84
C LEU A 33 -1.83 -11.69 5.46
N ASP A 34 -2.83 -12.14 6.20
CA ASP A 34 -4.21 -11.74 5.97
C ASP A 34 -4.41 -10.24 6.22
N ALA A 35 -3.73 -9.71 7.23
CA ALA A 35 -3.85 -8.29 7.58
C ALA A 35 -3.34 -7.41 6.43
N LEU A 36 -2.17 -7.77 5.90
CA LEU A 36 -1.58 -7.02 4.79
C LEU A 36 -2.47 -7.08 3.55
N ARG A 37 -2.97 -8.27 3.26
CA ARG A 37 -3.84 -8.48 2.10
C ARG A 37 -5.17 -7.73 2.24
N LEU A 38 -5.68 -7.63 3.45
CA LEU A 38 -6.95 -6.96 3.71
C LEU A 38 -6.83 -5.44 3.55
N ASP A 39 -5.70 -4.88 4.01
CA ASP A 39 -5.48 -3.45 3.93
C ASP A 39 -5.33 -3.00 2.48
N MET A 40 -4.54 -3.76 1.71
CA MET A 40 -4.30 -3.44 0.30
C MET A 40 -5.56 -3.65 -0.54
N ALA A 41 -6.22 -4.77 -0.31
CA ALA A 41 -7.45 -5.10 -1.03
C ALA A 41 -8.55 -4.08 -0.75
N ASP A 42 -8.66 -3.66 0.51
CA ASP A 42 -9.67 -2.68 0.91
C ASP A 42 -9.45 -1.35 0.17
N PHE A 43 -8.19 -0.92 0.10
CA PHE A 43 -7.85 0.32 -0.60
C PHE A 43 -8.24 0.22 -2.08
N ALA A 44 -7.95 -0.92 -2.69
CA ALA A 44 -8.27 -1.15 -4.10
C ALA A 44 -9.77 -1.22 -4.36
N THR A 45 -10.53 -1.74 -3.39
CA THR A 45 -11.98 -1.89 -3.54
C THR A 45 -12.67 -0.53 -3.55
N THR A 46 -12.42 0.26 -2.52
CA THR A 46 -13.01 1.60 -2.41
C THR A 46 -12.59 2.50 -3.57
N MET A 47 -11.31 2.44 -3.93
CA MET A 47 -10.78 3.29 -4.99
C MET A 47 -11.38 2.91 -6.34
N ALA A 48 -11.35 1.61 -6.64
CA ALA A 48 -11.89 1.10 -7.89
C ALA A 48 -13.40 1.35 -8.01
N GLN A 49 -14.11 1.25 -6.89
CA GLN A 49 -15.56 1.46 -6.88
C GLN A 49 -15.91 2.89 -7.25
N ALA A 50 -15.17 3.84 -6.68
CA ALA A 50 -15.41 5.26 -6.94
C ALA A 50 -15.15 5.60 -8.41
N MET A 51 -14.05 5.07 -8.95
CA MET A 51 -13.68 5.34 -10.34
C MET A 51 -14.72 4.79 -11.30
N GLU A 52 -15.18 3.56 -11.03
CA GLU A 52 -16.17 2.90 -11.88
C GLU A 52 -17.47 3.68 -11.89
N GLU A 53 -17.91 4.14 -10.72
CA GLU A 53 -19.15 4.89 -10.61
C GLU A 53 -19.06 6.21 -11.38
N GLY A 54 -17.95 6.92 -11.19
CA GLY A 54 -17.72 8.19 -11.88
C GLY A 54 -18.65 9.26 -11.33
N LEU A 55 -18.76 9.33 -10.01
CA LEU A 55 -19.62 10.32 -9.36
C LEU A 55 -19.09 11.74 -9.62
N ASP A 56 -19.99 12.72 -9.53
CA ASP A 56 -19.62 14.11 -9.76
C ASP A 56 -18.54 14.56 -8.79
N SER A 57 -18.72 14.21 -7.51
CA SER A 57 -17.76 14.59 -6.48
C SER A 57 -17.67 13.52 -5.40
N LEU A 58 -16.51 13.43 -4.76
CA LEU A 58 -16.29 12.45 -3.69
C LEU A 58 -16.59 13.08 -2.33
N PRO A 59 -16.96 12.29 -1.32
CA PRO A 59 -17.30 12.84 0.02
C PRO A 59 -16.07 13.08 0.90
N GLN A 60 -16.19 14.04 1.81
CA GLN A 60 -15.10 14.34 2.74
C GLN A 60 -14.64 13.12 3.52
N SER A 61 -15.58 12.23 3.86
CA SER A 61 -15.25 10.99 4.56
C SER A 61 -14.27 10.15 3.74
N PHE A 62 -14.51 10.05 2.44
CA PHE A 62 -13.66 9.28 1.54
C PHE A 62 -12.23 9.82 1.57
N LEU A 63 -12.09 11.13 1.47
CA LEU A 63 -10.77 11.76 1.45
C LEU A 63 -9.97 11.42 2.70
N LEU A 64 -10.44 11.91 3.85
CA LEU A 64 -9.76 11.68 5.13
C LEU A 64 -9.55 10.19 5.42
N LYS A 65 -10.40 9.31 4.86
CA LYS A 65 -10.22 7.87 5.01
C LYS A 65 -8.95 7.40 4.31
N ALA A 66 -8.70 7.92 3.11
CA ALA A 66 -7.51 7.55 2.35
C ALA A 66 -6.24 7.97 3.07
N LEU A 67 -6.24 9.18 3.64
CA LEU A 67 -5.06 9.73 4.30
C LEU A 67 -4.70 8.94 5.55
N GLU A 68 -5.70 8.70 6.40
CA GLU A 68 -5.49 8.00 7.67
C GLU A 68 -5.14 6.53 7.44
N GLN A 69 -5.83 5.90 6.50
CA GLN A 69 -5.64 4.48 6.22
C GLN A 69 -4.22 4.21 5.74
N ILE A 70 -3.82 4.88 4.65
CA ILE A 70 -2.50 4.65 4.06
C ILE A 70 -1.38 4.88 5.08
N ARG A 71 -1.53 5.90 5.93
CA ARG A 71 -0.55 6.15 6.99
C ARG A 71 -0.43 4.94 7.92
N LYS A 72 -1.58 4.36 8.29
CA LYS A 72 -1.61 3.18 9.14
C LYS A 72 -0.86 2.01 8.50
N ILE A 73 -1.07 1.83 7.19
CA ILE A 73 -0.44 0.73 6.46
C ILE A 73 1.09 0.88 6.48
N GLN A 74 1.58 2.11 6.31
CA GLN A 74 3.02 2.36 6.29
C GLN A 74 3.67 2.03 7.63
N ALA A 75 3.00 2.42 8.72
CA ALA A 75 3.53 2.17 10.07
C ALA A 75 3.65 0.67 10.34
N ASP A 76 2.58 -0.06 10.00
CA ASP A 76 2.54 -1.50 10.21
C ASP A 76 3.61 -2.22 9.37
N ALA A 77 3.77 -1.77 8.13
CA ALA A 77 4.77 -2.35 7.23
C ALA A 77 6.19 -2.15 7.77
N ALA A 78 6.45 -0.98 8.34
CA ALA A 78 7.77 -0.67 8.91
C ALA A 78 8.10 -1.66 10.02
N ALA A 79 7.14 -1.91 10.91
CA ALA A 79 7.34 -2.86 12.00
C ALA A 79 7.65 -4.25 11.45
N LEU A 80 6.91 -4.66 10.43
CA LEU A 80 7.12 -5.97 9.80
C LEU A 80 8.50 -6.08 9.15
N ARG A 81 9.00 -4.97 8.61
CA ARG A 81 10.31 -4.95 7.98
C ARG A 81 11.44 -5.15 9.01
N GLU A 82 11.29 -4.53 10.18
CA GLU A 82 12.29 -4.64 11.23
C GLU A 82 12.39 -6.08 11.74
N LYS A 83 11.25 -6.69 12.00
CA LYS A 83 11.21 -8.05 12.53
C LYS A 83 11.71 -9.06 11.51
N LEU A 84 11.25 -8.91 10.27
CA LEU A 84 11.63 -9.82 9.19
C LEU A 84 13.14 -9.77 8.94
N ALA A 85 13.70 -8.57 8.93
CA ALA A 85 15.13 -8.38 8.71
C ALA A 85 15.95 -9.09 9.79
N ALA A 86 15.52 -8.94 11.04
CA ALA A 86 16.20 -9.58 12.16
C ALA A 86 16.24 -11.10 11.99
N THR A 87 15.11 -11.67 11.56
CA THR A 87 15.02 -13.12 11.35
C THR A 87 15.77 -13.52 10.09
N TYR A 88 15.32 -12.99 8.95
CA TYR A 88 15.96 -13.27 7.66
C TYR A 88 16.93 -12.15 7.29
N LYS A 89 18.17 -12.52 6.98
CA LYS A 89 19.19 -11.56 6.60
C LYS A 89 20.34 -12.24 5.87
N GLY A 90 20.96 -11.51 4.94
CA GLY A 90 22.08 -12.04 4.19
C GLY A 90 21.62 -12.68 2.88
N ASN A 91 20.54 -13.47 2.96
CA ASN A 91 20.01 -14.17 1.79
C ASN A 91 19.61 -13.17 0.71
N ASP A 92 19.72 -13.60 -0.55
CA ASP A 92 19.41 -12.75 -1.69
C ASP A 92 17.99 -12.19 -1.61
N ARG A 93 17.05 -13.03 -1.19
CA ARG A 93 15.66 -12.62 -1.05
C ARG A 93 15.51 -11.42 -0.11
N ALA A 94 16.26 -11.44 0.99
CA ALA A 94 16.23 -10.35 1.97
C ALA A 94 16.68 -9.05 1.32
N ALA A 95 17.80 -9.10 0.60
CA ALA A 95 18.35 -7.91 -0.05
C ALA A 95 17.34 -7.29 -1.02
N ALA A 96 16.67 -8.14 -1.78
CA ALA A 96 15.67 -7.68 -2.75
C ALA A 96 14.54 -6.94 -2.05
N ALA A 97 14.06 -7.51 -0.95
CA ALA A 97 12.96 -6.91 -0.19
C ALA A 97 13.30 -5.49 0.26
N VAL A 98 14.56 -5.29 0.68
CA VAL A 98 15.04 -3.96 1.07
C VAL A 98 14.94 -3.00 -0.12
N GLU A 99 15.38 -3.45 -1.28
CA GLU A 99 15.34 -2.63 -2.50
C GLU A 99 13.91 -2.22 -2.82
N ILE A 100 13.00 -3.20 -2.82
CA ILE A 100 11.59 -2.94 -3.12
C ILE A 100 11.01 -1.97 -2.09
N ALA A 101 11.32 -2.20 -0.81
CA ALA A 101 10.81 -1.36 0.27
C ALA A 101 11.21 0.11 0.07
N ALA A 102 12.45 0.33 -0.34
CA ALA A 102 12.96 1.68 -0.57
C ALA A 102 12.13 2.40 -1.62
N GLN A 103 11.84 1.70 -2.72
CA GLN A 103 11.04 2.28 -3.80
C GLN A 103 9.66 2.70 -3.29
N LEU A 104 9.03 1.83 -2.50
CA LEU A 104 7.70 2.11 -1.95
C LEU A 104 7.69 3.42 -1.16
N GLU A 105 8.75 3.66 -0.39
CA GLU A 105 8.83 4.87 0.43
C GLU A 105 8.72 6.13 -0.42
N ALA A 106 9.45 6.14 -1.55
CA ALA A 106 9.40 7.27 -2.46
C ALA A 106 7.99 7.45 -3.02
N PHE A 107 7.42 6.35 -3.51
CA PHE A 107 6.05 6.36 -4.03
C PHE A 107 5.05 6.85 -2.98
N LEU A 108 5.26 6.44 -1.72
CA LEU A 108 4.40 6.86 -0.63
C LEU A 108 4.39 8.38 -0.48
N GLU A 109 5.58 8.99 -0.59
CA GLU A 109 5.70 10.44 -0.45
C GLU A 109 4.87 11.16 -1.50
N LYS A 110 5.02 10.75 -2.77
CA LYS A 110 4.29 11.36 -3.87
C LYS A 110 2.78 11.25 -3.66
N ALA A 111 2.34 10.07 -3.24
CA ALA A 111 0.92 9.82 -3.00
C ALA A 111 0.36 10.76 -1.94
N TYR A 112 1.14 10.98 -0.88
CA TYR A 112 0.72 11.87 0.21
C TYR A 112 0.51 13.29 -0.28
N GLN A 113 1.39 13.76 -1.17
CA GLN A 113 1.28 15.11 -1.72
C GLN A 113 -0.01 15.28 -2.51
N ILE A 114 -0.34 14.28 -3.33
CA ILE A 114 -1.52 14.34 -4.19
C ILE A 114 -2.79 14.39 -3.32
N LEU A 115 -2.84 13.54 -2.29
CA LEU A 115 -4.01 13.46 -1.41
C LEU A 115 -4.23 14.78 -0.67
N ARG A 116 -3.13 15.34 -0.16
CA ARG A 116 -3.20 16.60 0.59
C ARG A 116 -3.79 17.72 -0.27
N HIS A 117 -3.34 17.79 -1.53
CA HIS A 117 -3.85 18.79 -2.46
C HIS A 117 -5.36 18.64 -2.67
N LEU A 118 -5.80 17.40 -2.85
CA LEU A 118 -7.22 17.11 -3.06
C LEU A 118 -8.03 17.53 -1.83
N ALA A 119 -7.56 17.13 -0.65
CA ALA A 119 -8.23 17.46 0.60
C ALA A 119 -8.32 18.98 0.77
N ALA A 120 -7.19 19.66 0.55
CA ALA A 120 -7.15 21.11 0.67
C ALA A 120 -8.04 21.77 -0.37
N ALA A 121 -8.68 22.87 0.02
CA ALA A 121 -9.57 23.59 -0.88
C ALA A 121 -8.76 24.38 -1.90
N LEU A 1 -7.44 13.33 -12.07
CA LEU A 1 -8.75 13.09 -12.68
C LEU A 1 -8.65 12.05 -13.78
N ALA A 2 -9.11 10.83 -13.48
CA ALA A 2 -9.04 9.71 -14.42
C ALA A 2 -7.60 9.26 -14.65
N ALA A 3 -6.82 10.11 -15.32
CA ALA A 3 -5.42 9.80 -15.61
C ALA A 3 -4.64 9.61 -14.32
N ALA A 4 -4.79 10.57 -13.40
CA ALA A 4 -4.11 10.50 -12.10
C ALA A 4 -4.56 9.26 -11.34
N LEU A 5 -5.88 9.06 -11.26
CA LEU A 5 -6.44 7.89 -10.58
C LEU A 5 -5.93 6.60 -11.20
N ALA A 6 -5.82 6.57 -12.54
CA ALA A 6 -5.31 5.40 -13.23
C ALA A 6 -3.87 5.07 -12.82
N GLU A 7 -3.05 6.10 -12.63
CA GLU A 7 -1.65 5.91 -12.25
C GLU A 7 -1.53 5.26 -10.88
N ILE A 8 -2.32 5.75 -9.93
CA ILE A 8 -2.27 5.24 -8.55
C ILE A 8 -2.73 3.78 -8.50
N TYR A 9 -3.82 3.48 -9.20
CA TYR A 9 -4.39 2.14 -9.21
C TYR A 9 -3.41 1.13 -9.81
N LYS A 10 -2.79 1.50 -10.92
CA LYS A 10 -1.85 0.62 -11.62
C LYS A 10 -0.67 0.28 -10.72
N GLY A 11 -0.12 1.30 -10.05
CA GLY A 11 1.02 1.11 -9.16
C GLY A 11 0.68 0.14 -8.02
N LEU A 12 -0.52 0.28 -7.46
CA LEU A 12 -0.95 -0.58 -6.36
C LEU A 12 -0.95 -2.05 -6.77
N ALA A 13 -1.47 -2.33 -7.97
CA ALA A 13 -1.55 -3.70 -8.46
C ALA A 13 -0.16 -4.32 -8.58
N GLU A 14 0.77 -3.56 -9.14
CA GLU A 14 2.14 -4.04 -9.32
C GLU A 14 2.77 -4.42 -7.98
N TYR A 15 2.58 -3.58 -6.98
CA TYR A 15 3.11 -3.83 -5.64
C TYR A 15 2.56 -5.14 -5.06
N GLN A 16 1.27 -5.40 -5.29
CA GLN A 16 0.62 -6.60 -4.78
C GLN A 16 1.32 -7.86 -5.30
N ALA A 17 1.60 -7.88 -6.61
CA ALA A 17 2.23 -9.04 -7.23
C ALA A 17 3.59 -9.33 -6.60
N ARG A 18 4.40 -8.27 -6.45
CA ARG A 18 5.74 -8.42 -5.87
C ARG A 18 5.65 -8.99 -4.45
N LEU A 19 4.70 -8.50 -3.67
CA LEU A 19 4.45 -9.02 -2.32
C LEU A 19 4.13 -10.51 -2.34
N LYS A 20 3.41 -10.97 -3.38
CA LYS A 20 3.08 -12.39 -3.52
C LYS A 20 4.35 -13.24 -3.55
N SER A 21 5.37 -12.79 -4.30
CA SER A 21 6.64 -13.49 -4.35
C SER A 21 7.26 -13.62 -2.95
N LEU A 22 7.28 -12.51 -2.22
CA LEU A 22 7.72 -12.52 -0.81
C LEU A 22 6.83 -13.39 0.10
N GLU A 23 5.58 -13.61 -0.31
CA GLU A 23 4.53 -14.14 0.57
C GLU A 23 4.76 -15.58 1.03
N GLY A 24 5.87 -16.22 0.65
CA GLY A 24 6.15 -17.61 1.06
C GLY A 24 6.56 -17.78 2.53
N ILE A 25 6.10 -16.93 3.44
CA ILE A 25 6.35 -17.09 4.87
C ILE A 25 5.40 -18.16 5.43
N SER A 26 5.79 -18.79 6.55
CA SER A 26 5.07 -19.94 7.08
C SER A 26 3.64 -19.59 7.52
N PRO A 27 2.70 -20.53 7.49
CA PRO A 27 1.30 -20.25 7.94
C PRO A 27 1.25 -19.64 9.35
N GLU A 28 2.13 -20.12 10.22
CA GLU A 28 2.16 -19.67 11.62
C GLU A 28 2.22 -18.14 11.73
N LEU A 29 2.97 -17.53 10.83
CA LEU A 29 3.06 -16.07 10.77
C LEU A 29 1.86 -15.54 10.00
N GLY A 30 0.67 -15.89 10.48
CA GLY A 30 -0.57 -15.61 9.76
C GLY A 30 -1.07 -14.19 10.02
N PRO A 31 -1.65 -13.89 11.18
CA PRO A 31 -2.35 -12.59 11.42
C PRO A 31 -1.56 -11.36 10.96
N ALA A 32 -0.24 -11.45 10.99
CA ALA A 32 0.61 -10.32 10.61
C ALA A 32 0.40 -9.93 9.15
N LEU A 33 0.89 -10.76 8.22
CA LEU A 33 0.76 -10.48 6.79
C LEU A 33 -0.69 -10.62 6.29
N ASP A 34 -1.47 -11.49 6.93
CA ASP A 34 -2.90 -11.64 6.60
C ASP A 34 -3.63 -10.31 6.76
N ALA A 35 -3.33 -9.59 7.84
CA ALA A 35 -3.95 -8.28 8.09
C ALA A 35 -3.50 -7.25 7.08
N LEU A 36 -2.18 -7.22 6.81
CA LEU A 36 -1.62 -6.27 5.84
C LEU A 36 -2.25 -6.47 4.46
N ARG A 37 -2.06 -7.67 3.92
CA ARG A 37 -2.58 -8.03 2.60
C ARG A 37 -4.07 -7.74 2.47
N LEU A 38 -4.84 -8.16 3.47
CA LEU A 38 -6.30 -7.97 3.45
C LEU A 38 -6.65 -6.49 3.36
N ASP A 39 -5.90 -5.64 4.06
CA ASP A 39 -6.12 -4.19 4.00
C ASP A 39 -5.87 -3.65 2.59
N MET A 40 -4.83 -4.16 1.93
CA MET A 40 -4.50 -3.73 0.57
C MET A 40 -5.61 -4.11 -0.41
N ALA A 41 -6.18 -5.30 -0.25
CA ALA A 41 -7.23 -5.78 -1.15
C ALA A 41 -8.51 -4.96 -0.99
N ASP A 42 -8.86 -4.63 0.25
CA ASP A 42 -10.05 -3.83 0.54
C ASP A 42 -9.91 -2.42 -0.03
N PHE A 43 -8.73 -1.83 0.14
CA PHE A 43 -8.46 -0.49 -0.35
C PHE A 43 -8.57 -0.43 -1.87
N ALA A 44 -8.01 -1.43 -2.54
CA ALA A 44 -8.05 -1.50 -4.00
C ALA A 44 -9.49 -1.60 -4.51
N THR A 45 -10.29 -2.43 -3.86
CA THR A 45 -11.68 -2.62 -4.23
C THR A 45 -12.46 -1.30 -4.14
N THR A 46 -12.23 -0.56 -3.05
CA THR A 46 -12.89 0.72 -2.85
C THR A 46 -12.56 1.69 -3.97
N MET A 47 -11.28 1.74 -4.35
CA MET A 47 -10.82 2.63 -5.41
C MET A 47 -11.53 2.30 -6.73
N ALA A 48 -11.68 1.02 -7.03
CA ALA A 48 -12.36 0.58 -8.26
C ALA A 48 -13.80 1.08 -8.29
N GLN A 49 -14.49 0.96 -7.16
CA GLN A 49 -15.89 1.40 -7.07
C GLN A 49 -16.01 2.89 -7.37
N ALA A 50 -15.10 3.68 -6.81
CA ALA A 50 -15.12 5.13 -7.01
C ALA A 50 -14.95 5.48 -8.48
N MET A 51 -14.02 4.79 -9.15
CA MET A 51 -13.77 5.02 -10.57
C MET A 51 -15.03 4.77 -11.39
N GLU A 52 -15.73 3.68 -11.09
CA GLU A 52 -16.95 3.33 -11.80
C GLU A 52 -17.99 4.44 -11.69
N GLU A 53 -18.15 4.98 -10.48
CA GLU A 53 -19.12 6.05 -10.24
C GLU A 53 -18.77 7.28 -11.06
N GLY A 54 -17.48 7.66 -11.05
CA GLY A 54 -17.02 8.82 -11.80
C GLY A 54 -17.67 10.10 -11.30
N LEU A 55 -17.53 10.37 -10.01
CA LEU A 55 -18.11 11.55 -9.40
C LEU A 55 -17.11 12.70 -9.41
N ASP A 56 -17.62 13.93 -9.37
CA ASP A 56 -16.77 15.12 -9.37
C ASP A 56 -15.84 15.12 -8.16
N SER A 57 -16.40 14.81 -6.98
CA SER A 57 -15.62 14.79 -5.75
C SER A 57 -16.05 13.60 -4.89
N LEU A 58 -15.09 13.01 -4.18
CA LEU A 58 -15.36 11.87 -3.32
C LEU A 58 -15.79 12.33 -1.92
N PRO A 59 -16.58 11.56 -1.19
CA PRO A 59 -17.07 11.98 0.16
C PRO A 59 -15.92 12.37 1.09
N GLN A 60 -16.19 13.35 1.95
CA GLN A 60 -15.20 13.79 2.94
C GLN A 60 -14.76 12.63 3.83
N SER A 61 -15.74 11.84 4.26
CA SER A 61 -15.45 10.64 5.07
C SER A 61 -14.47 9.71 4.36
N PHE A 62 -14.56 9.62 3.03
CA PHE A 62 -13.65 8.78 2.25
C PHE A 62 -12.21 9.31 2.31
N LEU A 63 -12.07 10.65 2.26
CA LEU A 63 -10.75 11.27 2.34
C LEU A 63 -10.05 10.90 3.65
N LEU A 64 -10.75 11.06 4.77
CA LEU A 64 -10.18 10.80 6.08
C LEU A 64 -9.89 9.30 6.26
N LYS A 65 -10.83 8.47 5.86
CA LYS A 65 -10.69 7.02 6.00
C LYS A 65 -9.47 6.51 5.25
N ALA A 66 -9.29 7.01 4.02
CA ALA A 66 -8.17 6.59 3.18
C ALA A 66 -6.84 7.00 3.81
N LEU A 67 -6.78 8.22 4.34
CA LEU A 67 -5.56 8.74 4.96
C LEU A 67 -5.08 7.83 6.08
N GLU A 68 -5.91 7.66 7.10
CA GLU A 68 -5.58 6.80 8.25
C GLU A 68 -5.23 5.37 7.80
N GLN A 69 -5.88 4.88 6.75
CA GLN A 69 -5.58 3.55 6.23
C GLN A 69 -4.14 3.45 5.77
N ILE A 70 -3.66 4.48 5.07
CA ILE A 70 -2.27 4.53 4.61
C ILE A 70 -1.31 4.55 5.81
N ARG A 71 -1.66 5.28 6.87
CA ARG A 71 -0.82 5.37 8.06
C ARG A 71 -0.71 4.01 8.76
N LYS A 72 -1.81 3.26 8.80
CA LYS A 72 -1.84 1.97 9.48
C LYS A 72 -1.01 0.94 8.74
N ILE A 73 -1.14 0.92 7.41
CA ILE A 73 -0.42 -0.05 6.58
C ILE A 73 1.08 0.30 6.51
N GLN A 74 1.41 1.59 6.50
CA GLN A 74 2.80 2.03 6.42
C GLN A 74 3.56 1.74 7.71
N ALA A 75 2.91 1.99 8.84
CA ALA A 75 3.52 1.74 10.15
C ALA A 75 3.74 0.24 10.34
N ASP A 76 2.70 -0.53 10.06
CA ASP A 76 2.78 -1.99 10.15
C ASP A 76 3.83 -2.56 9.20
N ALA A 77 3.94 -1.97 8.01
CA ALA A 77 4.90 -2.42 7.00
C ALA A 77 6.34 -2.15 7.45
N ALA A 78 6.56 -1.01 8.11
CA ALA A 78 7.90 -0.65 8.58
C ALA A 78 8.37 -1.61 9.67
N ALA A 79 7.48 -1.91 10.61
CA ALA A 79 7.81 -2.81 11.72
C ALA A 79 8.06 -4.23 11.21
N LEU A 80 7.19 -4.69 10.29
CA LEU A 80 7.31 -6.02 9.72
C LEU A 80 8.61 -6.18 8.94
N ARG A 81 8.96 -5.15 8.17
CA ARG A 81 10.20 -5.16 7.39
C ARG A 81 11.41 -5.31 8.30
N GLU A 82 11.42 -4.56 9.41
CA GLU A 82 12.50 -4.64 10.39
C GLU A 82 12.62 -6.05 10.98
N LYS A 83 11.47 -6.68 11.26
CA LYS A 83 11.45 -8.03 11.81
C LYS A 83 12.01 -9.05 10.82
N LEU A 84 11.71 -8.89 9.53
CA LEU A 84 12.16 -9.82 8.51
C LEU A 84 13.67 -9.77 8.33
N ALA A 85 14.22 -8.57 8.32
CA ALA A 85 15.66 -8.38 8.10
C ALA A 85 16.45 -8.90 9.29
N ALA A 86 16.01 -8.53 10.50
CA ALA A 86 16.67 -8.95 11.72
C ALA A 86 16.67 -10.47 11.85
N THR A 87 15.52 -11.08 11.57
CA THR A 87 15.37 -12.52 11.65
C THR A 87 16.34 -13.22 10.70
N TYR A 88 16.44 -12.70 9.48
CA TYR A 88 17.33 -13.27 8.47
C TYR A 88 17.94 -12.17 7.60
N LYS A 89 19.09 -11.66 8.04
CA LYS A 89 19.80 -10.62 7.30
C LYS A 89 20.88 -11.24 6.42
N GLY A 90 21.25 -10.53 5.36
CA GLY A 90 22.28 -11.01 4.44
C GLY A 90 21.66 -11.76 3.25
N ASN A 91 20.62 -12.55 3.52
CA ASN A 91 19.97 -13.34 2.49
C ASN A 91 19.44 -12.44 1.36
N ASP A 92 19.34 -13.02 0.16
CA ASP A 92 18.87 -12.27 -1.01
C ASP A 92 17.42 -11.82 -0.84
N ARG A 93 16.59 -12.68 -0.26
CA ARG A 93 15.17 -12.37 -0.08
C ARG A 93 14.99 -11.13 0.81
N ALA A 94 15.73 -11.09 1.92
CA ALA A 94 15.63 -9.99 2.88
C ALA A 94 16.04 -8.68 2.22
N ALA A 95 17.21 -8.68 1.59
CA ALA A 95 17.75 -7.47 0.97
C ALA A 95 16.79 -6.91 -0.08
N ALA A 96 16.22 -7.80 -0.89
CA ALA A 96 15.30 -7.40 -1.95
C ALA A 96 14.09 -6.68 -1.38
N ALA A 97 13.53 -7.25 -0.30
CA ALA A 97 12.38 -6.64 0.37
C ALA A 97 12.66 -5.19 0.79
N VAL A 98 13.88 -4.96 1.28
CA VAL A 98 14.29 -3.60 1.66
C VAL A 98 14.25 -2.68 0.44
N GLU A 99 14.77 -3.16 -0.69
CA GLU A 99 14.78 -2.38 -1.92
C GLU A 99 13.36 -2.01 -2.34
N ILE A 100 12.45 -2.97 -2.29
CA ILE A 100 11.05 -2.74 -2.64
C ILE A 100 10.45 -1.70 -1.69
N ALA A 101 10.70 -1.86 -0.39
CA ALA A 101 10.18 -0.93 0.61
C ALA A 101 10.63 0.50 0.33
N ALA A 102 11.91 0.66 -0.02
CA ALA A 102 12.46 1.98 -0.31
C ALA A 102 11.72 2.61 -1.49
N GLN A 103 11.53 1.84 -2.55
CA GLN A 103 10.82 2.31 -3.73
C GLN A 103 9.39 2.71 -3.38
N LEU A 104 8.71 1.86 -2.62
CA LEU A 104 7.34 2.13 -2.20
C LEU A 104 7.24 3.44 -1.42
N GLU A 105 8.21 3.68 -0.53
CA GLU A 105 8.21 4.90 0.28
C GLU A 105 8.25 6.14 -0.61
N ALA A 106 9.12 6.11 -1.62
CA ALA A 106 9.25 7.23 -2.55
C ALA A 106 7.93 7.45 -3.29
N PHE A 107 7.41 6.39 -3.91
CA PHE A 107 6.13 6.45 -4.61
C PHE A 107 5.01 6.90 -3.68
N LEU A 108 5.03 6.42 -2.45
CA LEU A 108 4.02 6.80 -1.45
C LEU A 108 4.08 8.30 -1.14
N GLU A 109 5.29 8.86 -1.10
CA GLU A 109 5.46 10.28 -0.82
C GLU A 109 4.81 11.14 -1.90
N LYS A 110 5.09 10.81 -3.16
CA LYS A 110 4.56 11.57 -4.28
C LYS A 110 3.04 11.49 -4.31
N ALA A 111 2.51 10.28 -4.16
CA ALA A 111 1.07 10.05 -4.18
C ALA A 111 0.37 10.81 -3.05
N TYR A 112 0.99 10.81 -1.87
CA TYR A 112 0.43 11.51 -0.72
C TYR A 112 0.28 13.00 -1.00
N GLN A 113 1.28 13.59 -1.64
CA GLN A 113 1.24 15.01 -1.99
C GLN A 113 0.05 15.30 -2.92
N ILE A 114 -0.15 14.43 -3.91
CA ILE A 114 -1.25 14.59 -4.85
C ILE A 114 -2.60 14.50 -4.14
N LEU A 115 -2.72 13.59 -3.18
CA LEU A 115 -3.98 13.36 -2.47
C LEU A 115 -4.40 14.62 -1.69
N ARG A 116 -3.59 15.00 -0.71
CA ARG A 116 -3.88 16.16 0.14
C ARG A 116 -4.10 17.42 -0.69
N HIS A 117 -3.28 17.61 -1.72
CA HIS A 117 -3.40 18.77 -2.60
C HIS A 117 -4.76 18.80 -3.28
N LEU A 118 -5.21 17.65 -3.77
CA LEU A 118 -6.49 17.55 -4.44
C LEU A 118 -7.64 17.86 -3.48
N ALA A 119 -7.58 17.27 -2.29
CA ALA A 119 -8.60 17.51 -1.27
C ALA A 119 -8.65 18.98 -0.88
N ALA A 120 -7.47 19.57 -0.66
CA ALA A 120 -7.38 20.98 -0.31
C ALA A 120 -7.94 21.85 -1.43
N ALA A 121 -8.59 22.94 -1.04
CA ALA A 121 -9.19 23.87 -2.01
C ALA A 121 -8.10 24.66 -2.72
N LEU A 1 -8.18 13.21 -11.54
CA LEU A 1 -8.68 12.87 -12.87
C LEU A 1 -8.54 11.37 -13.12
N ALA A 2 -9.01 10.95 -14.30
CA ALA A 2 -8.91 9.55 -14.69
C ALA A 2 -7.45 9.11 -14.75
N ALA A 3 -6.61 9.94 -15.36
CA ALA A 3 -5.18 9.65 -15.47
C ALA A 3 -4.55 9.49 -14.10
N ALA A 4 -4.88 10.41 -13.20
CA ALA A 4 -4.35 10.38 -11.84
C ALA A 4 -4.84 9.13 -11.10
N LEU A 5 -6.14 8.93 -11.11
CA LEU A 5 -6.74 7.76 -10.46
C LEU A 5 -6.20 6.46 -11.05
N ALA A 6 -6.07 6.41 -12.38
CA ALA A 6 -5.56 5.22 -13.06
C ALA A 6 -4.13 4.90 -12.62
N GLU A 7 -3.31 5.92 -12.45
CA GLU A 7 -1.92 5.74 -12.05
C GLU A 7 -1.83 5.15 -10.65
N ILE A 8 -2.65 5.64 -9.74
CA ILE A 8 -2.65 5.17 -8.35
C ILE A 8 -3.07 3.69 -8.30
N TYR A 9 -4.11 3.34 -9.07
CA TYR A 9 -4.62 1.98 -9.08
C TYR A 9 -3.58 1.00 -9.63
N LYS A 10 -2.87 1.41 -10.68
CA LYS A 10 -1.84 0.57 -11.29
C LYS A 10 -0.71 0.28 -10.32
N GLY A 11 -0.28 1.32 -9.60
CA GLY A 11 0.80 1.18 -8.61
C GLY A 11 0.40 0.22 -7.50
N LEU A 12 -0.84 0.33 -7.03
CA LEU A 12 -1.35 -0.54 -5.97
C LEU A 12 -1.37 -2.00 -6.42
N ALA A 13 -1.78 -2.23 -7.67
CA ALA A 13 -1.85 -3.59 -8.20
C ALA A 13 -0.46 -4.25 -8.26
N GLU A 14 0.54 -3.47 -8.69
CA GLU A 14 1.91 -3.98 -8.80
C GLU A 14 2.46 -4.35 -7.43
N TYR A 15 2.22 -3.49 -6.45
CA TYR A 15 2.69 -3.73 -5.08
C TYR A 15 2.00 -4.96 -4.45
N GLN A 16 0.71 -5.13 -4.75
CA GLN A 16 -0.05 -6.26 -4.21
C GLN A 16 0.48 -7.59 -4.74
N ALA A 17 0.79 -7.64 -6.03
CA ALA A 17 1.29 -8.85 -6.65
C ALA A 17 2.64 -9.25 -6.06
N ARG A 18 3.53 -8.26 -5.93
CA ARG A 18 4.86 -8.50 -5.37
C ARG A 18 4.77 -9.02 -3.95
N LEU A 19 3.90 -8.41 -3.15
CA LEU A 19 3.70 -8.83 -1.77
C LEU A 19 3.24 -10.28 -1.69
N LYS A 20 2.33 -10.67 -2.58
CA LYS A 20 1.80 -12.02 -2.60
C LYS A 20 2.93 -13.05 -2.77
N SER A 21 3.77 -12.83 -3.77
CA SER A 21 4.91 -13.73 -4.02
C SER A 21 5.82 -13.82 -2.79
N LEU A 22 6.04 -12.70 -2.12
CA LEU A 22 6.90 -12.65 -0.94
C LEU A 22 6.38 -13.52 0.22
N GLU A 23 5.06 -13.80 0.25
CA GLU A 23 4.47 -14.58 1.34
C GLU A 23 4.94 -16.04 1.39
N GLY A 24 5.81 -16.46 0.47
CA GLY A 24 6.33 -17.84 0.46
C GLY A 24 7.08 -18.23 1.74
N ILE A 25 7.35 -17.27 2.63
CA ILE A 25 8.08 -17.58 3.88
C ILE A 25 7.31 -18.59 4.70
N SER A 26 7.90 -19.01 5.83
CA SER A 26 7.34 -20.09 6.64
C SER A 26 5.91 -19.76 7.09
N PRO A 27 5.05 -20.76 7.26
CA PRO A 27 3.62 -20.49 7.64
C PRO A 27 3.50 -19.74 8.96
N GLU A 28 4.40 -20.02 9.90
CA GLU A 28 4.42 -19.34 11.19
C GLU A 28 4.49 -17.81 11.03
N LEU A 29 5.20 -17.34 10.01
CA LEU A 29 5.38 -15.91 9.77
C LEU A 29 4.34 -15.34 8.81
N GLY A 30 3.88 -16.15 7.86
CA GLY A 30 2.97 -15.71 6.79
C GLY A 30 1.82 -14.81 7.29
N PRO A 31 1.06 -15.20 8.30
CA PRO A 31 -0.11 -14.38 8.78
C PRO A 31 0.17 -12.88 8.87
N ALA A 32 1.39 -12.52 9.26
CA ALA A 32 1.77 -11.12 9.35
C ALA A 32 1.68 -10.45 7.98
N LEU A 33 2.31 -11.09 7.00
CA LEU A 33 2.30 -10.59 5.62
C LEU A 33 0.88 -10.54 5.06
N ASP A 34 0.06 -11.53 5.40
CA ASP A 34 -1.31 -11.60 4.90
C ASP A 34 -2.14 -10.39 5.37
N ALA A 35 -1.95 -10.00 6.64
CA ALA A 35 -2.67 -8.87 7.21
C ALA A 35 -2.34 -7.58 6.44
N LEU A 36 -1.06 -7.36 6.21
CA LEU A 36 -0.60 -6.16 5.51
C LEU A 36 -1.20 -6.10 4.10
N ARG A 37 -1.16 -7.24 3.40
CA ARG A 37 -1.69 -7.33 2.04
C ARG A 37 -3.20 -7.08 1.99
N LEU A 38 -3.92 -7.50 3.02
CA LEU A 38 -5.36 -7.29 3.09
C LEU A 38 -5.69 -5.80 3.18
N ASP A 39 -4.92 -5.06 3.97
CA ASP A 39 -5.14 -3.62 4.13
C ASP A 39 -4.98 -2.90 2.79
N MET A 40 -3.86 -3.16 2.12
CA MET A 40 -3.56 -2.51 0.85
C MET A 40 -4.61 -2.88 -0.20
N ALA A 41 -4.96 -4.15 -0.27
CA ALA A 41 -5.96 -4.64 -1.23
C ALA A 41 -7.31 -3.97 -1.02
N ASP A 42 -7.68 -3.73 0.25
CA ASP A 42 -8.94 -3.07 0.57
C ASP A 42 -8.99 -1.66 0.00
N PHE A 43 -7.87 -0.92 0.13
CA PHE A 43 -7.78 0.44 -0.38
C PHE A 43 -7.98 0.47 -1.88
N ALA A 44 -7.30 -0.44 -2.58
CA ALA A 44 -7.36 -0.50 -4.04
C ALA A 44 -8.77 -0.84 -4.51
N THR A 45 -9.41 -1.81 -3.84
CA THR A 45 -10.75 -2.24 -4.20
C THR A 45 -11.74 -1.07 -4.09
N THR A 46 -11.62 -0.30 -3.01
CA THR A 46 -12.49 0.86 -2.80
C THR A 46 -12.37 1.85 -3.96
N MET A 47 -11.14 2.08 -4.41
CA MET A 47 -10.90 2.95 -5.55
C MET A 47 -11.63 2.46 -6.80
N ALA A 48 -11.62 1.13 -7.02
CA ALA A 48 -12.29 0.54 -8.16
C ALA A 48 -13.78 0.85 -8.16
N GLN A 49 -14.41 0.71 -6.99
CA GLN A 49 -15.84 0.97 -6.85
C GLN A 49 -16.17 2.42 -7.18
N ALA A 50 -15.33 3.34 -6.69
CA ALA A 50 -15.54 4.77 -6.93
C ALA A 50 -15.51 5.08 -8.42
N MET A 51 -14.55 4.49 -9.13
CA MET A 51 -14.41 4.72 -10.56
C MET A 51 -15.65 4.25 -11.32
N GLU A 52 -16.17 3.09 -10.95
CA GLU A 52 -17.35 2.52 -11.59
C GLU A 52 -18.54 3.46 -11.46
N GLU A 53 -18.73 4.02 -10.26
CA GLU A 53 -19.84 4.94 -10.00
C GLU A 53 -19.70 6.19 -10.86
N GLY A 54 -18.49 6.76 -10.89
CA GLY A 54 -18.23 7.96 -11.68
C GLY A 54 -18.44 9.21 -10.84
N LEU A 55 -17.42 10.07 -10.80
CA LEU A 55 -17.49 11.31 -10.03
C LEU A 55 -16.26 12.17 -10.29
N ASP A 56 -16.41 13.47 -10.09
CA ASP A 56 -15.30 14.42 -10.30
C ASP A 56 -14.57 14.67 -8.99
N SER A 57 -15.28 15.27 -8.03
CA SER A 57 -14.70 15.57 -6.73
C SER A 57 -14.99 14.43 -5.74
N LEU A 58 -13.99 14.10 -4.92
CA LEU A 58 -14.13 13.03 -3.94
C LEU A 58 -14.88 13.54 -2.70
N PRO A 59 -15.58 12.69 -1.97
CA PRO A 59 -16.33 13.15 -0.75
C PRO A 59 -15.44 13.24 0.48
N GLN A 60 -15.89 14.00 1.47
CA GLN A 60 -15.15 14.17 2.72
C GLN A 60 -14.89 12.82 3.41
N SER A 61 -15.85 11.91 3.33
CA SER A 61 -15.71 10.58 3.93
C SER A 61 -14.55 9.81 3.31
N PHE A 62 -14.40 9.91 1.99
CA PHE A 62 -13.34 9.20 1.28
C PHE A 62 -11.96 9.73 1.65
N LEU A 63 -11.85 11.06 1.74
CA LEU A 63 -10.56 11.69 2.03
C LEU A 63 -10.11 11.42 3.46
N LEU A 64 -11.05 11.49 4.40
CA LEU A 64 -10.74 11.29 5.81
C LEU A 64 -10.30 9.85 6.06
N LYS A 65 -11.13 8.91 5.61
CA LYS A 65 -10.83 7.49 5.73
C LYS A 65 -9.50 7.13 5.07
N ALA A 66 -9.21 7.76 3.93
CA ALA A 66 -7.97 7.51 3.20
C ALA A 66 -6.75 7.98 4.00
N LEU A 67 -6.88 9.12 4.68
CA LEU A 67 -5.77 9.69 5.44
C LEU A 67 -5.38 8.79 6.61
N GLU A 68 -6.38 8.35 7.38
CA GLU A 68 -6.12 7.51 8.55
C GLU A 68 -5.69 6.10 8.15
N GLN A 69 -6.31 5.56 7.11
CA GLN A 69 -6.04 4.20 6.65
C GLN A 69 -4.61 4.09 6.12
N ILE A 70 -4.25 4.95 5.17
CA ILE A 70 -2.91 4.91 4.56
C ILE A 70 -1.82 5.06 5.62
N ARG A 71 -2.04 5.93 6.60
CA ARG A 71 -1.10 6.09 7.71
C ARG A 71 -0.93 4.78 8.47
N LYS A 72 -2.04 4.07 8.70
CA LYS A 72 -2.01 2.78 9.38
C LYS A 72 -1.16 1.77 8.60
N ILE A 73 -1.31 1.77 7.27
CA ILE A 73 -0.58 0.83 6.41
C ILE A 73 0.93 1.11 6.48
N GLN A 74 1.30 2.40 6.48
CA GLN A 74 2.71 2.79 6.53
C GLN A 74 3.36 2.34 7.85
N ALA A 75 2.63 2.49 8.95
CA ALA A 75 3.14 2.09 10.26
C ALA A 75 3.34 0.57 10.33
N ASP A 76 2.39 -0.18 9.79
CA ASP A 76 2.47 -1.64 9.76
C ASP A 76 3.63 -2.12 8.89
N ALA A 77 3.90 -1.42 7.79
CA ALA A 77 4.99 -1.79 6.89
C ALA A 77 6.36 -1.56 7.55
N ALA A 78 6.50 -0.46 8.27
CA ALA A 78 7.75 -0.13 8.94
C ALA A 78 8.09 -1.20 9.98
N ALA A 79 7.11 -1.52 10.83
CA ALA A 79 7.29 -2.54 11.86
C ALA A 79 7.60 -3.90 11.24
N LEU A 80 6.89 -4.23 10.16
CA LEU A 80 7.12 -5.48 9.44
C LEU A 80 8.56 -5.58 8.93
N ARG A 81 9.10 -4.47 8.44
CA ARG A 81 10.47 -4.44 7.92
C ARG A 81 11.48 -4.76 9.01
N GLU A 82 11.28 -4.18 10.19
CA GLU A 82 12.18 -4.41 11.32
C GLU A 82 12.18 -5.88 11.74
N LYS A 83 10.99 -6.46 11.83
CA LYS A 83 10.84 -7.84 12.26
C LYS A 83 11.42 -8.82 11.23
N LEU A 84 11.21 -8.53 9.95
CA LEU A 84 11.69 -9.40 8.88
C LEU A 84 13.22 -9.43 8.81
N ALA A 85 13.82 -8.25 8.93
CA ALA A 85 15.27 -8.14 8.89
C ALA A 85 15.91 -8.91 10.04
N ALA A 86 15.37 -8.74 11.24
CA ALA A 86 15.87 -9.44 12.43
C ALA A 86 15.77 -10.95 12.24
N THR A 87 14.64 -11.40 11.70
CA THR A 87 14.42 -12.84 11.49
C THR A 87 15.35 -13.37 10.41
N TYR A 88 15.47 -12.63 9.31
CA TYR A 88 16.32 -13.03 8.19
C TYR A 88 17.01 -11.82 7.58
N LYS A 89 18.31 -11.95 7.33
CA LYS A 89 19.08 -10.86 6.73
C LYS A 89 20.26 -11.43 5.94
N GLY A 90 20.65 -10.73 4.88
CA GLY A 90 21.77 -11.16 4.04
C GLY A 90 21.28 -11.98 2.85
N ASN A 91 20.33 -12.88 3.10
CA ASN A 91 19.80 -13.74 2.04
C ASN A 91 19.18 -12.91 0.93
N ASP A 92 18.99 -13.53 -0.23
CA ASP A 92 18.44 -12.85 -1.39
C ASP A 92 16.97 -12.46 -1.17
N ARG A 93 16.20 -13.39 -0.58
CA ARG A 93 14.78 -13.15 -0.34
C ARG A 93 14.57 -11.98 0.61
N ALA A 94 15.27 -11.99 1.73
CA ALA A 94 15.16 -10.93 2.74
C ALA A 94 15.52 -9.58 2.14
N ALA A 95 16.63 -9.54 1.39
CA ALA A 95 17.07 -8.31 0.75
C ALA A 95 16.00 -7.75 -0.19
N ALA A 96 15.33 -8.64 -0.93
CA ALA A 96 14.28 -8.24 -1.85
C ALA A 96 13.16 -7.50 -1.13
N ALA A 97 12.74 -8.05 0.01
CA ALA A 97 11.68 -7.43 0.80
C ALA A 97 12.05 -6.01 1.22
N VAL A 98 13.30 -5.82 1.62
CA VAL A 98 13.79 -4.49 2.01
C VAL A 98 13.65 -3.51 0.85
N GLU A 99 14.04 -3.95 -0.35
CA GLU A 99 13.99 -3.11 -1.53
C GLU A 99 12.55 -2.67 -1.83
N ILE A 100 11.63 -3.63 -1.78
CA ILE A 100 10.22 -3.35 -2.04
C ILE A 100 9.69 -2.34 -1.00
N ALA A 101 10.03 -2.56 0.27
CA ALA A 101 9.59 -1.68 1.34
C ALA A 101 10.08 -0.25 1.10
N ALA A 102 11.35 -0.13 0.71
CA ALA A 102 11.95 1.18 0.45
C ALA A 102 11.20 1.89 -0.67
N GLN A 103 10.95 1.17 -1.75
CA GLN A 103 10.23 1.72 -2.90
C GLN A 103 8.83 2.18 -2.50
N LEU A 104 8.14 1.34 -1.72
CA LEU A 104 6.79 1.65 -1.25
C LEU A 104 6.76 2.97 -0.47
N GLU A 105 7.78 3.18 0.38
CA GLU A 105 7.84 4.38 1.21
C GLU A 105 7.85 5.64 0.35
N ALA A 106 8.69 5.65 -0.68
CA ALA A 106 8.80 6.79 -1.58
C ALA A 106 7.49 7.01 -2.32
N PHE A 107 6.99 5.95 -2.95
CA PHE A 107 5.74 6.02 -3.70
C PHE A 107 4.59 6.46 -2.79
N LEU A 108 4.56 5.93 -1.56
CA LEU A 108 3.53 6.29 -0.59
C LEU A 108 3.51 7.80 -0.34
N GLU A 109 4.70 8.40 -0.23
CA GLU A 109 4.82 9.83 0.02
C GLU A 109 4.19 10.63 -1.12
N LYS A 110 4.49 10.24 -2.35
CA LYS A 110 3.96 10.92 -3.53
C LYS A 110 2.43 10.89 -3.53
N ALA A 111 1.87 9.71 -3.23
CA ALA A 111 0.42 9.54 -3.19
C ALA A 111 -0.21 10.48 -2.18
N TYR A 112 0.40 10.56 -1.00
CA TYR A 112 -0.11 11.42 0.07
C TYR A 112 -0.20 12.89 -0.39
N GLN A 113 0.81 13.33 -1.15
CA GLN A 113 0.79 14.67 -1.71
C GLN A 113 -0.43 14.87 -2.62
N ILE A 114 -0.77 13.86 -3.41
CA ILE A 114 -1.93 13.92 -4.30
C ILE A 114 -3.21 14.15 -3.46
N LEU A 115 -3.35 13.42 -2.36
CA LEU A 115 -4.54 13.52 -1.53
C LEU A 115 -4.72 14.95 -1.01
N ARG A 116 -3.79 15.38 -0.14
CA ARG A 116 -3.89 16.71 0.48
C ARG A 116 -4.03 17.82 -0.56
N HIS A 117 -3.29 17.71 -1.65
CA HIS A 117 -3.32 18.71 -2.71
C HIS A 117 -4.72 18.84 -3.30
N LEU A 118 -5.36 17.69 -3.55
CA LEU A 118 -6.70 17.67 -4.12
C LEU A 118 -7.70 18.36 -3.19
N ALA A 119 -7.62 18.03 -1.90
CA ALA A 119 -8.51 18.63 -0.90
C ALA A 119 -8.32 20.14 -0.85
N ALA A 120 -7.07 20.58 -0.82
CA ALA A 120 -6.75 22.01 -0.80
C ALA A 120 -7.30 22.71 -2.04
N ALA A 121 -7.06 22.10 -3.20
CA ALA A 121 -7.54 22.65 -4.47
C ALA A 121 -7.54 21.59 -5.56
N LEU A 1 -9.16 14.45 -14.45
CA LEU A 1 -8.35 13.50 -13.69
C LEU A 1 -8.53 12.09 -14.21
N ALA A 2 -7.52 11.57 -14.91
CA ALA A 2 -7.58 10.23 -15.47
C ALA A 2 -6.19 9.59 -15.46
N ALA A 3 -5.20 10.34 -15.93
CA ALA A 3 -3.83 9.84 -15.99
C ALA A 3 -3.25 9.58 -14.60
N ALA A 4 -3.59 10.46 -13.64
CA ALA A 4 -3.09 10.32 -12.27
C ALA A 4 -3.67 9.08 -11.61
N LEU A 5 -4.99 8.93 -11.71
CA LEU A 5 -5.68 7.77 -11.15
C LEU A 5 -5.15 6.47 -11.73
N ALA A 6 -4.87 6.47 -13.03
CA ALA A 6 -4.35 5.29 -13.72
C ALA A 6 -2.99 4.89 -13.15
N GLU A 7 -2.14 5.86 -12.89
CA GLU A 7 -0.81 5.60 -12.34
C GLU A 7 -0.90 4.93 -10.98
N ILE A 8 -1.80 5.41 -10.14
CA ILE A 8 -1.96 4.86 -8.79
C ILE A 8 -2.42 3.40 -8.87
N TYR A 9 -3.37 3.13 -9.75
CA TYR A 9 -3.92 1.77 -9.89
C TYR A 9 -2.84 0.79 -10.36
N LYS A 10 -2.03 1.22 -11.32
CA LYS A 10 -0.96 0.37 -11.85
C LYS A 10 0.06 0.02 -10.78
N GLY A 11 0.40 1.01 -9.93
CA GLY A 11 1.34 0.80 -8.84
C GLY A 11 0.83 -0.24 -7.85
N LEU A 12 -0.46 -0.15 -7.52
CA LEU A 12 -1.08 -1.10 -6.59
C LEU A 12 -0.99 -2.53 -7.12
N ALA A 13 -1.23 -2.71 -8.42
CA ALA A 13 -1.18 -4.03 -9.03
C ALA A 13 0.22 -4.63 -8.92
N GLU A 14 1.24 -3.82 -9.20
CA GLU A 14 2.63 -4.27 -9.13
C GLU A 14 2.98 -4.70 -7.71
N TYR A 15 2.52 -3.95 -6.72
CA TYR A 15 2.78 -4.27 -5.32
C TYR A 15 2.11 -5.58 -4.92
N GLN A 16 0.92 -5.84 -5.44
CA GLN A 16 0.18 -7.08 -5.13
C GLN A 16 0.96 -8.31 -5.60
N ALA A 17 1.51 -8.23 -6.81
CA ALA A 17 2.25 -9.36 -7.38
C ALA A 17 3.51 -9.64 -6.56
N ARG A 18 4.29 -8.60 -6.31
CA ARG A 18 5.53 -8.74 -5.55
C ARG A 18 5.26 -9.27 -4.15
N LEU A 19 4.19 -8.79 -3.51
CA LEU A 19 3.81 -9.24 -2.18
C LEU A 19 3.49 -10.73 -2.17
N LYS A 20 2.78 -11.20 -3.20
CA LYS A 20 2.41 -12.60 -3.30
C LYS A 20 3.64 -13.50 -3.29
N SER A 21 4.67 -13.10 -4.03
CA SER A 21 5.92 -13.86 -4.05
C SER A 21 6.58 -13.88 -2.67
N LEU A 22 6.59 -12.73 -2.01
CA LEU A 22 7.16 -12.63 -0.67
C LEU A 22 6.23 -13.15 0.44
N GLU A 23 5.00 -13.54 0.10
CA GLU A 23 4.04 -14.03 1.09
C GLU A 23 4.27 -15.50 1.48
N GLY A 24 5.45 -16.06 1.20
CA GLY A 24 5.75 -17.45 1.55
C GLY A 24 6.37 -17.56 2.95
N ILE A 25 5.93 -16.72 3.88
CA ILE A 25 6.40 -16.79 5.26
C ILE A 25 5.71 -17.94 5.99
N SER A 26 6.29 -18.37 7.11
CA SER A 26 5.76 -19.49 7.87
C SER A 26 4.32 -19.20 8.32
N PRO A 27 3.46 -20.20 8.43
CA PRO A 27 2.01 -19.95 8.73
C PRO A 27 1.79 -19.38 10.14
N GLU A 28 2.65 -19.77 11.07
CA GLU A 28 2.62 -19.19 12.42
C GLU A 28 2.78 -17.66 12.39
N LEU A 29 3.58 -17.16 11.44
CA LEU A 29 3.77 -15.72 11.27
C LEU A 29 2.75 -15.10 10.29
N GLY A 30 1.62 -15.78 10.05
CA GLY A 30 0.66 -15.35 9.04
C GLY A 30 -0.14 -14.11 9.43
N PRO A 31 -0.78 -14.06 10.60
CA PRO A 31 -1.69 -12.92 10.96
C PRO A 31 -1.13 -11.54 10.64
N ALA A 32 0.17 -11.35 10.82
CA ALA A 32 0.79 -10.05 10.59
C ALA A 32 0.75 -9.66 9.11
N LEU A 33 1.35 -10.50 8.27
CA LEU A 33 1.43 -10.20 6.84
C LEU A 33 0.05 -10.24 6.20
N ASP A 34 -0.68 -11.34 6.45
CA ASP A 34 -2.02 -11.52 5.90
C ASP A 34 -2.95 -10.34 6.25
N ALA A 35 -2.80 -9.81 7.47
CA ALA A 35 -3.60 -8.66 7.88
C ALA A 35 -3.34 -7.47 6.97
N LEU A 36 -2.06 -7.21 6.70
CA LEU A 36 -1.68 -6.12 5.81
C LEU A 36 -2.29 -6.30 4.42
N ARG A 37 -2.27 -7.54 3.92
CA ARG A 37 -2.82 -7.86 2.60
C ARG A 37 -4.31 -7.57 2.54
N LEU A 38 -5.03 -7.88 3.62
CA LEU A 38 -6.47 -7.66 3.67
C LEU A 38 -6.80 -6.17 3.57
N ASP A 39 -6.02 -5.33 4.25
CA ASP A 39 -6.21 -3.89 4.21
C ASP A 39 -6.02 -3.36 2.78
N MET A 40 -4.94 -3.83 2.13
CA MET A 40 -4.65 -3.41 0.76
C MET A 40 -5.77 -3.81 -0.20
N ALA A 41 -6.32 -5.01 0.00
CA ALA A 41 -7.39 -5.51 -0.86
C ALA A 41 -8.60 -4.60 -0.79
N ASP A 42 -9.01 -4.27 0.44
CA ASP A 42 -10.18 -3.43 0.66
C ASP A 42 -10.01 -2.07 -0.02
N PHE A 43 -8.81 -1.50 0.07
CA PHE A 43 -8.51 -0.21 -0.56
C PHE A 43 -8.62 -0.30 -2.08
N ALA A 44 -8.15 -1.41 -2.65
CA ALA A 44 -8.18 -1.61 -4.10
C ALA A 44 -9.61 -1.75 -4.63
N THR A 45 -10.45 -2.45 -3.87
CA THR A 45 -11.83 -2.70 -4.30
C THR A 45 -12.63 -1.41 -4.34
N THR A 46 -12.59 -0.66 -3.24
CA THR A 46 -13.32 0.61 -3.15
C THR A 46 -12.79 1.63 -4.15
N MET A 47 -11.47 1.66 -4.34
CA MET A 47 -10.85 2.60 -5.27
C MET A 47 -11.24 2.31 -6.72
N ALA A 48 -11.30 1.02 -7.07
CA ALA A 48 -11.59 0.62 -8.45
C ALA A 48 -13.02 0.94 -8.84
N GLN A 49 -13.95 0.61 -7.95
CA GLN A 49 -15.37 0.87 -8.20
C GLN A 49 -15.67 2.36 -8.24
N ALA A 50 -15.09 3.10 -7.29
CA ALA A 50 -15.25 4.56 -7.24
C ALA A 50 -14.77 5.22 -8.52
N MET A 51 -13.63 4.76 -9.03
CA MET A 51 -13.03 5.33 -10.24
C MET A 51 -13.93 5.09 -11.45
N GLU A 52 -14.49 3.89 -11.56
CA GLU A 52 -15.40 3.56 -12.66
C GLU A 52 -16.63 4.48 -12.64
N GLU A 53 -17.16 4.74 -11.44
CA GLU A 53 -18.33 5.59 -11.29
C GLU A 53 -18.01 7.03 -11.67
N GLY A 54 -16.86 7.52 -11.22
CA GLY A 54 -16.41 8.88 -11.53
C GLY A 54 -17.24 9.91 -10.76
N LEU A 55 -17.36 9.71 -9.45
CA LEU A 55 -18.13 10.62 -8.60
C LEU A 55 -17.58 12.03 -8.69
N ASP A 56 -18.48 13.02 -8.71
CA ASP A 56 -18.09 14.42 -8.81
C ASP A 56 -17.25 14.84 -7.60
N SER A 57 -17.69 14.45 -6.40
CA SER A 57 -17.00 14.84 -5.18
C SER A 57 -17.20 13.78 -4.10
N LEU A 58 -16.22 13.66 -3.19
CA LEU A 58 -16.29 12.70 -2.10
C LEU A 58 -16.40 13.42 -0.75
N PRO A 59 -16.96 12.80 0.28
CA PRO A 59 -17.12 13.45 1.62
C PRO A 59 -15.79 13.51 2.38
N GLN A 60 -15.71 14.44 3.33
CA GLN A 60 -14.51 14.58 4.16
C GLN A 60 -14.17 13.28 4.89
N SER A 61 -15.20 12.55 5.33
CA SER A 61 -14.99 11.29 6.04
C SER A 61 -14.27 10.28 5.16
N PHE A 62 -14.67 10.20 3.89
CA PHE A 62 -14.07 9.26 2.94
C PHE A 62 -12.59 9.56 2.76
N LEU A 63 -12.25 10.83 2.59
CA LEU A 63 -10.86 11.23 2.39
C LEU A 63 -10.01 10.86 3.59
N LEU A 64 -10.53 11.10 4.80
CA LEU A 64 -9.81 10.78 6.02
C LEU A 64 -9.56 9.28 6.15
N LYS A 65 -10.54 8.47 5.76
CA LYS A 65 -10.41 7.02 5.82
C LYS A 65 -9.30 6.51 4.88
N ALA A 66 -9.18 7.13 3.70
CA ALA A 66 -8.16 6.74 2.73
C ALA A 66 -6.76 7.01 3.27
N LEU A 67 -6.58 8.20 3.85
CA LEU A 67 -5.27 8.59 4.39
C LEU A 67 -4.87 7.71 5.57
N GLU A 68 -5.83 7.43 6.45
CA GLU A 68 -5.58 6.62 7.64
C GLU A 68 -5.30 5.16 7.27
N GLN A 69 -6.02 4.65 6.27
CA GLN A 69 -5.85 3.25 5.84
C GLN A 69 -4.45 3.01 5.31
N ILE A 70 -4.03 3.84 4.36
CA ILE A 70 -2.72 3.68 3.73
C ILE A 70 -1.60 3.88 4.76
N ARG A 71 -1.76 4.86 5.65
CA ARG A 71 -0.77 5.12 6.69
C ARG A 71 -0.64 3.93 7.65
N LYS A 72 -1.75 3.30 7.99
CA LYS A 72 -1.76 2.16 8.90
C LYS A 72 -1.01 0.97 8.31
N ILE A 73 -1.25 0.70 7.02
CA ILE A 73 -0.60 -0.41 6.33
C ILE A 73 0.91 -0.16 6.20
N GLN A 74 1.30 1.08 5.90
CA GLN A 74 2.70 1.42 5.72
C GLN A 74 3.49 1.34 7.03
N ALA A 75 2.87 1.78 8.13
CA ALA A 75 3.53 1.81 9.43
C ALA A 75 3.73 0.38 9.96
N ASP A 76 2.64 -0.38 9.97
CA ASP A 76 2.68 -1.76 10.43
C ASP A 76 3.65 -2.58 9.56
N ALA A 77 3.54 -2.41 8.24
CA ALA A 77 4.40 -3.11 7.29
C ALA A 77 5.88 -2.83 7.58
N ALA A 78 6.20 -1.58 7.89
CA ALA A 78 7.55 -1.18 8.23
C ALA A 78 8.07 -1.98 9.43
N ALA A 79 7.21 -2.17 10.43
CA ALA A 79 7.56 -2.96 11.61
C ALA A 79 7.95 -4.38 11.22
N LEU A 80 7.19 -4.98 10.30
CA LEU A 80 7.49 -6.32 9.81
C LEU A 80 8.87 -6.35 9.15
N ARG A 81 9.20 -5.31 8.39
CA ARG A 81 10.49 -5.24 7.70
C ARG A 81 11.65 -5.24 8.70
N GLU A 82 11.48 -4.52 9.81
CA GLU A 82 12.53 -4.43 10.83
C GLU A 82 12.77 -5.80 11.48
N LYS A 83 11.68 -6.49 11.82
CA LYS A 83 11.77 -7.79 12.48
C LYS A 83 12.42 -8.83 11.56
N LEU A 84 12.05 -8.81 10.28
CA LEU A 84 12.57 -9.77 9.31
C LEU A 84 14.06 -9.57 9.09
N ALA A 85 14.49 -8.30 8.97
CA ALA A 85 15.89 -7.98 8.72
C ALA A 85 16.77 -8.44 9.88
N ALA A 86 16.32 -8.18 11.10
CA ALA A 86 17.07 -8.58 12.29
C ALA A 86 17.17 -10.10 12.41
N THR A 87 16.07 -10.79 12.11
CA THR A 87 16.05 -12.25 12.15
C THR A 87 16.95 -12.86 11.08
N TYR A 88 16.99 -12.25 9.90
CA TYR A 88 17.81 -12.75 8.80
C TYR A 88 18.05 -11.64 7.78
N LYS A 89 19.13 -11.78 7.01
CA LYS A 89 19.48 -10.80 5.98
C LYS A 89 20.57 -11.33 5.08
N GLY A 90 20.75 -10.69 3.93
CA GLY A 90 21.76 -11.10 2.95
C GLY A 90 21.16 -11.91 1.81
N ASN A 91 20.15 -12.73 2.12
CA ASN A 91 19.48 -13.54 1.10
C ASN A 91 18.87 -12.65 0.02
N ASP A 92 18.73 -13.19 -1.19
CA ASP A 92 18.15 -12.45 -2.30
C ASP A 92 16.72 -12.00 -1.99
N ARG A 93 15.94 -12.90 -1.38
CA ARG A 93 14.54 -12.61 -1.05
C ARG A 93 14.43 -11.44 -0.09
N ALA A 94 15.24 -11.46 0.96
CA ALA A 94 15.19 -10.43 1.99
C ALA A 94 15.59 -9.06 1.43
N ALA A 95 16.69 -9.05 0.67
CA ALA A 95 17.20 -7.80 0.10
C ALA A 95 16.16 -7.17 -0.83
N ALA A 96 15.52 -8.00 -1.66
CA ALA A 96 14.50 -7.53 -2.59
C ALA A 96 13.35 -6.85 -1.84
N ALA A 97 12.92 -7.47 -0.74
CA ALA A 97 11.84 -6.92 0.07
C ALA A 97 12.16 -5.51 0.55
N VAL A 98 13.41 -5.30 0.99
CA VAL A 98 13.84 -3.98 1.45
C VAL A 98 13.71 -2.95 0.32
N GLU A 99 14.12 -3.34 -0.90
CA GLU A 99 14.05 -2.46 -2.06
C GLU A 99 12.61 -2.04 -2.33
N ILE A 100 11.70 -3.02 -2.30
CA ILE A 100 10.28 -2.76 -2.52
C ILE A 100 9.75 -1.80 -1.45
N ALA A 101 10.12 -2.07 -0.19
CA ALA A 101 9.68 -1.25 0.93
C ALA A 101 10.15 0.20 0.75
N ALA A 102 11.40 0.37 0.34
CA ALA A 102 11.96 1.70 0.13
C ALA A 102 11.16 2.46 -0.93
N GLN A 103 10.87 1.78 -2.04
CA GLN A 103 10.09 2.38 -3.13
C GLN A 103 8.71 2.83 -2.63
N LEU A 104 8.07 1.97 -1.83
CA LEU A 104 6.75 2.29 -1.29
C LEU A 104 6.78 3.58 -0.47
N GLU A 105 7.84 3.75 0.33
CA GLU A 105 7.99 4.95 1.15
C GLU A 105 8.03 6.20 0.28
N ALA A 106 8.81 6.14 -0.80
CA ALA A 106 8.91 7.25 -1.74
C ALA A 106 7.55 7.53 -2.37
N PHE A 107 6.89 6.47 -2.84
CA PHE A 107 5.56 6.58 -3.42
C PHE A 107 4.55 7.17 -2.44
N LEU A 108 4.72 6.89 -1.14
CA LEU A 108 3.82 7.42 -0.11
C LEU A 108 3.92 8.95 -0.03
N GLU A 109 5.15 9.47 -0.12
CA GLU A 109 5.35 10.92 -0.03
C GLU A 109 4.74 11.64 -1.23
N LYS A 110 4.93 11.07 -2.43
CA LYS A 110 4.39 11.68 -3.64
C LYS A 110 2.86 11.65 -3.64
N ALA A 111 2.29 10.52 -3.22
CA ALA A 111 0.85 10.37 -3.14
C ALA A 111 0.23 11.33 -2.12
N TYR A 112 0.92 11.52 -0.99
CA TYR A 112 0.45 12.43 0.05
C TYR A 112 0.31 13.85 -0.47
N GLN A 113 1.29 14.29 -1.28
CA GLN A 113 1.26 15.64 -1.85
C GLN A 113 0.07 15.80 -2.80
N ILE A 114 -0.08 14.87 -3.72
CA ILE A 114 -1.14 14.94 -4.73
C ILE A 114 -2.52 14.94 -4.04
N LEU A 115 -2.69 14.08 -3.06
CA LEU A 115 -3.96 13.93 -2.36
C LEU A 115 -4.31 15.20 -1.57
N ARG A 116 -3.30 15.76 -0.89
CA ARG A 116 -3.50 16.98 -0.11
C ARG A 116 -4.02 18.13 -0.98
N HIS A 117 -3.46 18.24 -2.19
CA HIS A 117 -3.90 19.27 -3.13
C HIS A 117 -5.35 19.04 -3.54
N LEU A 118 -5.66 17.78 -3.87
CA LEU A 118 -7.02 17.41 -4.28
C LEU A 118 -8.02 17.60 -3.13
N ALA A 119 -7.61 17.23 -1.92
CA ALA A 119 -8.46 17.35 -0.74
C ALA A 119 -8.67 18.82 -0.37
N ALA A 120 -7.59 19.61 -0.42
CA ALA A 120 -7.66 21.03 -0.09
C ALA A 120 -8.49 21.78 -1.14
N ALA A 121 -8.26 21.45 -2.41
CA ALA A 121 -8.99 22.10 -3.50
C ALA A 121 -10.35 21.44 -3.69
N LEU A 1 -7.80 13.78 -13.72
CA LEU A 1 -8.50 13.09 -12.64
C LEU A 1 -8.47 11.58 -12.89
N ALA A 2 -9.12 11.16 -13.96
CA ALA A 2 -9.16 9.75 -14.33
C ALA A 2 -7.76 9.22 -14.58
N ALA A 3 -6.96 9.99 -15.33
CA ALA A 3 -5.59 9.61 -15.63
C ALA A 3 -4.77 9.48 -14.34
N ALA A 4 -4.92 10.46 -13.46
CA ALA A 4 -4.22 10.43 -12.17
C ALA A 4 -4.64 9.21 -11.36
N LEU A 5 -5.95 9.01 -11.22
CA LEU A 5 -6.48 7.88 -10.49
C LEU A 5 -5.98 6.55 -11.06
N ALA A 6 -5.94 6.46 -12.39
CA ALA A 6 -5.46 5.25 -13.06
C ALA A 6 -4.02 4.95 -12.67
N GLU A 7 -3.18 5.99 -12.59
CA GLU A 7 -1.78 5.82 -12.24
C GLU A 7 -1.63 5.22 -10.85
N ILE A 8 -2.42 5.71 -9.90
CA ILE A 8 -2.36 5.23 -8.52
C ILE A 8 -2.75 3.74 -8.45
N TYR A 9 -3.81 3.37 -9.17
CA TYR A 9 -4.29 2.00 -9.17
C TYR A 9 -3.24 1.04 -9.72
N LYS A 10 -2.57 1.44 -10.79
CA LYS A 10 -1.55 0.60 -11.42
C LYS A 10 -0.36 0.36 -10.50
N GLY A 11 0.07 1.41 -9.80
CA GLY A 11 1.19 1.31 -8.87
C GLY A 11 0.86 0.35 -7.72
N LEU A 12 -0.36 0.44 -7.20
CA LEU A 12 -0.80 -0.42 -6.11
C LEU A 12 -0.81 -1.89 -6.53
N ALA A 13 -1.29 -2.16 -7.75
CA ALA A 13 -1.38 -3.53 -8.25
C ALA A 13 0.00 -4.15 -8.46
N GLU A 14 0.93 -3.35 -8.98
CA GLU A 14 2.28 -3.84 -9.28
C GLU A 14 3.01 -4.22 -8.00
N TYR A 15 2.95 -3.35 -7.00
CA TYR A 15 3.63 -3.57 -5.73
C TYR A 15 3.02 -4.77 -4.99
N GLN A 16 1.69 -4.87 -5.01
CA GLN A 16 0.99 -5.96 -4.34
C GLN A 16 1.38 -7.31 -4.93
N ALA A 17 1.47 -7.38 -6.26
CA ALA A 17 1.82 -8.62 -6.94
C ALA A 17 3.21 -9.09 -6.53
N ARG A 18 4.17 -8.16 -6.50
CA ARG A 18 5.53 -8.48 -6.09
C ARG A 18 5.57 -9.08 -4.69
N LEU A 19 4.82 -8.48 -3.77
CA LEU A 19 4.74 -8.98 -2.41
C LEU A 19 4.15 -10.39 -2.35
N LYS A 20 3.17 -10.66 -3.22
CA LYS A 20 2.53 -11.98 -3.28
C LYS A 20 3.55 -13.08 -3.51
N SER A 21 4.41 -12.88 -4.51
CA SER A 21 5.50 -13.83 -4.80
C SER A 21 6.39 -14.00 -3.58
N LEU A 22 6.74 -12.89 -2.94
CA LEU A 22 7.53 -12.91 -1.70
C LEU A 22 6.80 -13.56 -0.53
N GLU A 23 5.47 -13.60 -0.57
CA GLU A 23 4.65 -13.98 0.58
C GLU A 23 4.70 -15.46 0.98
N GLY A 24 5.73 -16.22 0.57
CA GLY A 24 5.89 -17.61 1.00
C GLY A 24 6.58 -17.75 2.37
N ILE A 25 6.42 -16.74 3.23
CA ILE A 25 6.98 -16.80 4.58
C ILE A 25 6.25 -17.86 5.40
N SER A 26 6.85 -18.32 6.50
CA SER A 26 6.34 -19.49 7.22
C SER A 26 4.94 -19.25 7.80
N PRO A 27 4.12 -20.28 7.95
CA PRO A 27 2.71 -20.10 8.46
C PRO A 27 2.63 -19.26 9.73
N GLU A 28 3.59 -19.46 10.64
CA GLU A 28 3.61 -18.73 11.92
C GLU A 28 3.50 -17.21 11.73
N LEU A 29 4.13 -16.70 10.67
CA LEU A 29 4.04 -15.29 10.31
C LEU A 29 2.83 -15.04 9.40
N GLY A 30 1.71 -15.71 9.66
CA GLY A 30 0.55 -15.66 8.78
C GLY A 30 -0.36 -14.48 9.12
N PRO A 31 -0.91 -14.39 10.32
CA PRO A 31 -1.87 -13.29 10.67
C PRO A 31 -1.42 -11.90 10.22
N ALA A 32 -0.12 -11.64 10.32
CA ALA A 32 0.44 -10.36 9.90
C ALA A 32 0.24 -10.17 8.39
N LEU A 33 0.56 -11.20 7.63
CA LEU A 33 0.42 -11.17 6.18
C LEU A 33 -1.04 -10.95 5.75
N ASP A 34 -1.97 -11.57 6.47
CA ASP A 34 -3.39 -11.46 6.14
C ASP A 34 -3.89 -10.03 6.35
N ALA A 35 -3.46 -9.40 7.44
CA ALA A 35 -3.87 -8.03 7.75
C ALA A 35 -3.36 -7.04 6.70
N LEU A 36 -2.11 -7.22 6.28
CA LEU A 36 -1.48 -6.33 5.30
C LEU A 36 -2.17 -6.43 3.95
N ARG A 37 -2.42 -7.67 3.52
CA ARG A 37 -3.05 -7.93 2.23
C ARG A 37 -4.51 -7.45 2.20
N LEU A 38 -5.21 -7.59 3.33
CA LEU A 38 -6.60 -7.15 3.43
C LEU A 38 -6.71 -5.63 3.34
N ASP A 39 -5.78 -4.92 3.98
CA ASP A 39 -5.78 -3.46 3.97
C ASP A 39 -5.52 -2.92 2.57
N MET A 40 -4.54 -3.51 1.89
CA MET A 40 -4.18 -3.07 0.54
C MET A 40 -5.27 -3.40 -0.47
N ALA A 41 -5.82 -4.60 -0.36
CA ALA A 41 -6.87 -5.06 -1.27
C ALA A 41 -8.15 -4.24 -1.09
N ASP A 42 -8.47 -3.89 0.15
CA ASP A 42 -9.68 -3.11 0.46
C ASP A 42 -9.56 -1.70 -0.12
N PHE A 43 -8.40 -1.09 0.03
CA PHE A 43 -8.17 0.26 -0.48
C PHE A 43 -8.26 0.30 -2.00
N ALA A 44 -7.65 -0.68 -2.66
CA ALA A 44 -7.64 -0.75 -4.11
C ALA A 44 -9.03 -1.01 -4.68
N THR A 45 -9.79 -1.90 -4.03
CA THR A 45 -11.13 -2.24 -4.48
C THR A 45 -12.07 -1.04 -4.39
N THR A 46 -11.99 -0.32 -3.27
CA THR A 46 -12.80 0.88 -3.07
C THR A 46 -12.52 1.92 -4.14
N MET A 47 -11.23 2.15 -4.41
CA MET A 47 -10.82 3.10 -5.44
C MET A 47 -11.40 2.74 -6.80
N ALA A 48 -11.36 1.45 -7.14
CA ALA A 48 -11.88 0.97 -8.41
C ALA A 48 -13.37 1.28 -8.53
N GLN A 49 -14.12 1.05 -7.46
CA GLN A 49 -15.55 1.31 -7.44
C GLN A 49 -15.85 2.79 -7.74
N ALA A 50 -15.06 3.68 -7.13
CA ALA A 50 -15.24 5.11 -7.32
C ALA A 50 -15.03 5.49 -8.78
N MET A 51 -13.99 4.93 -9.40
CA MET A 51 -13.68 5.21 -10.79
C MET A 51 -14.85 4.81 -11.70
N GLU A 52 -15.44 3.65 -11.43
CA GLU A 52 -16.57 3.16 -12.22
C GLU A 52 -17.74 4.14 -12.14
N GLU A 53 -18.02 4.64 -10.94
CA GLU A 53 -19.12 5.58 -10.74
C GLU A 53 -18.88 6.85 -11.54
N GLY A 54 -17.65 7.38 -11.46
CA GLY A 54 -17.30 8.60 -12.18
C GLY A 54 -17.63 9.83 -11.36
N LEU A 55 -17.25 9.82 -10.08
CA LEU A 55 -17.51 10.94 -9.18
C LEU A 55 -16.34 11.91 -9.19
N ASP A 56 -16.67 13.21 -9.19
CA ASP A 56 -15.65 14.25 -9.21
C ASP A 56 -14.75 14.16 -7.98
N SER A 57 -15.38 14.00 -6.81
CA SER A 57 -14.65 13.90 -5.55
C SER A 57 -15.36 12.95 -4.60
N LEU A 58 -14.60 12.44 -3.62
CA LEU A 58 -15.16 11.51 -2.64
C LEU A 58 -15.63 12.27 -1.40
N PRO A 59 -16.60 11.75 -0.64
CA PRO A 59 -17.12 12.45 0.57
C PRO A 59 -16.01 12.88 1.52
N GLN A 60 -16.27 13.92 2.30
CA GLN A 60 -15.30 14.41 3.28
C GLN A 60 -14.97 13.32 4.30
N SER A 61 -16.02 12.64 4.79
CA SER A 61 -15.83 11.56 5.75
C SER A 61 -14.94 10.45 5.17
N PHE A 62 -15.19 10.10 3.91
CA PHE A 62 -14.39 9.08 3.24
C PHE A 62 -12.91 9.46 3.22
N LEU A 63 -12.63 10.74 2.97
CA LEU A 63 -11.25 11.24 2.95
C LEU A 63 -10.56 10.99 4.30
N LEU A 64 -11.28 11.23 5.39
CA LEU A 64 -10.73 11.03 6.73
C LEU A 64 -10.32 9.57 6.92
N LYS A 65 -11.22 8.65 6.59
CA LYS A 65 -10.94 7.22 6.73
C LYS A 65 -9.77 6.78 5.84
N ALA A 66 -9.64 7.38 4.65
CA ALA A 66 -8.58 7.03 3.72
C ALA A 66 -7.20 7.42 4.28
N LEU A 67 -7.14 8.59 4.93
CA LEU A 67 -5.88 9.08 5.51
C LEU A 67 -5.41 8.15 6.63
N GLU A 68 -6.34 7.74 7.49
CA GLU A 68 -6.01 6.87 8.62
C GLU A 68 -5.62 5.47 8.14
N GLN A 69 -6.34 4.96 7.15
CA GLN A 69 -6.10 3.62 6.64
C GLN A 69 -4.70 3.51 6.04
N ILE A 70 -4.43 4.31 5.02
CA ILE A 70 -3.14 4.30 4.34
C ILE A 70 -1.98 4.53 5.33
N ARG A 71 -2.17 5.44 6.28
CA ARG A 71 -1.17 5.70 7.31
C ARG A 71 -0.86 4.44 8.10
N LYS A 72 -1.90 3.67 8.44
CA LYS A 72 -1.72 2.42 9.19
C LYS A 72 -0.93 1.40 8.38
N ILE A 73 -1.15 1.36 7.07
CA ILE A 73 -0.42 0.43 6.20
C ILE A 73 1.07 0.77 6.17
N GLN A 74 1.40 2.05 6.12
CA GLN A 74 2.79 2.49 6.06
C GLN A 74 3.54 2.16 7.35
N ALA A 75 2.89 2.44 8.49
CA ALA A 75 3.51 2.22 9.79
C ALA A 75 3.68 0.73 10.06
N ASP A 76 2.61 -0.02 9.82
CA ASP A 76 2.63 -1.47 10.01
C ASP A 76 3.71 -2.13 9.15
N ALA A 77 3.84 -1.66 7.91
CA ALA A 77 4.84 -2.20 6.98
C ALA A 77 6.25 -1.97 7.51
N ALA A 78 6.50 -0.77 8.04
CA ALA A 78 7.83 -0.44 8.59
C ALA A 78 8.19 -1.39 9.73
N ALA A 79 7.23 -1.62 10.62
CA ALA A 79 7.45 -2.50 11.77
C ALA A 79 7.76 -3.93 11.32
N LEU A 80 7.01 -4.41 10.32
CA LEU A 80 7.23 -5.75 9.78
C LEU A 80 8.62 -5.90 9.19
N ARG A 81 9.09 -4.87 8.49
CA ARG A 81 10.41 -4.88 7.88
C ARG A 81 11.51 -4.99 8.94
N GLU A 82 11.34 -4.28 10.05
CA GLU A 82 12.31 -4.30 11.14
C GLU A 82 12.41 -5.69 11.76
N LYS A 83 11.25 -6.32 11.98
CA LYS A 83 11.21 -7.64 12.59
C LYS A 83 11.86 -8.70 11.70
N LEU A 84 11.60 -8.61 10.40
CA LEU A 84 12.13 -9.58 9.44
C LEU A 84 13.64 -9.46 9.31
N ALA A 85 14.14 -8.23 9.25
CA ALA A 85 15.57 -7.98 9.10
C ALA A 85 16.33 -8.55 10.29
N ALA A 86 15.82 -8.30 11.49
CA ALA A 86 16.45 -8.79 12.72
C ALA A 86 16.47 -10.31 12.75
N THR A 87 15.36 -10.93 12.38
CA THR A 87 15.24 -12.38 12.36
C THR A 87 16.11 -12.97 11.26
N TYR A 88 16.04 -12.39 10.07
CA TYR A 88 16.84 -12.85 8.93
C TYR A 88 17.26 -11.67 8.05
N LYS A 89 18.48 -11.74 7.54
CA LYS A 89 19.00 -10.68 6.68
C LYS A 89 20.32 -11.13 6.04
N GLY A 90 20.78 -10.36 5.05
CA GLY A 90 22.03 -10.66 4.38
C GLY A 90 21.79 -11.51 3.12
N ASN A 91 20.91 -12.50 3.24
CA ASN A 91 20.60 -13.39 2.13
C ASN A 91 20.06 -12.60 0.94
N ASP A 92 20.08 -13.22 -0.24
CA ASP A 92 19.61 -12.57 -1.46
C ASP A 92 18.12 -12.27 -1.39
N ARG A 93 17.35 -13.23 -0.88
CA ARG A 93 15.89 -13.07 -0.80
C ARG A 93 15.52 -11.91 0.12
N ALA A 94 16.11 -11.88 1.31
CA ALA A 94 15.82 -10.83 2.29
C ALA A 94 16.16 -9.45 1.73
N ALA A 95 17.33 -9.35 1.10
CA ALA A 95 17.79 -8.09 0.53
C ALA A 95 16.81 -7.56 -0.51
N ALA A 96 16.32 -8.46 -1.37
CA ALA A 96 15.37 -8.10 -2.41
C ALA A 96 14.09 -7.51 -1.81
N ALA A 97 13.60 -8.12 -0.74
CA ALA A 97 12.39 -7.65 -0.08
C ALA A 97 12.55 -6.21 0.40
N VAL A 98 13.71 -5.88 0.97
CA VAL A 98 13.99 -4.52 1.43
C VAL A 98 13.91 -3.54 0.27
N GLU A 99 14.49 -3.92 -0.87
CA GLU A 99 14.50 -3.06 -2.05
C GLU A 99 13.07 -2.72 -2.50
N ILE A 100 12.22 -3.75 -2.53
CA ILE A 100 10.84 -3.57 -2.93
C ILE A 100 10.13 -2.62 -1.96
N ALA A 101 10.32 -2.85 -0.66
CA ALA A 101 9.72 -2.01 0.38
C ALA A 101 10.14 -0.56 0.22
N ALA A 102 11.42 -0.33 -0.08
CA ALA A 102 11.93 1.03 -0.26
C ALA A 102 11.19 1.75 -1.38
N GLN A 103 11.00 1.06 -2.50
CA GLN A 103 10.29 1.64 -3.64
C GLN A 103 8.87 2.06 -3.25
N LEU A 104 8.18 1.19 -2.51
CA LEU A 104 6.82 1.48 -2.05
C LEU A 104 6.78 2.76 -1.24
N GLU A 105 7.76 2.94 -0.35
CA GLU A 105 7.81 4.13 0.50
C GLU A 105 7.91 5.39 -0.35
N ALA A 106 8.81 5.36 -1.34
CA ALA A 106 8.99 6.50 -2.24
C ALA A 106 7.71 6.81 -2.99
N PHE A 107 7.16 5.77 -3.63
CA PHE A 107 5.90 5.92 -4.37
C PHE A 107 4.77 6.39 -3.45
N LEU A 108 4.74 5.85 -2.22
CA LEU A 108 3.71 6.23 -1.25
C LEU A 108 3.78 7.72 -0.93
N GLU A 109 5.00 8.24 -0.76
CA GLU A 109 5.20 9.65 -0.42
C GLU A 109 4.62 10.55 -1.51
N LYS A 110 4.95 10.23 -2.77
CA LYS A 110 4.47 11.02 -3.91
C LYS A 110 2.94 10.99 -3.98
N ALA A 111 2.36 9.81 -3.78
CA ALA A 111 0.91 9.65 -3.81
C ALA A 111 0.23 10.50 -2.74
N TYR A 112 0.84 10.58 -1.55
CA TYR A 112 0.29 11.37 -0.45
C TYR A 112 0.23 12.86 -0.82
N GLN A 113 1.28 13.36 -1.48
CA GLN A 113 1.32 14.77 -1.87
C GLN A 113 0.21 15.10 -2.85
N ILE A 114 0.01 14.22 -3.84
CA ILE A 114 -1.00 14.46 -4.87
C ILE A 114 -2.40 14.45 -4.26
N LEU A 115 -2.66 13.49 -3.37
CA LEU A 115 -3.96 13.36 -2.73
C LEU A 115 -4.28 14.59 -1.89
N ARG A 116 -3.29 15.07 -1.14
CA ARG A 116 -3.46 16.23 -0.28
C ARG A 116 -3.88 17.45 -1.10
N HIS A 117 -3.23 17.65 -2.24
CA HIS A 117 -3.56 18.77 -3.12
C HIS A 117 -5.00 18.67 -3.61
N LEU A 118 -5.41 17.47 -4.02
CA LEU A 118 -6.76 17.24 -4.51
C LEU A 118 -7.79 17.51 -3.41
N ALA A 119 -7.52 16.97 -2.22
CA ALA A 119 -8.42 17.15 -1.07
C ALA A 119 -8.53 18.63 -0.73
N ALA A 120 -7.39 19.32 -0.67
CA ALA A 120 -7.37 20.74 -0.34
C ALA A 120 -8.13 21.53 -1.41
N ALA A 121 -8.81 22.60 -0.97
CA ALA A 121 -9.57 23.44 -1.88
C ALA A 121 -8.67 24.05 -2.93
N LEU A 1 -8.72 14.58 -14.56
CA LEU A 1 -7.92 13.63 -13.80
C LEU A 1 -8.18 12.21 -14.30
N ALA A 2 -7.20 11.66 -15.01
CA ALA A 2 -7.30 10.31 -15.55
C ALA A 2 -5.94 9.62 -15.57
N ALA A 3 -4.94 10.34 -16.06
CA ALA A 3 -3.58 9.79 -16.14
C ALA A 3 -2.99 9.55 -14.75
N ALA A 4 -3.27 10.44 -13.81
CA ALA A 4 -2.75 10.31 -12.44
C ALA A 4 -3.36 9.08 -11.76
N LEU A 5 -4.68 8.98 -11.81
CA LEU A 5 -5.38 7.84 -11.21
C LEU A 5 -4.91 6.52 -11.79
N ALA A 6 -4.66 6.49 -13.11
CA ALA A 6 -4.18 5.29 -13.78
C ALA A 6 -2.82 4.85 -13.23
N GLU A 7 -1.94 5.83 -13.01
CA GLU A 7 -0.61 5.53 -12.49
C GLU A 7 -0.69 4.87 -11.11
N ILE A 8 -1.56 5.40 -10.25
CA ILE A 8 -1.71 4.88 -8.89
C ILE A 8 -2.19 3.42 -8.94
N TYR A 9 -3.17 3.14 -9.80
CA TYR A 9 -3.75 1.80 -9.91
C TYR A 9 -2.69 0.79 -10.37
N LYS A 10 -1.89 1.19 -11.36
CA LYS A 10 -0.85 0.31 -11.89
C LYS A 10 0.18 -0.04 -10.82
N GLY A 11 0.56 0.95 -10.00
CA GLY A 11 1.52 0.73 -8.92
C GLY A 11 1.00 -0.28 -7.90
N LEU A 12 -0.29 -0.15 -7.55
CA LEU A 12 -0.91 -1.06 -6.59
C LEU A 12 -0.87 -2.50 -7.08
N ALA A 13 -1.13 -2.69 -8.37
CA ALA A 13 -1.14 -4.03 -8.96
C ALA A 13 0.25 -4.67 -8.85
N GLU A 14 1.28 -3.89 -9.19
CA GLU A 14 2.66 -4.38 -9.13
C GLU A 14 3.03 -4.80 -7.71
N TYR A 15 2.62 -4.01 -6.74
CA TYR A 15 2.90 -4.32 -5.33
C TYR A 15 2.20 -5.60 -4.88
N GLN A 16 0.99 -5.84 -5.39
CA GLN A 16 0.23 -7.03 -5.03
C GLN A 16 0.95 -8.30 -5.49
N ALA A 17 1.48 -8.27 -6.70
CA ALA A 17 2.17 -9.43 -7.26
C ALA A 17 3.44 -9.74 -6.46
N ARG A 18 4.26 -8.72 -6.26
CA ARG A 18 5.51 -8.87 -5.52
C ARG A 18 5.25 -9.38 -4.09
N LEU A 19 4.20 -8.87 -3.47
CA LEU A 19 3.83 -9.27 -2.11
C LEU A 19 3.45 -10.75 -2.05
N LYS A 20 2.72 -11.21 -3.07
CA LYS A 20 2.29 -12.61 -3.13
C LYS A 20 3.49 -13.55 -3.11
N SER A 21 4.54 -13.21 -3.86
CA SER A 21 5.77 -13.99 -3.87
C SER A 21 6.42 -13.99 -2.49
N LEU A 22 6.50 -12.80 -1.88
CA LEU A 22 7.07 -12.65 -0.55
C LEU A 22 6.18 -13.24 0.57
N GLU A 23 4.93 -13.62 0.26
CA GLU A 23 4.00 -14.14 1.25
C GLU A 23 4.25 -15.63 1.60
N GLY A 24 5.44 -16.16 1.29
CA GLY A 24 5.77 -17.54 1.62
C GLY A 24 6.42 -17.65 3.01
N ILE A 25 5.95 -16.85 3.95
CA ILE A 25 6.44 -16.90 5.32
C ILE A 25 5.79 -18.04 6.08
N SER A 26 6.37 -18.41 7.23
CA SER A 26 5.85 -19.52 8.02
C SER A 26 4.40 -19.24 8.45
N PRO A 27 3.56 -20.25 8.59
CA PRO A 27 2.10 -20.01 8.87
C PRO A 27 1.87 -19.40 10.26
N GLU A 28 2.73 -19.74 11.22
CA GLU A 28 2.68 -19.11 12.54
C GLU A 28 2.81 -17.58 12.45
N LEU A 29 3.61 -17.10 11.48
CA LEU A 29 3.78 -15.66 11.28
C LEU A 29 2.76 -15.08 10.28
N GLY A 30 1.64 -15.77 10.05
CA GLY A 30 0.67 -15.38 9.04
C GLY A 30 -0.15 -14.14 9.42
N PRO A 31 -0.77 -14.09 10.59
CA PRO A 31 -1.69 -12.95 10.95
C PRO A 31 -1.15 -11.56 10.62
N ALA A 32 0.17 -11.39 10.75
CA ALA A 32 0.78 -10.07 10.53
C ALA A 32 0.74 -9.69 9.06
N LEU A 33 1.35 -10.52 8.21
CA LEU A 33 1.42 -10.24 6.78
C LEU A 33 0.03 -10.28 6.15
N ASP A 34 -0.70 -11.37 6.41
CA ASP A 34 -2.04 -11.54 5.87
C ASP A 34 -2.95 -10.36 6.22
N ALA A 35 -2.82 -9.84 7.43
CA ALA A 35 -3.61 -8.68 7.86
C ALA A 35 -3.34 -7.49 6.95
N LEU A 36 -2.07 -7.22 6.68
CA LEU A 36 -1.69 -6.13 5.79
C LEU A 36 -2.29 -6.31 4.40
N ARG A 37 -2.27 -7.54 3.90
CA ARG A 37 -2.82 -7.86 2.59
C ARG A 37 -4.33 -7.57 2.53
N LEU A 38 -5.04 -7.88 3.60
CA LEU A 38 -6.48 -7.66 3.68
C LEU A 38 -6.81 -6.17 3.57
N ASP A 39 -6.03 -5.34 4.25
CA ASP A 39 -6.23 -3.89 4.20
C ASP A 39 -6.03 -3.35 2.79
N MET A 40 -4.97 -3.82 2.13
CA MET A 40 -4.67 -3.40 0.76
C MET A 40 -5.80 -3.80 -0.20
N ALA A 41 -6.35 -5.00 0.00
CA ALA A 41 -7.43 -5.50 -0.85
C ALA A 41 -8.65 -4.60 -0.77
N ASP A 42 -9.06 -4.27 0.46
CA ASP A 42 -10.23 -3.42 0.68
C ASP A 42 -10.06 -2.07 -0.01
N PHE A 43 -8.85 -1.50 0.09
CA PHE A 43 -8.55 -0.22 -0.56
C PHE A 43 -8.66 -0.30 -2.08
N ALA A 44 -8.21 -1.42 -2.64
CA ALA A 44 -8.23 -1.61 -4.09
C ALA A 44 -9.66 -1.75 -4.62
N THR A 45 -10.51 -2.46 -3.88
CA THR A 45 -11.88 -2.71 -4.30
C THR A 45 -12.69 -1.40 -4.33
N THR A 46 -12.62 -0.66 -3.23
CA THR A 46 -13.36 0.60 -3.12
C THR A 46 -12.83 1.64 -4.12
N MET A 47 -11.52 1.67 -4.32
CA MET A 47 -10.89 2.62 -5.25
C MET A 47 -11.30 2.33 -6.69
N ALA A 48 -11.35 1.04 -7.06
CA ALA A 48 -11.64 0.65 -8.44
C ALA A 48 -13.08 0.96 -8.81
N GLN A 49 -14.01 0.64 -7.92
CA GLN A 49 -15.43 0.88 -8.17
C GLN A 49 -15.73 2.38 -8.21
N ALA A 50 -15.15 3.13 -7.27
CA ALA A 50 -15.32 4.58 -7.21
C ALA A 50 -14.84 5.24 -8.50
N MET A 51 -13.70 4.78 -9.02
CA MET A 51 -13.12 5.36 -10.22
C MET A 51 -14.02 5.12 -11.43
N GLU A 52 -14.57 3.92 -11.54
CA GLU A 52 -15.49 3.59 -12.63
C GLU A 52 -16.71 4.50 -12.61
N GLU A 53 -17.25 4.75 -11.41
CA GLU A 53 -18.41 5.63 -11.26
C GLU A 53 -18.09 7.07 -11.64
N GLY A 54 -16.93 7.54 -11.19
CA GLY A 54 -16.49 8.91 -11.48
C GLY A 54 -17.31 9.93 -10.70
N LEU A 55 -17.43 9.71 -9.40
CA LEU A 55 -18.20 10.62 -8.54
C LEU A 55 -17.65 12.04 -8.61
N ASP A 56 -18.55 13.01 -8.60
CA ASP A 56 -18.16 14.42 -8.70
C ASP A 56 -17.32 14.85 -7.50
N SER A 57 -17.77 14.49 -6.30
CA SER A 57 -17.08 14.88 -5.07
C SER A 57 -17.30 13.84 -3.98
N LEU A 58 -16.26 13.63 -3.17
CA LEU A 58 -16.32 12.66 -2.07
C LEU A 58 -16.44 13.39 -0.73
N PRO A 59 -17.02 12.78 0.31
CA PRO A 59 -17.17 13.43 1.63
C PRO A 59 -15.84 13.50 2.41
N GLN A 60 -15.75 14.43 3.34
CA GLN A 60 -14.56 14.58 4.18
C GLN A 60 -14.22 13.29 4.92
N SER A 61 -15.26 12.56 5.36
CA SER A 61 -15.05 11.30 6.07
C SER A 61 -14.33 10.28 5.19
N PHE A 62 -14.73 10.21 3.92
CA PHE A 62 -14.12 9.26 2.98
C PHE A 62 -12.64 9.56 2.80
N LEU A 63 -12.30 10.83 2.63
CA LEU A 63 -10.92 11.24 2.43
C LEU A 63 -10.05 10.86 3.63
N LEU A 64 -10.57 11.11 4.82
CA LEU A 64 -9.86 10.78 6.06
C LEU A 64 -9.60 9.27 6.18
N LYS A 65 -10.58 8.46 5.78
CA LYS A 65 -10.45 7.01 5.83
C LYS A 65 -9.34 6.52 4.90
N ALA A 66 -9.22 7.13 3.72
CA ALA A 66 -8.21 6.73 2.75
C ALA A 66 -6.80 7.00 3.29
N LEU A 67 -6.62 8.19 3.86
CA LEU A 67 -5.32 8.58 4.40
C LEU A 67 -4.91 7.71 5.58
N GLU A 68 -5.87 7.43 6.47
CA GLU A 68 -5.62 6.61 7.65
C GLU A 68 -5.33 5.15 7.28
N GLN A 69 -6.03 4.64 6.28
CA GLN A 69 -5.88 3.25 5.85
C GLN A 69 -4.49 3.00 5.31
N ILE A 70 -4.07 3.85 4.36
CA ILE A 70 -2.75 3.69 3.73
C ILE A 70 -1.62 3.89 4.76
N ARG A 71 -1.78 4.87 5.65
CA ARG A 71 -0.79 5.12 6.69
C ARG A 71 -0.65 3.93 7.64
N LYS A 72 -1.78 3.29 7.97
CA LYS A 72 -1.77 2.15 8.89
C LYS A 72 -1.03 0.96 8.29
N ILE A 73 -1.26 0.70 7.01
CA ILE A 73 -0.61 -0.42 6.31
C ILE A 73 0.89 -0.16 6.19
N GLN A 74 1.29 1.08 5.90
CA GLN A 74 2.69 1.42 5.71
C GLN A 74 3.48 1.34 7.01
N ALA A 75 2.87 1.77 8.12
CA ALA A 75 3.54 1.79 9.41
C ALA A 75 3.73 0.37 9.94
N ASP A 76 2.65 -0.40 9.95
CA ASP A 76 2.70 -1.78 10.41
C ASP A 76 3.65 -2.60 9.54
N ALA A 77 3.53 -2.43 8.22
CA ALA A 77 4.40 -3.13 7.27
C ALA A 77 5.88 -2.84 7.55
N ALA A 78 6.18 -1.57 7.85
CA ALA A 78 7.55 -1.19 8.19
C ALA A 78 8.07 -1.97 9.40
N ALA A 79 7.21 -2.17 10.40
CA ALA A 79 7.55 -2.96 11.57
C ALA A 79 7.95 -4.38 11.18
N LEU A 80 7.17 -4.97 10.27
CA LEU A 80 7.48 -6.31 9.76
C LEU A 80 8.86 -6.35 9.09
N ARG A 81 9.19 -5.30 8.34
CA ARG A 81 10.48 -5.23 7.65
C ARG A 81 11.64 -5.24 8.65
N GLU A 82 11.48 -4.52 9.76
CA GLU A 82 12.52 -4.44 10.78
C GLU A 82 12.76 -5.79 11.43
N LYS A 83 11.68 -6.49 11.78
CA LYS A 83 11.78 -7.80 12.42
C LYS A 83 12.42 -8.84 11.50
N LEU A 84 12.06 -8.80 10.22
CA LEU A 84 12.58 -9.76 9.25
C LEU A 84 14.08 -9.56 9.03
N ALA A 85 14.50 -8.30 8.92
CA ALA A 85 15.90 -7.97 8.66
C ALA A 85 16.78 -8.45 9.82
N ALA A 86 16.33 -8.18 11.05
CA ALA A 86 17.09 -8.58 12.24
C ALA A 86 17.19 -10.10 12.34
N THR A 87 16.09 -10.80 12.04
CA THR A 87 16.07 -12.26 12.08
C THR A 87 16.97 -12.87 11.01
N TYR A 88 17.00 -12.25 9.83
CA TYR A 88 17.82 -12.74 8.72
C TYR A 88 18.06 -11.63 7.71
N LYS A 89 19.13 -11.77 6.93
CA LYS A 89 19.47 -10.78 5.91
C LYS A 89 20.57 -11.32 4.99
N GLY A 90 20.75 -10.67 3.85
CA GLY A 90 21.76 -11.08 2.88
C GLY A 90 21.15 -11.90 1.73
N ASN A 91 20.14 -12.72 2.04
CA ASN A 91 19.46 -13.52 1.02
C ASN A 91 18.85 -12.63 -0.05
N ASP A 92 18.71 -13.17 -1.26
CA ASP A 92 18.13 -12.42 -2.37
C ASP A 92 16.71 -11.98 -2.05
N ARG A 93 15.93 -12.86 -1.43
CA ARG A 93 14.54 -12.56 -1.11
C ARG A 93 14.42 -11.39 -0.14
N ALA A 94 15.24 -11.42 0.91
CA ALA A 94 15.20 -10.38 1.94
C ALA A 94 15.60 -9.02 1.37
N ALA A 95 16.67 -9.01 0.58
CA ALA A 95 17.18 -7.77 -0.01
C ALA A 95 16.11 -7.13 -0.92
N ALA A 96 15.46 -7.96 -1.72
CA ALA A 96 14.41 -7.48 -2.62
C ALA A 96 13.29 -6.80 -1.85
N ALA A 97 12.88 -7.41 -0.73
CA ALA A 97 11.82 -6.86 0.11
C ALA A 97 12.16 -5.45 0.58
N VAL A 98 13.41 -5.24 0.98
CA VAL A 98 13.86 -3.92 1.40
C VAL A 98 13.71 -2.91 0.27
N GLU A 99 14.10 -3.31 -0.94
CA GLU A 99 14.02 -2.43 -2.11
C GLU A 99 12.58 -2.01 -2.37
N ILE A 100 11.68 -3.00 -2.36
CA ILE A 100 10.25 -2.73 -2.57
C ILE A 100 9.72 -1.78 -1.49
N ALA A 101 10.10 -2.06 -0.23
CA ALA A 101 9.66 -1.23 0.89
C ALA A 101 10.12 0.21 0.72
N ALA A 102 11.37 0.39 0.29
CA ALA A 102 11.93 1.72 0.09
C ALA A 102 11.13 2.48 -0.97
N GLN A 103 10.83 1.81 -2.08
CA GLN A 103 10.06 2.41 -3.16
C GLN A 103 8.68 2.84 -2.66
N LEU A 104 8.04 2.00 -1.86
CA LEU A 104 6.72 2.31 -1.31
C LEU A 104 6.76 3.60 -0.48
N GLU A 105 7.81 3.76 0.32
CA GLU A 105 7.96 4.95 1.15
C GLU A 105 8.01 6.21 0.29
N ALA A 106 8.79 6.15 -0.80
CA ALA A 106 8.89 7.28 -1.73
C ALA A 106 7.53 7.56 -2.35
N PHE A 107 6.89 6.50 -2.84
CA PHE A 107 5.55 6.62 -3.43
C PHE A 107 4.54 7.20 -2.43
N LEU A 108 4.71 6.90 -1.14
CA LEU A 108 3.81 7.43 -0.11
C LEU A 108 3.90 8.95 -0.01
N GLU A 109 5.12 9.50 -0.13
CA GLU A 109 5.32 10.94 -0.03
C GLU A 109 4.71 11.66 -1.23
N LYS A 110 4.90 11.10 -2.42
CA LYS A 110 4.35 11.70 -3.65
C LYS A 110 2.82 11.67 -3.63
N ALA A 111 2.26 10.55 -3.21
CA ALA A 111 0.80 10.38 -3.13
C ALA A 111 0.19 11.33 -2.10
N TYR A 112 0.88 11.53 -0.98
CA TYR A 112 0.40 12.43 0.07
C TYR A 112 0.27 13.87 -0.45
N GLN A 113 1.24 14.29 -1.27
CA GLN A 113 1.21 15.64 -1.84
C GLN A 113 0.02 15.82 -2.78
N ILE A 114 -0.13 14.87 -3.70
CA ILE A 114 -1.20 14.96 -4.71
C ILE A 114 -2.57 14.96 -4.04
N LEU A 115 -2.75 14.09 -3.03
CA LEU A 115 -4.03 13.97 -2.34
C LEU A 115 -4.37 15.23 -1.55
N ARG A 116 -3.36 15.78 -0.87
CA ARG A 116 -3.56 17.00 -0.09
C ARG A 116 -4.08 18.15 -0.96
N HIS A 117 -3.54 18.27 -2.18
CA HIS A 117 -3.97 19.30 -3.12
C HIS A 117 -5.42 19.05 -3.53
N LEU A 118 -5.74 17.80 -3.85
CA LEU A 118 -7.09 17.43 -4.25
C LEU A 118 -8.08 17.61 -3.10
N ALA A 119 -7.67 17.24 -1.89
CA ALA A 119 -8.52 17.36 -0.71
C ALA A 119 -8.73 18.83 -0.33
N ALA A 120 -7.65 19.61 -0.38
CA ALA A 120 -7.72 21.04 -0.05
C ALA A 120 -8.55 21.79 -1.09
N ALA A 121 -8.33 21.47 -2.37
CA ALA A 121 -9.06 22.12 -3.46
C ALA A 121 -10.42 21.46 -3.64
N LEU A 1 -8.77 12.37 -11.62
CA LEU A 1 -8.65 12.08 -13.05
C LEU A 1 -8.57 10.58 -13.29
N ALA A 2 -9.10 10.14 -14.43
CA ALA A 2 -9.06 8.73 -14.79
C ALA A 2 -7.62 8.27 -14.98
N ALA A 3 -6.84 9.06 -15.72
CA ALA A 3 -5.43 8.75 -15.96
C ALA A 3 -4.66 8.68 -14.64
N ALA A 4 -4.87 9.67 -13.79
CA ALA A 4 -4.21 9.72 -12.49
C ALA A 4 -4.62 8.52 -11.64
N LEU A 5 -5.93 8.28 -11.58
CA LEU A 5 -6.47 7.15 -10.84
C LEU A 5 -5.92 5.83 -11.36
N ALA A 6 -5.82 5.71 -12.69
CA ALA A 6 -5.29 4.50 -13.32
C ALA A 6 -3.86 4.21 -12.87
N GLU A 7 -3.04 5.27 -12.79
CA GLU A 7 -1.64 5.13 -12.43
C GLU A 7 -1.49 4.63 -10.99
N ILE A 8 -2.28 5.20 -10.08
CA ILE A 8 -2.20 4.83 -8.66
C ILE A 8 -2.64 3.37 -8.46
N TYR A 9 -3.71 2.97 -9.14
CA TYR A 9 -4.23 1.61 -9.01
C TYR A 9 -3.25 0.58 -9.53
N LYS A 10 -2.61 0.88 -10.66
CA LYS A 10 -1.64 -0.04 -11.26
C LYS A 10 -0.44 -0.25 -10.34
N GLY A 11 0.04 0.84 -9.74
CA GLY A 11 1.19 0.77 -8.83
C GLY A 11 0.88 -0.10 -7.61
N LEU A 12 -0.31 0.09 -7.05
CA LEU A 12 -0.74 -0.67 -5.88
C LEU A 12 -0.81 -2.16 -6.19
N ALA A 13 -1.34 -2.50 -7.36
CA ALA A 13 -1.47 -3.90 -7.78
C ALA A 13 -0.10 -4.57 -7.89
N GLU A 14 0.86 -3.84 -8.46
CA GLU A 14 2.21 -4.37 -8.63
C GLU A 14 2.84 -4.70 -7.27
N TYR A 15 2.67 -3.80 -6.31
CA TYR A 15 3.20 -4.01 -4.97
C TYR A 15 2.61 -5.26 -4.32
N GLN A 16 1.30 -5.45 -4.49
CA GLN A 16 0.61 -6.60 -3.94
C GLN A 16 1.16 -7.91 -4.52
N ALA A 17 1.43 -7.91 -5.82
CA ALA A 17 1.95 -9.10 -6.49
C ALA A 17 3.30 -9.51 -5.91
N ARG A 18 4.17 -8.52 -5.72
CA ARG A 18 5.50 -8.77 -5.16
C ARG A 18 5.39 -9.39 -3.76
N LEU A 19 4.50 -8.83 -2.94
CA LEU A 19 4.27 -9.34 -1.59
C LEU A 19 3.83 -10.80 -1.63
N LYS A 20 2.95 -11.15 -2.56
CA LYS A 20 2.42 -12.50 -2.68
C LYS A 20 3.55 -13.50 -2.91
N SER A 21 4.46 -13.16 -3.82
CA SER A 21 5.62 -14.02 -4.10
C SER A 21 6.45 -14.26 -2.84
N LEU A 22 6.64 -13.21 -2.05
CA LEU A 22 7.40 -13.31 -0.80
C LEU A 22 6.74 -14.23 0.23
N GLU A 23 5.42 -14.43 0.14
CA GLU A 23 4.68 -15.20 1.16
C GLU A 23 5.04 -16.68 1.22
N GLY A 24 6.05 -17.14 0.47
CA GLY A 24 6.53 -18.52 0.59
C GLY A 24 7.35 -18.76 1.88
N ILE A 25 7.45 -17.77 2.76
CA ILE A 25 8.12 -17.92 4.05
C ILE A 25 7.33 -18.87 4.95
N SER A 26 7.87 -19.16 6.13
CA SER A 26 7.32 -20.22 6.98
C SER A 26 5.90 -19.89 7.43
N PRO A 27 5.05 -20.88 7.67
CA PRO A 27 3.62 -20.62 8.08
C PRO A 27 3.51 -19.62 9.23
N GLU A 28 4.46 -19.68 10.17
CA GLU A 28 4.45 -18.80 11.34
C GLU A 28 4.35 -17.32 10.94
N LEU A 29 5.04 -16.96 9.87
CA LEU A 29 5.02 -15.59 9.36
C LEU A 29 3.87 -15.41 8.36
N GLY A 30 2.71 -15.94 8.72
CA GLY A 30 1.55 -15.94 7.81
C GLY A 30 0.64 -14.72 8.02
N PRO A 31 0.13 -14.48 9.23
CA PRO A 31 -0.88 -13.38 9.44
C PRO A 31 -0.31 -11.97 9.28
N ALA A 32 1.01 -11.83 9.43
CA ALA A 32 1.66 -10.53 9.28
C ALA A 32 1.50 -10.01 7.85
N LEU A 33 2.13 -10.72 6.91
CA LEU A 33 2.07 -10.33 5.50
C LEU A 33 0.64 -10.37 4.97
N ASP A 34 -0.11 -11.41 5.34
CA ASP A 34 -1.48 -11.58 4.89
C ASP A 34 -2.33 -10.38 5.30
N ALA A 35 -2.19 -9.97 6.56
CA ALA A 35 -2.94 -8.82 7.09
C ALA A 35 -2.69 -7.57 6.27
N LEU A 36 -1.43 -7.34 5.91
CA LEU A 36 -1.06 -6.21 5.07
C LEU A 36 -1.79 -6.25 3.73
N ARG A 37 -1.92 -7.45 3.16
CA ARG A 37 -2.64 -7.63 1.90
C ARG A 37 -4.11 -7.23 2.04
N LEU A 38 -4.72 -7.55 3.18
CA LEU A 38 -6.13 -7.21 3.42
C LEU A 38 -6.31 -5.69 3.41
N ASP A 39 -5.41 -4.98 4.07
CA ASP A 39 -5.50 -3.52 4.16
C ASP A 39 -5.42 -2.88 2.77
N MET A 40 -4.44 -3.34 1.99
CA MET A 40 -4.24 -2.81 0.64
C MET A 40 -5.43 -3.12 -0.28
N ALA A 41 -6.00 -4.31 -0.13
CA ALA A 41 -7.15 -4.72 -0.93
C ALA A 41 -8.38 -3.86 -0.65
N ASP A 42 -8.58 -3.51 0.62
CA ASP A 42 -9.72 -2.68 1.01
C ASP A 42 -9.63 -1.30 0.39
N PHE A 43 -8.44 -0.70 0.44
CA PHE A 43 -8.22 0.63 -0.11
C PHE A 43 -8.44 0.64 -1.62
N ALA A 44 -7.91 -0.39 -2.30
CA ALA A 44 -8.03 -0.50 -3.75
C ALA A 44 -9.47 -0.69 -4.19
N THR A 45 -10.24 -1.46 -3.43
CA THR A 45 -11.64 -1.72 -3.76
C THR A 45 -12.47 -0.44 -3.67
N THR A 46 -12.23 0.35 -2.64
CA THR A 46 -12.95 1.62 -2.46
C THR A 46 -12.70 2.55 -3.63
N MET A 47 -11.43 2.68 -4.03
CA MET A 47 -11.06 3.54 -5.15
C MET A 47 -11.72 3.07 -6.44
N ALA A 48 -11.74 1.76 -6.66
CA ALA A 48 -12.34 1.19 -7.87
C ALA A 48 -13.83 1.54 -7.97
N GLN A 49 -14.53 1.47 -6.83
CA GLN A 49 -15.96 1.80 -6.79
C GLN A 49 -16.18 3.24 -7.22
N ALA A 50 -15.35 4.16 -6.72
CA ALA A 50 -15.45 5.57 -7.08
C ALA A 50 -15.30 5.77 -8.58
N MET A 51 -14.32 5.07 -9.17
CA MET A 51 -14.05 5.17 -10.60
C MET A 51 -15.28 4.75 -11.42
N GLU A 52 -15.91 3.66 -11.01
CA GLU A 52 -17.08 3.14 -11.70
C GLU A 52 -18.21 4.17 -11.73
N GLU A 53 -18.44 4.82 -10.59
CA GLU A 53 -19.48 5.83 -10.47
C GLU A 53 -19.22 6.99 -11.43
N GLY A 54 -17.97 7.46 -11.45
CA GLY A 54 -17.58 8.56 -12.31
C GLY A 54 -18.07 9.89 -11.75
N LEU A 55 -17.86 10.09 -10.45
CA LEU A 55 -18.28 11.32 -9.78
C LEU A 55 -17.17 12.35 -9.82
N ASP A 56 -17.55 13.63 -9.92
CA ASP A 56 -16.59 14.72 -9.97
C ASP A 56 -15.73 14.75 -8.71
N SER A 57 -16.38 14.62 -7.56
CA SER A 57 -15.69 14.63 -6.27
C SER A 57 -16.32 13.63 -5.32
N LEU A 58 -15.48 12.99 -4.50
CA LEU A 58 -15.95 12.00 -3.54
C LEU A 58 -16.27 12.65 -2.20
N PRO A 59 -17.18 12.11 -1.40
CA PRO A 59 -17.59 12.74 -0.11
C PRO A 59 -16.41 13.04 0.80
N GLN A 60 -16.62 13.96 1.74
CA GLN A 60 -15.60 14.30 2.73
C GLN A 60 -15.19 13.08 3.55
N SER A 61 -16.17 12.23 3.90
CA SER A 61 -15.90 11.00 4.64
C SER A 61 -14.91 10.11 3.88
N PHE A 62 -15.03 10.06 2.54
CA PHE A 62 -14.13 9.26 1.72
C PHE A 62 -12.69 9.72 1.90
N LEU A 63 -12.46 11.01 1.71
CA LEU A 63 -11.11 11.57 1.81
C LEU A 63 -10.49 11.31 3.17
N LEU A 64 -11.28 11.49 4.23
CA LEU A 64 -10.79 11.29 5.60
C LEU A 64 -10.37 9.85 5.82
N LYS A 65 -11.19 8.91 5.33
CA LYS A 65 -10.88 7.49 5.43
C LYS A 65 -9.56 7.15 4.74
N ALA A 66 -9.28 7.81 3.61
CA ALA A 66 -8.02 7.60 2.90
C ALA A 66 -6.83 8.01 3.75
N LEU A 67 -6.95 9.12 4.48
CA LEU A 67 -5.85 9.63 5.31
C LEU A 67 -5.50 8.65 6.43
N GLU A 68 -6.51 8.20 7.16
CA GLU A 68 -6.27 7.30 8.30
C GLU A 68 -5.84 5.92 7.83
N GLN A 69 -6.50 5.42 6.78
CA GLN A 69 -6.25 4.06 6.31
C GLN A 69 -4.83 3.91 5.78
N ILE A 70 -4.42 4.81 4.90
CA ILE A 70 -3.07 4.76 4.34
C ILE A 70 -2.00 4.85 5.44
N ARG A 71 -2.27 5.63 6.50
CA ARG A 71 -1.36 5.69 7.65
C ARG A 71 -1.19 4.30 8.28
N LYS A 72 -2.30 3.56 8.38
CA LYS A 72 -2.25 2.21 8.94
C LYS A 72 -1.42 1.29 8.07
N ILE A 73 -1.57 1.39 6.75
CA ILE A 73 -0.86 0.52 5.81
C ILE A 73 0.66 0.73 5.96
N GLN A 74 1.12 1.95 5.69
CA GLN A 74 2.55 2.27 5.77
C GLN A 74 3.14 1.89 7.14
N ALA A 75 2.37 2.12 8.20
CA ALA A 75 2.79 1.76 9.55
C ALA A 75 3.08 0.26 9.65
N ASP A 76 2.18 -0.54 9.08
CA ASP A 76 2.34 -1.99 9.08
C ASP A 76 3.59 -2.42 8.29
N ALA A 77 3.88 -1.72 7.19
CA ALA A 77 5.03 -2.05 6.36
C ALA A 77 6.34 -1.80 7.10
N ALA A 78 6.41 -0.69 7.83
CA ALA A 78 7.62 -0.31 8.55
C ALA A 78 7.90 -1.30 9.68
N ALA A 79 6.87 -1.63 10.45
CA ALA A 79 7.01 -2.56 11.56
C ALA A 79 7.42 -3.95 11.07
N LEU A 80 6.79 -4.39 9.99
CA LEU A 80 7.10 -5.69 9.40
C LEU A 80 8.54 -5.74 8.87
N ARG A 81 9.01 -4.63 8.30
CA ARG A 81 10.36 -4.56 7.75
C ARG A 81 11.40 -4.74 8.86
N GLU A 82 11.18 -4.08 10.00
CA GLU A 82 12.12 -4.15 11.11
C GLU A 82 12.18 -5.56 11.69
N LYS A 83 11.00 -6.17 11.87
CA LYS A 83 10.91 -7.50 12.45
C LYS A 83 11.54 -8.55 11.53
N LEU A 84 11.33 -8.40 10.21
CA LEU A 84 11.85 -9.35 9.24
C LEU A 84 13.37 -9.31 9.18
N ALA A 85 13.93 -8.09 9.18
CA ALA A 85 15.37 -7.92 9.10
C ALA A 85 16.06 -8.56 10.31
N ALA A 86 15.50 -8.33 11.50
CA ALA A 86 16.06 -8.88 12.72
C ALA A 86 16.03 -10.41 12.69
N THR A 87 14.90 -10.96 12.26
CA THR A 87 14.74 -12.41 12.18
C THR A 87 15.61 -13.01 11.09
N TYR A 88 15.59 -12.37 9.91
CA TYR A 88 16.37 -12.85 8.78
C TYR A 88 16.87 -11.67 7.94
N LYS A 89 18.07 -11.82 7.38
CA LYS A 89 18.67 -10.77 6.56
C LYS A 89 19.94 -11.27 5.90
N GLY A 90 20.37 -10.59 4.85
CA GLY A 90 21.58 -10.97 4.12
C GLY A 90 21.25 -11.80 2.88
N ASN A 91 20.32 -12.75 3.03
CA ASN A 91 19.92 -13.61 1.93
C ASN A 91 19.36 -12.79 0.78
N ASP A 92 19.25 -13.42 -0.39
CA ASP A 92 18.75 -12.74 -1.58
C ASP A 92 17.28 -12.35 -1.42
N ARG A 93 16.49 -13.28 -0.88
CA ARG A 93 15.06 -13.05 -0.70
C ARG A 93 14.82 -11.85 0.23
N ALA A 94 15.48 -11.87 1.38
CA ALA A 94 15.33 -10.79 2.37
C ALA A 94 15.69 -9.44 1.76
N ALA A 95 16.80 -9.40 1.02
CA ALA A 95 17.26 -8.17 0.39
C ALA A 95 16.20 -7.58 -0.53
N ALA A 96 15.57 -8.45 -1.32
CA ALA A 96 14.52 -8.03 -2.25
C ALA A 96 13.37 -7.36 -1.50
N ALA A 97 12.97 -7.95 -0.37
CA ALA A 97 11.88 -7.42 0.43
C ALA A 97 12.18 -5.98 0.88
N VAL A 98 13.42 -5.75 1.31
CA VAL A 98 13.84 -4.42 1.75
C VAL A 98 13.70 -3.41 0.60
N GLU A 99 14.10 -3.81 -0.60
CA GLU A 99 14.04 -2.94 -1.77
C GLU A 99 12.60 -2.46 -2.02
N ILE A 100 11.64 -3.37 -1.88
CA ILE A 100 10.23 -3.04 -2.08
C ILE A 100 9.80 -1.98 -1.07
N ALA A 101 10.18 -2.18 0.19
CA ALA A 101 9.83 -1.24 1.26
C ALA A 101 10.39 0.15 0.95
N ALA A 102 11.64 0.20 0.51
CA ALA A 102 12.28 1.47 0.18
C ALA A 102 11.53 2.16 -0.95
N GLN A 103 11.24 1.42 -2.01
CA GLN A 103 10.49 1.95 -3.14
C GLN A 103 9.11 2.41 -2.71
N LEU A 104 8.43 1.60 -1.92
CA LEU A 104 7.09 1.91 -1.42
C LEU A 104 7.09 3.24 -0.65
N GLU A 105 8.12 3.44 0.17
CA GLU A 105 8.23 4.68 0.96
C GLU A 105 8.28 5.90 0.05
N ALA A 106 9.11 5.83 -0.98
CA ALA A 106 9.25 6.93 -1.93
C ALA A 106 7.94 7.18 -2.66
N PHE A 107 7.38 6.12 -3.23
CA PHE A 107 6.10 6.20 -3.94
C PHE A 107 4.99 6.71 -3.02
N LEU A 108 4.98 6.23 -1.78
CA LEU A 108 4.00 6.66 -0.79
C LEU A 108 4.08 8.18 -0.56
N GLU A 109 5.31 8.70 -0.48
CA GLU A 109 5.51 10.13 -0.25
C GLU A 109 4.87 10.95 -1.36
N LYS A 110 5.10 10.54 -2.60
CA LYS A 110 4.54 11.23 -3.76
C LYS A 110 3.01 11.25 -3.69
N ALA A 111 2.42 10.10 -3.38
CA ALA A 111 0.98 9.97 -3.29
C ALA A 111 0.39 10.89 -2.22
N TYR A 112 1.09 11.01 -1.09
CA TYR A 112 0.63 11.87 0.00
C TYR A 112 0.59 13.33 -0.41
N GLN A 113 1.58 13.77 -1.19
CA GLN A 113 1.65 15.15 -1.66
C GLN A 113 0.46 15.48 -2.55
N ILE A 114 0.14 14.56 -3.47
CA ILE A 114 -0.95 14.77 -4.42
C ILE A 114 -2.29 14.86 -3.68
N LEU A 115 -2.50 13.95 -2.73
CA LEU A 115 -3.76 13.90 -1.99
C LEU A 115 -3.96 15.16 -1.16
N ARG A 116 -2.88 15.61 -0.50
CA ARG A 116 -2.94 16.80 0.34
C ARG A 116 -3.37 18.02 -0.47
N HIS A 117 -2.80 18.17 -1.66
CA HIS A 117 -3.15 19.28 -2.55
C HIS A 117 -4.63 19.23 -2.91
N LEU A 118 -5.12 18.03 -3.24
CA LEU A 118 -6.52 17.85 -3.62
C LEU A 118 -7.44 18.18 -2.43
N ALA A 119 -7.17 17.53 -1.30
CA ALA A 119 -7.97 17.75 -0.09
C ALA A 119 -7.90 19.21 0.34
N ALA A 120 -6.69 19.75 0.38
CA ALA A 120 -6.48 21.14 0.77
C ALA A 120 -7.19 22.08 -0.21
N ALA A 121 -7.01 21.83 -1.49
CA ALA A 121 -7.63 22.66 -2.53
C ALA A 121 -9.15 22.54 -2.46
N LEU A 1 -9.63 14.18 -14.32
CA LEU A 1 -8.48 13.40 -13.90
C LEU A 1 -8.61 11.96 -14.35
N ALA A 2 -7.54 11.43 -14.94
CA ALA A 2 -7.53 10.05 -15.42
C ALA A 2 -6.11 9.50 -15.44
N ALA A 3 -5.19 10.29 -15.98
CA ALA A 3 -3.78 9.89 -16.05
C ALA A 3 -3.22 9.65 -14.66
N ALA A 4 -3.49 10.59 -13.76
CA ALA A 4 -3.02 10.48 -12.38
C ALA A 4 -3.65 9.26 -11.70
N LEU A 5 -4.97 9.14 -11.82
CA LEU A 5 -5.70 8.02 -11.23
C LEU A 5 -5.19 6.69 -11.76
N ALA A 6 -4.97 6.63 -13.08
CA ALA A 6 -4.46 5.43 -13.73
C ALA A 6 -3.11 5.01 -13.14
N GLU A 7 -2.24 5.99 -12.88
CA GLU A 7 -0.92 5.73 -12.33
C GLU A 7 -1.00 5.08 -10.95
N ILE A 8 -1.91 5.60 -10.12
CA ILE A 8 -2.07 5.09 -8.75
C ILE A 8 -2.53 3.62 -8.79
N TYR A 9 -3.50 3.33 -9.65
CA TYR A 9 -4.06 1.98 -9.74
C TYR A 9 -2.99 0.96 -10.18
N LYS A 10 -2.20 1.35 -11.18
CA LYS A 10 -1.15 0.47 -11.72
C LYS A 10 -0.11 0.16 -10.65
N GLY A 11 0.29 1.18 -9.89
CA GLY A 11 1.28 1.01 -8.83
C GLY A 11 0.80 0.02 -7.77
N LEU A 12 -0.47 0.14 -7.39
CA LEU A 12 -1.05 -0.75 -6.39
C LEU A 12 -1.02 -2.20 -6.86
N ALA A 13 -1.35 -2.43 -8.13
CA ALA A 13 -1.36 -3.78 -8.69
C ALA A 13 0.04 -4.40 -8.60
N GLU A 14 1.06 -3.62 -8.95
CA GLU A 14 2.44 -4.11 -8.92
C GLU A 14 2.84 -4.51 -7.51
N TYR A 15 2.45 -3.71 -6.52
CA TYR A 15 2.77 -4.01 -5.12
C TYR A 15 2.09 -5.29 -4.65
N GLN A 16 0.87 -5.55 -5.13
CA GLN A 16 0.13 -6.75 -4.74
C GLN A 16 0.83 -8.01 -5.23
N ALA A 17 1.31 -7.98 -6.48
CA ALA A 17 1.97 -9.14 -7.08
C ALA A 17 3.26 -9.47 -6.33
N ARG A 18 4.07 -8.44 -6.09
CA ARG A 18 5.34 -8.62 -5.40
C ARG A 18 5.12 -9.19 -4.00
N LEU A 19 4.15 -8.61 -3.28
CA LEU A 19 3.80 -9.09 -1.95
C LEU A 19 3.39 -10.56 -1.97
N LYS A 20 2.67 -10.98 -3.02
CA LYS A 20 2.23 -12.36 -3.16
C LYS A 20 3.42 -13.33 -3.13
N SER A 21 4.47 -13.00 -3.89
CA SER A 21 5.68 -13.82 -3.90
C SER A 21 6.29 -13.90 -2.49
N LEU A 22 6.31 -12.77 -1.79
CA LEU A 22 6.83 -12.72 -0.42
C LEU A 22 6.09 -13.70 0.52
N GLU A 23 4.86 -14.10 0.19
CA GLU A 23 4.03 -14.91 1.09
C GLU A 23 4.56 -16.34 1.33
N GLY A 24 5.77 -16.67 0.85
CA GLY A 24 6.38 -17.96 1.17
C GLY A 24 7.13 -17.96 2.52
N ILE A 25 6.69 -17.12 3.46
CA ILE A 25 7.30 -17.09 4.80
C ILE A 25 6.69 -18.18 5.69
N SER A 26 7.21 -18.30 6.91
CA SER A 26 6.77 -19.36 7.81
C SER A 26 5.31 -19.15 8.23
N PRO A 27 4.54 -20.20 8.47
CA PRO A 27 3.08 -20.05 8.80
C PRO A 27 2.86 -19.16 10.03
N GLU A 28 3.75 -19.28 11.01
CA GLU A 28 3.66 -18.48 12.24
C GLU A 28 3.60 -16.98 11.94
N LEU A 29 4.34 -16.55 10.91
CA LEU A 29 4.35 -15.14 10.51
C LEU A 29 3.24 -14.86 9.47
N GLY A 30 2.06 -15.44 9.71
CA GLY A 30 0.95 -15.34 8.76
C GLY A 30 0.04 -14.15 9.08
N PRO A 31 -0.50 -14.04 10.28
CA PRO A 31 -1.45 -12.93 10.63
C PRO A 31 -0.94 -11.55 10.19
N ALA A 32 0.36 -11.32 10.36
CA ALA A 32 0.96 -10.04 10.01
C ALA A 32 0.84 -9.75 8.52
N LEU A 33 1.47 -10.59 7.71
CA LEU A 33 1.51 -10.38 6.26
C LEU A 33 0.09 -10.36 5.68
N ASP A 34 -0.66 -11.42 5.93
CA ASP A 34 -2.03 -11.54 5.42
C ASP A 34 -2.89 -10.34 5.78
N ALA A 35 -2.71 -9.81 6.99
CA ALA A 35 -3.43 -8.63 7.43
C ALA A 35 -3.16 -7.44 6.51
N LEU A 36 -1.88 -7.24 6.18
CA LEU A 36 -1.48 -6.17 5.28
C LEU A 36 -2.14 -6.33 3.91
N ARG A 37 -2.18 -7.56 3.41
CA ARG A 37 -2.78 -7.85 2.11
C ARG A 37 -4.29 -7.55 2.10
N LEU A 38 -4.96 -7.83 3.21
CA LEU A 38 -6.40 -7.59 3.32
C LEU A 38 -6.71 -6.09 3.25
N ASP A 39 -5.91 -5.29 3.94
CA ASP A 39 -6.10 -3.83 3.94
C ASP A 39 -5.89 -3.26 2.53
N MET A 40 -4.84 -3.71 1.86
CA MET A 40 -4.53 -3.25 0.51
C MET A 40 -5.65 -3.61 -0.48
N ALA A 41 -6.17 -4.84 -0.34
CA ALA A 41 -7.23 -5.31 -1.22
C ALA A 41 -8.50 -4.48 -1.06
N ASP A 42 -8.83 -4.13 0.18
CA ASP A 42 -10.02 -3.32 0.46
C ASP A 42 -9.91 -1.95 -0.21
N PHE A 43 -8.73 -1.34 -0.11
CA PHE A 43 -8.48 -0.04 -0.72
C PHE A 43 -8.63 -0.10 -2.24
N ALA A 44 -8.11 -1.18 -2.83
CA ALA A 44 -8.16 -1.36 -4.29
C ALA A 44 -9.59 -1.56 -4.78
N THR A 45 -10.41 -2.28 -4.00
CA THR A 45 -11.79 -2.56 -4.39
C THR A 45 -12.61 -1.27 -4.45
N THR A 46 -12.68 -0.56 -3.32
CA THR A 46 -13.43 0.68 -3.24
C THR A 46 -12.92 1.70 -4.27
N MET A 47 -11.60 1.78 -4.43
CA MET A 47 -10.99 2.73 -5.35
C MET A 47 -11.36 2.43 -6.80
N ALA A 48 -11.37 1.14 -7.15
CA ALA A 48 -11.66 0.72 -8.52
C ALA A 48 -13.09 1.08 -8.91
N GLN A 49 -14.05 0.55 -8.17
CA GLN A 49 -15.47 0.79 -8.44
C GLN A 49 -15.80 2.28 -8.47
N ALA A 50 -15.22 3.04 -7.54
CA ALA A 50 -15.45 4.48 -7.46
C ALA A 50 -14.97 5.17 -8.72
N MET A 51 -13.77 4.79 -9.19
CA MET A 51 -13.19 5.39 -10.39
C MET A 51 -14.09 5.19 -11.60
N GLU A 52 -14.64 3.98 -11.74
CA GLU A 52 -15.53 3.67 -12.85
C GLU A 52 -16.77 4.55 -12.84
N GLU A 53 -17.35 4.72 -11.65
CA GLU A 53 -18.54 5.55 -11.49
C GLU A 53 -18.24 7.00 -11.83
N GLY A 54 -17.14 7.50 -11.29
CA GLY A 54 -16.74 8.89 -11.53
C GLY A 54 -17.60 9.86 -10.73
N LEU A 55 -17.44 9.83 -9.41
CA LEU A 55 -18.21 10.71 -8.54
C LEU A 55 -17.70 12.15 -8.65
N ASP A 56 -18.62 13.10 -8.65
CA ASP A 56 -18.28 14.51 -8.76
C ASP A 56 -17.38 14.94 -7.59
N SER A 57 -17.76 14.53 -6.39
CA SER A 57 -17.00 14.86 -5.19
C SER A 57 -17.08 13.74 -4.16
N LEU A 58 -16.42 13.94 -3.02
CA LEU A 58 -16.43 12.96 -1.94
C LEU A 58 -16.50 13.66 -0.58
N PRO A 59 -16.96 12.99 0.47
CA PRO A 59 -17.10 13.63 1.81
C PRO A 59 -15.78 13.65 2.57
N GLN A 60 -15.68 14.58 3.53
CA GLN A 60 -14.48 14.70 4.35
C GLN A 60 -14.14 13.39 5.08
N SER A 61 -15.17 12.69 5.54
CA SER A 61 -14.99 11.41 6.22
C SER A 61 -14.28 10.40 5.32
N PHE A 62 -14.67 10.35 4.05
CA PHE A 62 -14.07 9.42 3.10
C PHE A 62 -12.59 9.70 2.91
N LEU A 63 -12.25 10.98 2.69
CA LEU A 63 -10.86 11.36 2.46
C LEU A 63 -9.98 10.98 3.66
N LEU A 64 -10.49 11.24 4.86
CA LEU A 64 -9.75 10.93 6.09
C LEU A 64 -9.51 9.43 6.23
N LYS A 65 -10.50 8.63 5.86
CA LYS A 65 -10.38 7.17 5.94
C LYS A 65 -9.29 6.64 5.00
N ALA A 66 -9.18 7.24 3.81
CA ALA A 66 -8.18 6.83 2.84
C ALA A 66 -6.77 7.09 3.34
N LEU A 67 -6.56 8.28 3.92
CA LEU A 67 -5.25 8.68 4.43
C LEU A 67 -4.83 7.80 5.60
N GLU A 68 -5.78 7.54 6.51
CA GLU A 68 -5.49 6.74 7.70
C GLU A 68 -5.23 5.27 7.34
N GLN A 69 -5.97 4.76 6.35
CA GLN A 69 -5.83 3.36 5.94
C GLN A 69 -4.43 3.10 5.40
N ILE A 70 -4.06 3.84 4.35
CA ILE A 70 -2.75 3.68 3.72
C ILE A 70 -1.61 3.88 4.73
N ARG A 71 -1.77 4.87 5.61
CA ARG A 71 -0.76 5.15 6.64
C ARG A 71 -0.59 3.97 7.58
N LYS A 72 -1.71 3.33 7.95
CA LYS A 72 -1.67 2.18 8.85
C LYS A 72 -0.93 1.00 8.23
N ILE A 73 -1.17 0.77 6.93
CA ILE A 73 -0.54 -0.35 6.23
C ILE A 73 0.98 -0.13 6.10
N GLN A 74 1.39 1.12 5.84
CA GLN A 74 2.80 1.44 5.67
C GLN A 74 3.57 1.31 6.98
N ALA A 75 2.96 1.77 8.08
CA ALA A 75 3.62 1.72 9.38
C ALA A 75 3.81 0.27 9.83
N ASP A 76 2.75 -0.52 9.70
CA ASP A 76 2.79 -1.94 10.08
C ASP A 76 3.85 -2.67 9.26
N ALA A 77 3.84 -2.43 7.95
CA ALA A 77 4.80 -3.06 7.04
C ALA A 77 6.23 -2.75 7.46
N ALA A 78 6.49 -1.50 7.87
CA ALA A 78 7.81 -1.10 8.35
C ALA A 78 8.24 -1.95 9.54
N ALA A 79 7.30 -2.22 10.46
CA ALA A 79 7.57 -3.07 11.61
C ALA A 79 8.03 -4.46 11.17
N LEU A 80 7.35 -5.00 10.15
CA LEU A 80 7.73 -6.31 9.60
C LEU A 80 9.14 -6.29 9.05
N ARG A 81 9.53 -5.19 8.39
CA ARG A 81 10.86 -5.07 7.81
C ARG A 81 11.94 -5.10 8.89
N GLU A 82 11.69 -4.42 10.01
CA GLU A 82 12.65 -4.36 11.11
C GLU A 82 12.87 -5.73 11.74
N LYS A 83 11.77 -6.45 11.97
CA LYS A 83 11.83 -7.75 12.62
C LYS A 83 12.53 -8.79 11.73
N LEU A 84 12.25 -8.75 10.43
CA LEU A 84 12.83 -9.71 9.50
C LEU A 84 14.34 -9.49 9.35
N ALA A 85 14.74 -8.23 9.22
CA ALA A 85 16.15 -7.90 9.07
C ALA A 85 16.96 -8.36 10.27
N ALA A 86 16.43 -8.10 11.47
CA ALA A 86 17.10 -8.51 12.70
C ALA A 86 17.25 -10.03 12.77
N THR A 87 16.18 -10.73 12.43
CA THR A 87 16.19 -12.20 12.46
C THR A 87 17.15 -12.75 11.42
N TYR A 88 17.07 -12.22 10.20
CA TYR A 88 17.93 -12.67 9.11
C TYR A 88 18.11 -11.56 8.08
N LYS A 89 19.14 -11.69 7.24
CA LYS A 89 19.42 -10.71 6.21
C LYS A 89 20.53 -11.20 5.29
N GLY A 90 20.67 -10.56 4.13
CA GLY A 90 21.69 -10.94 3.16
C GLY A 90 21.10 -11.74 2.00
N ASN A 91 20.19 -12.66 2.32
CA ASN A 91 19.57 -13.52 1.31
C ASN A 91 18.86 -12.69 0.26
N ASP A 92 18.63 -13.30 -0.90
CA ASP A 92 17.97 -12.61 -2.01
C ASP A 92 16.54 -12.20 -1.64
N ARG A 93 15.82 -13.11 -0.99
CA ARG A 93 14.43 -12.84 -0.61
C ARG A 93 14.34 -11.62 0.30
N ALA A 94 15.21 -11.57 1.31
CA ALA A 94 15.22 -10.46 2.26
C ALA A 94 15.47 -9.15 1.54
N ALA A 95 16.44 -9.13 0.63
CA ALA A 95 16.77 -7.93 -0.13
C ALA A 95 15.56 -7.40 -0.90
N ALA A 96 14.80 -8.31 -1.51
CA ALA A 96 13.62 -7.94 -2.28
C ALA A 96 12.62 -7.22 -1.40
N ALA A 97 12.36 -7.77 -0.21
CA ALA A 97 11.42 -7.19 0.73
C ALA A 97 11.77 -5.74 1.07
N VAL A 98 13.07 -5.49 1.27
CA VAL A 98 13.54 -4.13 1.55
C VAL A 98 13.20 -3.20 0.39
N GLU A 99 13.43 -3.66 -0.84
CA GLU A 99 13.18 -2.86 -2.04
C GLU A 99 11.70 -2.47 -2.10
N ILE A 100 10.83 -3.44 -1.86
CA ILE A 100 9.38 -3.19 -1.90
C ILE A 100 9.00 -2.15 -0.84
N ALA A 101 9.51 -2.34 0.37
CA ALA A 101 9.23 -1.42 1.48
C ALA A 101 9.71 -0.01 1.14
N ALA A 102 10.93 0.07 0.59
CA ALA A 102 11.51 1.36 0.22
C ALA A 102 10.63 2.07 -0.82
N GLN A 103 10.21 1.31 -1.83
CA GLN A 103 9.35 1.85 -2.88
C GLN A 103 8.05 2.40 -2.29
N LEU A 104 7.45 1.65 -1.36
CA LEU A 104 6.21 2.07 -0.71
C LEU A 104 6.39 3.41 0.00
N GLU A 105 7.52 3.55 0.70
CA GLU A 105 7.81 4.79 1.42
C GLU A 105 7.88 5.97 0.45
N ALA A 106 8.61 5.78 -0.65
CA ALA A 106 8.72 6.80 -1.68
C ALA A 106 7.35 7.07 -2.29
N PHE A 107 6.66 6.00 -2.68
CA PHE A 107 5.33 6.11 -3.24
C PHE A 107 4.36 6.81 -2.29
N LEU A 108 4.52 6.59 -0.98
CA LEU A 108 3.69 7.24 0.02
C LEU A 108 3.88 8.76 0.01
N GLU A 109 5.13 9.20 -0.13
CA GLU A 109 5.44 10.63 -0.15
C GLU A 109 4.75 11.33 -1.32
N LYS A 110 4.98 10.81 -2.53
CA LYS A 110 4.40 11.42 -3.73
C LYS A 110 2.88 11.41 -3.66
N ALA A 111 2.32 10.26 -3.29
CA ALA A 111 0.88 10.12 -3.16
C ALA A 111 0.28 11.11 -2.16
N TYR A 112 1.01 11.40 -1.08
CA TYR A 112 0.56 12.33 -0.07
C TYR A 112 0.44 13.75 -0.63
N GLN A 113 1.43 14.15 -1.45
CA GLN A 113 1.44 15.48 -2.05
C GLN A 113 0.24 15.66 -2.99
N ILE A 114 -0.01 14.65 -3.82
CA ILE A 114 -1.08 14.74 -4.82
C ILE A 114 -2.45 14.77 -4.14
N LEU A 115 -2.64 13.89 -3.15
CA LEU A 115 -3.92 13.78 -2.45
C LEU A 115 -4.23 15.07 -1.69
N ARG A 116 -3.21 15.62 -1.03
CA ARG A 116 -3.37 16.86 -0.27
C ARG A 116 -3.85 18.00 -1.16
N HIS A 117 -3.24 18.11 -2.35
CA HIS A 117 -3.62 19.13 -3.31
C HIS A 117 -5.09 18.97 -3.72
N LEU A 118 -5.50 17.73 -3.98
CA LEU A 118 -6.87 17.44 -4.39
C LEU A 118 -7.83 17.68 -3.24
N ALA A 119 -7.48 17.16 -2.06
CA ALA A 119 -8.32 17.32 -0.87
C ALA A 119 -8.50 18.79 -0.54
N ALA A 120 -7.39 19.53 -0.54
CA ALA A 120 -7.43 20.97 -0.25
C ALA A 120 -8.30 21.69 -1.28
N ALA A 121 -8.09 21.36 -2.56
CA ALA A 121 -8.85 21.99 -3.64
C ALA A 121 -10.23 21.33 -3.76
N LEU A 1 -9.77 12.55 -12.02
CA LEU A 1 -8.55 12.29 -12.76
C LEU A 1 -8.40 10.81 -13.05
N ALA A 2 -8.87 10.40 -14.23
CA ALA A 2 -8.80 9.00 -14.65
C ALA A 2 -7.35 8.53 -14.70
N ALA A 3 -6.49 9.34 -15.32
CA ALA A 3 -5.08 9.01 -15.45
C ALA A 3 -4.44 8.85 -14.07
N ALA A 4 -4.72 9.80 -13.18
CA ALA A 4 -4.17 9.76 -11.83
C ALA A 4 -4.60 8.49 -11.10
N LEU A 5 -5.90 8.19 -11.18
CA LEU A 5 -6.45 7.00 -10.53
C LEU A 5 -5.78 5.73 -11.05
N ALA A 6 -5.61 5.65 -12.37
CA ALA A 6 -4.98 4.49 -12.99
C ALA A 6 -3.56 4.28 -12.46
N GLU A 7 -2.80 5.37 -12.36
CA GLU A 7 -1.42 5.30 -11.88
C GLU A 7 -1.38 4.74 -10.47
N ILE A 8 -2.19 5.32 -9.58
CA ILE A 8 -2.24 4.88 -8.18
C ILE A 8 -2.71 3.43 -8.12
N TYR A 9 -3.79 3.12 -8.83
CA TYR A 9 -4.35 1.78 -8.84
C TYR A 9 -3.33 0.77 -9.36
N LYS A 10 -2.66 1.13 -10.46
CA LYS A 10 -1.67 0.26 -11.07
C LYS A 10 -0.54 -0.03 -10.08
N GLY A 11 -0.06 1.01 -9.42
CA GLY A 11 1.03 0.87 -8.45
C GLY A 11 0.65 -0.09 -7.33
N LEU A 12 -0.57 0.07 -6.82
CA LEU A 12 -1.06 -0.78 -5.73
C LEU A 12 -1.07 -2.24 -6.15
N ALA A 13 -1.56 -2.51 -7.36
CA ALA A 13 -1.63 -3.87 -7.89
C ALA A 13 -0.23 -4.48 -7.96
N GLU A 14 0.74 -3.72 -8.46
CA GLU A 14 2.11 -4.19 -8.59
C GLU A 14 2.68 -4.60 -7.23
N TYR A 15 2.45 -3.74 -6.22
CA TYR A 15 2.94 -4.02 -4.87
C TYR A 15 2.37 -5.33 -4.33
N GLN A 16 1.07 -5.52 -4.53
CA GLN A 16 0.41 -6.74 -4.06
C GLN A 16 1.04 -7.98 -4.70
N ALA A 17 1.29 -7.92 -6.00
CA ALA A 17 1.89 -9.03 -6.73
C ALA A 17 3.27 -9.38 -6.15
N ARG A 18 4.07 -8.36 -5.87
CA ARG A 18 5.40 -8.56 -5.32
C ARG A 18 5.33 -9.32 -3.99
N LEU A 19 4.39 -8.92 -3.13
CA LEU A 19 4.23 -9.57 -1.83
C LEU A 19 3.89 -11.04 -2.00
N LYS A 20 2.98 -11.33 -2.94
CA LYS A 20 2.54 -12.70 -3.18
C LYS A 20 3.65 -13.57 -3.76
N SER A 21 4.53 -12.98 -4.57
CA SER A 21 5.68 -13.70 -5.11
C SER A 21 6.68 -14.05 -4.00
N LEU A 22 6.82 -13.15 -3.00
CA LEU A 22 7.70 -13.37 -1.84
C LEU A 22 7.04 -14.24 -0.76
N GLU A 23 5.70 -14.28 -0.73
CA GLU A 23 4.96 -14.71 0.46
C GLU A 23 5.45 -16.03 1.05
N GLY A 24 6.01 -16.91 0.22
CA GLY A 24 6.54 -18.18 0.73
C GLY A 24 7.80 -17.93 1.54
N ILE A 25 7.61 -17.48 2.78
CA ILE A 25 8.73 -17.27 3.70
C ILE A 25 8.28 -17.50 5.15
N SER A 26 8.57 -18.68 5.67
CA SER A 26 8.19 -19.04 7.04
C SER A 26 6.65 -18.95 7.20
N PRO A 27 5.90 -19.89 6.66
CA PRO A 27 4.40 -19.86 6.74
C PRO A 27 3.87 -19.52 8.13
N GLU A 28 4.67 -19.76 9.18
CA GLU A 28 4.26 -19.49 10.55
C GLU A 28 3.91 -18.01 10.73
N LEU A 29 4.85 -17.14 10.36
CA LEU A 29 4.64 -15.70 10.45
C LEU A 29 3.97 -15.19 9.18
N GLY A 30 2.84 -15.81 8.83
CA GLY A 30 2.10 -15.47 7.62
C GLY A 30 0.93 -14.52 7.92
N PRO A 31 0.02 -14.86 8.83
CA PRO A 31 -1.18 -14.00 9.12
C PRO A 31 -0.86 -12.51 9.24
N ALA A 32 0.38 -12.19 9.63
CA ALA A 32 0.79 -10.80 9.75
C ALA A 32 0.73 -10.11 8.39
N LEU A 33 1.44 -10.70 7.42
CA LEU A 33 1.45 -10.17 6.06
C LEU A 33 0.05 -10.12 5.47
N ASP A 34 -0.73 -11.18 5.69
CA ASP A 34 -2.10 -11.26 5.18
C ASP A 34 -2.95 -10.09 5.66
N ALA A 35 -2.80 -9.74 6.94
CA ALA A 35 -3.54 -8.63 7.52
C ALA A 35 -3.21 -7.33 6.78
N LEU A 36 -1.92 -7.09 6.57
CA LEU A 36 -1.47 -5.90 5.87
C LEU A 36 -1.98 -5.88 4.44
N ARG A 37 -1.85 -7.03 3.75
CA ARG A 37 -2.30 -7.16 2.38
C ARG A 37 -3.79 -6.84 2.24
N LEU A 38 -4.59 -7.34 3.19
CA LEU A 38 -6.03 -7.12 3.17
C LEU A 38 -6.35 -5.62 3.20
N ASP A 39 -5.65 -4.88 4.06
CA ASP A 39 -5.85 -3.44 4.17
C ASP A 39 -5.56 -2.75 2.84
N MET A 40 -4.44 -3.12 2.23
CA MET A 40 -4.04 -2.55 0.94
C MET A 40 -5.07 -2.89 -0.14
N ALA A 41 -5.49 -4.16 -0.17
CA ALA A 41 -6.46 -4.62 -1.16
C ALA A 41 -7.77 -3.85 -1.05
N ASP A 42 -8.22 -3.63 0.19
CA ASP A 42 -9.47 -2.90 0.44
C ASP A 42 -9.39 -1.49 -0.15
N PHE A 43 -8.27 -0.82 0.08
CA PHE A 43 -8.06 0.53 -0.42
C PHE A 43 -8.14 0.55 -1.95
N ALA A 44 -7.46 -0.39 -2.59
CA ALA A 44 -7.46 -0.49 -4.04
C ALA A 44 -8.86 -0.77 -4.56
N THR A 45 -9.54 -1.72 -3.93
CA THR A 45 -10.91 -2.08 -4.33
C THR A 45 -11.84 -0.89 -4.22
N THR A 46 -11.74 -0.16 -3.11
CA THR A 46 -12.59 1.02 -2.89
C THR A 46 -12.37 2.06 -3.98
N MET A 47 -11.10 2.31 -4.29
CA MET A 47 -10.75 3.28 -5.33
C MET A 47 -11.35 2.88 -6.67
N ALA A 48 -11.21 1.60 -7.01
CA ALA A 48 -11.74 1.09 -8.28
C ALA A 48 -13.25 1.28 -8.35
N GLN A 49 -13.94 0.95 -7.26
CA GLN A 49 -15.40 1.08 -7.21
C GLN A 49 -15.82 2.54 -7.44
N ALA A 50 -15.12 3.46 -6.80
CA ALA A 50 -15.42 4.89 -6.94
C ALA A 50 -15.28 5.33 -8.39
N MET A 51 -14.22 4.88 -9.05
CA MET A 51 -13.96 5.23 -10.44
C MET A 51 -15.12 4.79 -11.34
N GLU A 52 -15.62 3.59 -11.10
CA GLU A 52 -16.73 3.04 -11.89
C GLU A 52 -17.95 3.95 -11.81
N GLU A 53 -18.25 4.44 -10.61
CA GLU A 53 -19.41 5.32 -10.41
C GLU A 53 -19.29 6.58 -11.26
N GLY A 54 -18.09 7.18 -11.25
CA GLY A 54 -17.83 8.40 -12.02
C GLY A 54 -18.48 9.60 -11.36
N LEU A 55 -18.20 9.78 -10.06
CA LEU A 55 -18.75 10.89 -9.31
C LEU A 55 -17.94 12.16 -9.57
N ASP A 56 -18.61 13.31 -9.50
CA ASP A 56 -17.96 14.60 -9.73
C ASP A 56 -16.84 14.82 -8.72
N SER A 57 -17.14 14.55 -7.44
CA SER A 57 -16.15 14.72 -6.37
C SER A 57 -16.37 13.68 -5.28
N LEU A 58 -15.32 13.42 -4.51
CA LEU A 58 -15.39 12.45 -3.42
C LEU A 58 -15.91 13.10 -2.15
N PRO A 59 -16.52 12.36 -1.23
CA PRO A 59 -17.06 12.95 0.04
C PRO A 59 -15.95 13.13 1.08
N GLN A 60 -16.27 13.90 2.13
CA GLN A 60 -15.32 14.17 3.19
C GLN A 60 -14.89 12.89 3.89
N SER A 61 -15.85 12.00 4.16
CA SER A 61 -15.58 10.74 4.84
C SER A 61 -14.54 9.91 4.08
N PHE A 62 -14.70 9.85 2.77
CA PHE A 62 -13.78 9.08 1.92
C PHE A 62 -12.36 9.62 2.05
N LEU A 63 -12.23 10.94 1.99
CA LEU A 63 -10.92 11.59 2.08
C LEU A 63 -10.32 11.35 3.48
N LEU A 64 -11.11 11.63 4.51
CA LEU A 64 -10.65 11.48 5.89
C LEU A 64 -10.24 10.03 6.16
N LYS A 65 -11.09 9.09 5.74
CA LYS A 65 -10.82 7.68 5.93
C LYS A 65 -9.52 7.27 5.24
N ALA A 66 -9.36 7.71 4.00
CA ALA A 66 -8.16 7.40 3.23
C ALA A 66 -6.91 7.98 3.89
N LEU A 67 -7.02 9.23 4.36
CA LEU A 67 -5.88 9.90 5.00
C LEU A 67 -5.37 9.12 6.20
N GLU A 68 -6.29 8.59 7.01
CA GLU A 68 -5.92 7.83 8.20
C GLU A 68 -5.61 6.36 7.87
N GLN A 69 -6.39 5.78 6.96
CA GLN A 69 -6.22 4.38 6.59
C GLN A 69 -4.82 4.14 6.03
N ILE A 70 -4.40 4.99 5.09
CA ILE A 70 -3.09 4.86 4.46
C ILE A 70 -1.97 4.93 5.51
N ARG A 71 -2.11 5.83 6.48
CA ARG A 71 -1.10 5.99 7.53
C ARG A 71 -0.92 4.70 8.31
N LYS A 72 -2.03 4.05 8.65
CA LYS A 72 -1.99 2.79 9.39
C LYS A 72 -1.20 1.73 8.63
N ILE A 73 -1.44 1.63 7.33
CA ILE A 73 -0.75 0.66 6.49
C ILE A 73 0.75 0.92 6.51
N GLN A 74 1.14 2.19 6.34
CA GLN A 74 2.54 2.57 6.34
C GLN A 74 3.22 2.18 7.66
N ALA A 75 2.54 2.48 8.77
CA ALA A 75 3.08 2.17 10.09
C ALA A 75 3.29 0.67 10.24
N ASP A 76 2.29 -0.11 9.85
CA ASP A 76 2.37 -1.57 9.92
C ASP A 76 3.49 -2.11 9.04
N ALA A 77 3.56 -1.59 7.80
CA ALA A 77 4.58 -2.02 6.85
C ALA A 77 5.97 -1.77 7.41
N ALA A 78 6.18 -0.58 7.99
CA ALA A 78 7.48 -0.21 8.55
C ALA A 78 7.88 -1.19 9.65
N ALA A 79 6.95 -1.50 10.54
CA ALA A 79 7.20 -2.42 11.64
C ALA A 79 7.55 -3.81 11.11
N LEU A 80 6.78 -4.27 10.12
CA LEU A 80 7.00 -5.59 9.54
C LEU A 80 8.41 -5.71 8.97
N ARG A 81 8.86 -4.68 8.27
CA ARG A 81 10.19 -4.67 7.65
C ARG A 81 11.27 -4.85 8.71
N GLU A 82 11.15 -4.12 9.82
CA GLU A 82 12.12 -4.20 10.90
C GLU A 82 12.17 -5.61 11.47
N LYS A 83 11.00 -6.19 11.72
CA LYS A 83 10.91 -7.55 12.26
C LYS A 83 11.42 -8.56 11.24
N LEU A 84 10.99 -8.42 9.99
CA LEU A 84 11.40 -9.33 8.94
C LEU A 84 12.92 -9.31 8.75
N ALA A 85 13.49 -8.10 8.74
CA ALA A 85 14.93 -7.94 8.57
C ALA A 85 15.69 -8.64 9.71
N ALA A 86 15.23 -8.41 10.93
CA ALA A 86 15.85 -9.02 12.10
C ALA A 86 15.77 -10.54 12.03
N THR A 87 14.59 -11.05 11.69
CA THR A 87 14.37 -12.49 11.58
C THR A 87 15.31 -13.10 10.54
N TYR A 88 15.41 -12.45 9.39
CA TYR A 88 16.27 -12.93 8.30
C TYR A 88 16.94 -11.76 7.59
N LYS A 89 18.24 -11.91 7.34
CA LYS A 89 19.02 -10.86 6.67
C LYS A 89 20.20 -11.46 5.92
N GLY A 90 20.60 -10.82 4.83
CA GLY A 90 21.73 -11.29 4.02
C GLY A 90 21.24 -12.10 2.83
N ASN A 91 20.27 -12.99 3.07
CA ASN A 91 19.73 -13.82 2.01
C ASN A 91 19.12 -12.97 0.91
N ASP A 92 19.17 -13.48 -0.32
CA ASP A 92 18.63 -12.77 -1.48
C ASP A 92 17.14 -12.51 -1.30
N ARG A 93 16.41 -13.53 -0.87
CA ARG A 93 14.97 -13.42 -0.66
C ARG A 93 14.64 -12.34 0.36
N ALA A 94 15.38 -12.35 1.48
CA ALA A 94 15.18 -11.37 2.54
C ALA A 94 15.61 -9.99 2.08
N ALA A 95 16.80 -9.92 1.48
CA ALA A 95 17.34 -8.65 0.99
C ALA A 95 16.41 -8.01 -0.04
N ALA A 96 15.90 -8.83 -0.96
CA ALA A 96 15.01 -8.33 -2.00
C ALA A 96 13.77 -7.68 -1.41
N ALA A 97 13.19 -8.32 -0.39
CA ALA A 97 12.00 -7.80 0.27
C ALA A 97 12.21 -6.39 0.81
N VAL A 98 13.38 -6.16 1.41
CA VAL A 98 13.72 -4.85 1.97
C VAL A 98 13.69 -3.79 0.87
N GLU A 99 14.30 -4.10 -0.28
CA GLU A 99 14.35 -3.17 -1.39
C GLU A 99 12.95 -2.75 -1.84
N ILE A 100 12.05 -3.72 -1.92
CA ILE A 100 10.66 -3.45 -2.32
C ILE A 100 10.01 -2.50 -1.32
N ALA A 101 10.18 -2.79 -0.03
CA ALA A 101 9.60 -1.97 1.03
C ALA A 101 10.08 -0.52 0.92
N ALA A 102 11.38 -0.34 0.66
CA ALA A 102 11.96 1.00 0.54
C ALA A 102 11.29 1.78 -0.59
N GLN A 103 11.09 1.12 -1.72
CA GLN A 103 10.44 1.75 -2.87
C GLN A 103 9.03 2.22 -2.51
N LEU A 104 8.29 1.37 -1.79
CA LEU A 104 6.92 1.69 -1.38
C LEU A 104 6.88 2.98 -0.58
N GLU A 105 7.84 3.15 0.34
CA GLU A 105 7.91 4.34 1.19
C GLU A 105 8.02 5.60 0.34
N ALA A 106 8.89 5.56 -0.66
CA ALA A 106 9.09 6.70 -1.55
C ALA A 106 7.80 7.01 -2.32
N PHE A 107 7.20 5.97 -2.88
CA PHE A 107 5.95 6.12 -3.63
C PHE A 107 4.85 6.72 -2.76
N LEU A 108 4.75 6.23 -1.52
CA LEU A 108 3.73 6.71 -0.58
C LEU A 108 3.82 8.22 -0.37
N GLU A 109 5.05 8.73 -0.25
CA GLU A 109 5.26 10.16 -0.05
C GLU A 109 4.70 10.96 -1.22
N LYS A 110 4.98 10.50 -2.43
CA LYS A 110 4.48 11.18 -3.63
C LYS A 110 2.96 11.18 -3.66
N ALA A 111 2.37 10.03 -3.36
CA ALA A 111 0.91 9.90 -3.35
C ALA A 111 0.27 10.87 -2.36
N TYR A 112 0.88 10.99 -1.18
CA TYR A 112 0.37 11.89 -0.14
C TYR A 112 0.29 13.33 -0.64
N GLN A 113 1.34 13.77 -1.34
CA GLN A 113 1.39 15.12 -1.87
C GLN A 113 0.24 15.36 -2.84
N ILE A 114 0.00 14.40 -3.73
CA ILE A 114 -1.08 14.50 -4.71
C ILE A 114 -2.43 14.59 -3.98
N LEU A 115 -2.63 13.68 -3.04
CA LEU A 115 -3.87 13.63 -2.26
C LEU A 115 -4.09 14.95 -1.52
N ARG A 116 -3.04 15.46 -0.89
CA ARG A 116 -3.11 16.72 -0.15
C ARG A 116 -3.55 17.87 -1.06
N HIS A 117 -2.95 17.93 -2.24
CA HIS A 117 -3.28 18.98 -3.21
C HIS A 117 -4.75 18.93 -3.59
N LEU A 118 -5.23 17.71 -3.88
CA LEU A 118 -6.63 17.52 -4.26
C LEU A 118 -7.57 17.98 -3.15
N ALA A 119 -7.25 17.58 -1.92
CA ALA A 119 -8.06 17.95 -0.76
C ALA A 119 -8.12 19.47 -0.60
N ALA A 120 -6.96 20.12 -0.70
CA ALA A 120 -6.87 21.56 -0.58
C ALA A 120 -7.68 22.25 -1.68
N ALA A 121 -8.30 23.37 -1.33
CA ALA A 121 -9.10 24.12 -2.28
C ALA A 121 -8.22 24.80 -3.32
N LEU A 1 -12.81 12.03 -17.04
CA LEU A 1 -11.40 11.69 -17.11
C LEU A 1 -10.94 11.03 -15.81
N ALA A 2 -9.93 10.18 -15.92
CA ALA A 2 -9.39 9.48 -14.75
C ALA A 2 -7.95 9.05 -15.00
N ALA A 3 -7.15 9.93 -15.60
CA ALA A 3 -5.75 9.65 -15.89
C ALA A 3 -4.95 9.48 -14.59
N ALA A 4 -5.06 10.46 -13.70
CA ALA A 4 -4.36 10.42 -12.42
C ALA A 4 -4.80 9.21 -11.62
N LEU A 5 -6.11 9.06 -11.45
CA LEU A 5 -6.67 7.93 -10.72
C LEU A 5 -6.17 6.58 -11.26
N ALA A 6 -6.04 6.49 -12.58
CA ALA A 6 -5.48 5.30 -13.22
C ALA A 6 -4.02 5.07 -12.81
N GLU A 7 -3.27 6.16 -12.64
CA GLU A 7 -1.85 6.05 -12.26
C GLU A 7 -1.68 5.37 -10.91
N ILE A 8 -2.37 5.87 -9.88
CA ILE A 8 -2.22 5.33 -8.52
C ILE A 8 -2.77 3.89 -8.48
N TYR A 9 -3.96 3.70 -9.05
CA TYR A 9 -4.62 2.39 -9.05
C TYR A 9 -3.72 1.32 -9.69
N LYS A 10 -3.10 1.69 -10.82
CA LYS A 10 -2.21 0.78 -11.53
C LYS A 10 -1.03 0.38 -10.66
N GLY A 11 -0.45 1.36 -9.96
CA GLY A 11 0.68 1.11 -9.06
C GLY A 11 0.32 0.08 -7.99
N LEU A 12 -0.90 0.18 -7.45
CA LEU A 12 -1.38 -0.73 -6.42
C LEU A 12 -1.37 -2.16 -6.94
N ALA A 13 -1.94 -2.36 -8.12
CA ALA A 13 -2.03 -3.70 -8.73
C ALA A 13 -0.64 -4.31 -8.91
N GLU A 14 0.29 -3.49 -9.39
CA GLU A 14 1.66 -3.95 -9.62
C GLU A 14 2.30 -4.44 -8.32
N TYR A 15 2.08 -3.69 -7.23
CA TYR A 15 2.62 -4.05 -5.93
C TYR A 15 2.10 -5.42 -5.47
N GLN A 16 0.83 -5.71 -5.75
CA GLN A 16 0.24 -7.00 -5.39
C GLN A 16 0.98 -8.14 -6.07
N ALA A 17 1.24 -7.97 -7.38
CA ALA A 17 1.96 -8.99 -8.15
C ALA A 17 3.33 -9.27 -7.54
N ARG A 18 4.03 -8.20 -7.16
CA ARG A 18 5.35 -8.33 -6.53
C ARG A 18 5.27 -8.99 -5.15
N LEU A 19 4.20 -8.70 -4.41
CA LEU A 19 4.00 -9.29 -3.09
C LEU A 19 3.96 -10.82 -3.17
N LYS A 20 3.42 -11.37 -4.25
CA LYS A 20 3.47 -12.82 -4.48
C LYS A 20 4.89 -13.26 -4.87
N SER A 21 5.50 -12.48 -5.78
CA SER A 21 6.83 -12.80 -6.33
C SER A 21 7.82 -13.22 -5.23
N LEU A 22 7.84 -12.47 -4.13
CA LEU A 22 8.38 -13.02 -2.90
C LEU A 22 7.25 -13.68 -2.11
N GLU A 23 7.34 -14.99 -1.95
CA GLU A 23 6.62 -15.70 -0.91
C GLU A 23 7.37 -16.98 -0.55
N GLY A 24 7.30 -17.37 0.72
CA GLY A 24 7.97 -18.58 1.21
C GLY A 24 9.02 -18.25 2.24
N ILE A 25 8.62 -17.49 3.27
CA ILE A 25 9.54 -17.10 4.34
C ILE A 25 9.38 -18.09 5.50
N SER A 26 8.22 -18.07 6.15
CA SER A 26 7.96 -18.94 7.28
C SER A 26 6.45 -19.06 7.53
N PRO A 27 5.98 -20.13 8.16
CA PRO A 27 4.52 -20.29 8.44
C PRO A 27 4.01 -19.30 9.50
N GLU A 28 4.85 -19.03 10.50
CA GLU A 28 4.50 -18.09 11.57
C GLU A 28 4.13 -16.72 11.01
N LEU A 29 4.87 -16.27 10.00
CA LEU A 29 4.60 -14.99 9.35
C LEU A 29 3.30 -14.97 8.53
N GLY A 30 2.71 -16.14 8.26
CA GLY A 30 1.51 -16.24 7.43
C GLY A 30 0.40 -15.29 7.89
N PRO A 31 -0.15 -15.45 9.08
CA PRO A 31 -1.30 -14.59 9.55
C PRO A 31 -0.94 -13.11 9.57
N ALA A 32 0.28 -12.79 9.99
CA ALA A 32 0.71 -11.39 10.10
C ALA A 32 0.65 -10.71 8.74
N LEU A 33 1.47 -11.18 7.80
CA LEU A 33 1.51 -10.62 6.45
C LEU A 33 0.11 -10.62 5.79
N ASP A 34 -0.68 -11.64 6.08
CA ASP A 34 -2.05 -11.73 5.55
C ASP A 34 -2.89 -10.53 6.00
N ALA A 35 -2.75 -10.14 7.27
CA ALA A 35 -3.49 -9.01 7.81
C ALA A 35 -3.18 -7.73 7.03
N LEU A 36 -1.88 -7.50 6.80
CA LEU A 36 -1.45 -6.32 6.03
C LEU A 36 -2.07 -6.32 4.64
N ARG A 37 -2.09 -7.48 4.00
CA ARG A 37 -2.67 -7.61 2.66
C ARG A 37 -4.16 -7.27 2.66
N LEU A 38 -4.88 -7.66 3.72
CA LEU A 38 -6.30 -7.38 3.82
C LEU A 38 -6.56 -5.88 3.82
N ASP A 39 -5.74 -5.12 4.56
CA ASP A 39 -5.89 -3.67 4.61
C ASP A 39 -5.73 -3.06 3.22
N MET A 40 -4.70 -3.50 2.51
CA MET A 40 -4.45 -3.02 1.16
C MET A 40 -5.64 -3.31 0.23
N ALA A 41 -6.22 -4.50 0.38
CA ALA A 41 -7.35 -4.92 -0.44
C ALA A 41 -8.55 -4.00 -0.23
N ASP A 42 -8.79 -3.59 1.02
CA ASP A 42 -9.90 -2.70 1.35
C ASP A 42 -9.76 -1.37 0.61
N PHE A 43 -8.55 -0.83 0.60
CA PHE A 43 -8.28 0.44 -0.08
C PHE A 43 -8.59 0.32 -1.57
N ALA A 44 -8.13 -0.77 -2.18
CA ALA A 44 -8.32 -0.98 -3.61
C ALA A 44 -9.80 -1.16 -3.97
N THR A 45 -10.55 -1.85 -3.11
CA THR A 45 -11.95 -2.13 -3.37
C THR A 45 -12.77 -0.85 -3.45
N THR A 46 -12.76 -0.09 -2.36
CA THR A 46 -13.52 1.16 -2.29
C THR A 46 -13.14 2.12 -3.42
N MET A 47 -11.85 2.20 -3.72
CA MET A 47 -11.37 3.07 -4.78
C MET A 47 -11.99 2.69 -6.13
N ALA A 48 -12.03 1.39 -6.41
CA ALA A 48 -12.59 0.88 -7.65
C ALA A 48 -14.06 1.25 -7.79
N GLN A 49 -14.82 1.13 -6.70
CA GLN A 49 -16.25 1.45 -6.69
C GLN A 49 -16.48 2.89 -7.09
N ALA A 50 -15.67 3.80 -6.52
CA ALA A 50 -15.80 5.23 -6.82
C ALA A 50 -15.57 5.49 -8.31
N MET A 51 -14.55 4.84 -8.88
CA MET A 51 -14.22 5.02 -10.29
C MET A 51 -15.40 4.64 -11.17
N GLU A 52 -16.05 3.53 -10.85
CA GLU A 52 -17.19 3.03 -11.64
C GLU A 52 -18.34 4.04 -11.62
N GLU A 53 -18.62 4.59 -10.45
CA GLU A 53 -19.71 5.55 -10.30
C GLU A 53 -19.46 6.78 -11.14
N GLY A 54 -18.24 7.31 -11.07
CA GLY A 54 -17.87 8.50 -11.83
C GLY A 54 -18.40 9.76 -11.17
N LEU A 55 -18.03 9.97 -9.91
CA LEU A 55 -18.47 11.15 -9.16
C LEU A 55 -17.67 12.38 -9.57
N ASP A 56 -18.34 13.52 -9.61
CA ASP A 56 -17.69 14.77 -10.01
C ASP A 56 -16.55 15.11 -9.06
N SER A 57 -16.82 15.00 -7.75
CA SER A 57 -15.81 15.28 -6.73
C SER A 57 -16.02 14.38 -5.52
N LEU A 58 -14.91 13.97 -4.92
CA LEU A 58 -14.96 13.09 -3.75
C LEU A 58 -15.24 13.91 -2.48
N PRO A 59 -15.88 13.35 -1.46
CA PRO A 59 -16.18 14.11 -0.21
C PRO A 59 -15.00 14.14 0.76
N GLN A 60 -15.00 15.13 1.64
CA GLN A 60 -13.94 15.28 2.63
C GLN A 60 -13.78 14.02 3.49
N SER A 61 -14.90 13.38 3.82
CA SER A 61 -14.88 12.14 4.60
C SER A 61 -14.07 11.06 3.90
N PHE A 62 -14.20 10.96 2.58
CA PHE A 62 -13.50 9.95 1.81
C PHE A 62 -12.00 10.20 1.82
N LEU A 63 -11.59 11.46 1.65
CA LEU A 63 -10.17 11.81 1.61
C LEU A 63 -9.49 11.47 2.94
N LEU A 64 -10.15 11.82 4.04
CA LEU A 64 -9.59 11.61 5.37
C LEU A 64 -9.46 10.12 5.68
N LYS A 65 -10.50 9.36 5.36
CA LYS A 65 -10.51 7.92 5.59
C LYS A 65 -9.38 7.22 4.82
N ALA A 66 -9.15 7.65 3.59
CA ALA A 66 -8.09 7.08 2.76
C ALA A 66 -6.72 7.32 3.38
N LEU A 67 -6.50 8.53 3.89
CA LEU A 67 -5.22 8.87 4.53
C LEU A 67 -4.97 7.98 5.74
N GLU A 68 -6.01 7.76 6.55
CA GLU A 68 -5.88 6.95 7.76
C GLU A 68 -5.58 5.49 7.42
N GLN A 69 -6.23 4.97 6.38
CA GLN A 69 -6.06 3.57 5.99
C GLN A 69 -4.64 3.30 5.53
N ILE A 70 -4.21 3.99 4.47
CA ILE A 70 -2.87 3.81 3.91
C ILE A 70 -1.78 4.03 4.98
N ARG A 71 -1.98 5.05 5.83
CA ARG A 71 -1.04 5.34 6.90
C ARG A 71 -0.90 4.14 7.84
N LYS A 72 -2.03 3.52 8.18
CA LYS A 72 -2.03 2.34 9.04
C LYS A 72 -1.22 1.20 8.40
N ILE A 73 -1.36 1.03 7.08
CA ILE A 73 -0.62 -0.01 6.37
C ILE A 73 0.88 0.23 6.45
N GLN A 74 1.30 1.50 6.36
CA GLN A 74 2.72 1.85 6.43
C GLN A 74 3.31 1.54 7.81
N ALA A 75 2.56 1.85 8.86
CA ALA A 75 3.03 1.64 10.23
C ALA A 75 3.21 0.15 10.51
N ASP A 76 2.22 -0.64 10.13
CA ASP A 76 2.26 -2.08 10.36
C ASP A 76 3.39 -2.72 9.55
N ALA A 77 3.53 -2.30 8.30
CA ALA A 77 4.60 -2.81 7.43
C ALA A 77 5.98 -2.51 8.01
N ALA A 78 6.14 -1.32 8.59
CA ALA A 78 7.42 -0.92 9.19
C ALA A 78 7.79 -1.86 10.33
N ALA A 79 6.82 -2.18 11.19
CA ALA A 79 7.04 -3.08 12.31
C ALA A 79 7.44 -4.47 11.84
N LEU A 80 6.79 -4.96 10.80
CA LEU A 80 7.08 -6.28 10.25
C LEU A 80 8.45 -6.32 9.55
N ARG A 81 8.83 -5.22 8.91
CA ARG A 81 10.09 -5.15 8.18
C ARG A 81 11.28 -5.21 9.15
N GLU A 82 11.20 -4.45 10.23
CA GLU A 82 12.29 -4.40 11.20
C GLU A 82 12.40 -5.69 12.01
N LYS A 83 11.25 -6.27 12.38
CA LYS A 83 11.23 -7.49 13.16
C LYS A 83 11.78 -8.67 12.34
N LEU A 84 11.36 -8.76 11.09
CA LEU A 84 11.78 -9.84 10.21
C LEU A 84 13.27 -9.74 9.89
N ALA A 85 13.72 -8.53 9.59
CA ALA A 85 15.13 -8.30 9.25
C ALA A 85 16.04 -8.71 10.41
N ALA A 86 15.67 -8.30 11.62
CA ALA A 86 16.44 -8.63 12.81
C ALA A 86 16.52 -10.14 13.00
N THR A 87 15.39 -10.82 12.84
CA THR A 87 15.33 -12.27 12.98
C THR A 87 16.21 -12.94 11.93
N TYR A 88 16.07 -12.51 10.68
CA TYR A 88 16.85 -13.07 9.59
C TYR A 88 17.16 -11.99 8.56
N LYS A 89 18.40 -11.99 8.06
CA LYS A 89 18.84 -11.01 7.06
C LYS A 89 20.08 -11.51 6.34
N GLY A 90 20.49 -10.77 5.31
CA GLY A 90 21.67 -11.13 4.52
C GLY A 90 21.30 -11.94 3.29
N ASN A 91 20.36 -12.87 3.45
CA ASN A 91 19.92 -13.74 2.35
C ASN A 91 19.39 -12.90 1.19
N ASP A 92 19.30 -13.53 0.02
CA ASP A 92 18.83 -12.85 -1.19
C ASP A 92 17.34 -12.50 -1.07
N ARG A 93 16.55 -13.42 -0.55
CA ARG A 93 15.11 -13.21 -0.40
C ARG A 93 14.82 -12.05 0.54
N ALA A 94 15.46 -12.08 1.71
CA ALA A 94 15.25 -11.04 2.72
C ALA A 94 15.61 -9.66 2.18
N ALA A 95 16.78 -9.58 1.55
CA ALA A 95 17.27 -8.31 1.01
C ALA A 95 16.29 -7.73 0.00
N ALA A 96 15.79 -8.58 -0.88
CA ALA A 96 14.82 -8.16 -1.90
C ALA A 96 13.58 -7.55 -1.25
N ALA A 97 13.11 -8.18 -0.17
CA ALA A 97 11.91 -7.69 0.53
C ALA A 97 12.12 -6.28 1.07
N VAL A 98 13.31 -6.02 1.62
CA VAL A 98 13.64 -4.70 2.14
C VAL A 98 13.57 -3.66 1.02
N GLU A 99 14.11 -4.01 -0.16
CA GLU A 99 14.11 -3.09 -1.30
C GLU A 99 12.70 -2.66 -1.67
N ILE A 100 11.78 -3.63 -1.70
CA ILE A 100 10.38 -3.36 -2.02
C ILE A 100 9.80 -2.41 -0.98
N ALA A 101 10.06 -2.69 0.30
CA ALA A 101 9.56 -1.86 1.40
C ALA A 101 10.05 -0.42 1.26
N ALA A 102 11.33 -0.26 0.91
CA ALA A 102 11.92 1.07 0.72
C ALA A 102 11.19 1.83 -0.38
N GLN A 103 10.92 1.15 -1.49
CA GLN A 103 10.21 1.75 -2.62
C GLN A 103 8.83 2.25 -2.19
N LEU A 104 8.12 1.43 -1.40
CA LEU A 104 6.79 1.79 -0.91
C LEU A 104 6.83 3.10 -0.12
N GLU A 105 7.86 3.26 0.72
CA GLU A 105 8.01 4.46 1.53
C GLU A 105 8.11 5.70 0.64
N ALA A 106 8.94 5.61 -0.40
CA ALA A 106 9.10 6.71 -1.36
C ALA A 106 7.79 6.97 -2.09
N PHE A 107 7.17 5.89 -2.57
CA PHE A 107 5.88 6.00 -3.26
C PHE A 107 4.82 6.67 -2.38
N LEU A 108 4.85 6.38 -1.08
CA LEU A 108 3.92 6.99 -0.13
C LEU A 108 4.12 8.51 -0.07
N GLU A 109 5.37 8.96 -0.13
CA GLU A 109 5.67 10.40 -0.08
C GLU A 109 5.01 11.13 -1.25
N LYS A 110 5.28 10.66 -2.46
CA LYS A 110 4.71 11.29 -3.65
C LYS A 110 3.18 11.27 -3.60
N ALA A 111 2.61 10.14 -3.21
CA ALA A 111 1.16 9.99 -3.12
C ALA A 111 0.56 10.98 -2.12
N TYR A 112 1.28 11.24 -1.02
CA TYR A 112 0.82 12.19 -0.01
C TYR A 112 0.70 13.60 -0.58
N GLN A 113 1.68 13.99 -1.39
CA GLN A 113 1.68 15.33 -2.00
C GLN A 113 0.50 15.50 -2.95
N ILE A 114 0.26 14.49 -3.77
CA ILE A 114 -0.81 14.57 -4.78
C ILE A 114 -2.18 14.63 -4.10
N LEU A 115 -2.38 13.80 -3.08
CA LEU A 115 -3.65 13.73 -2.38
C LEU A 115 -3.95 15.03 -1.63
N ARG A 116 -2.92 15.58 -0.97
CA ARG A 116 -3.07 16.82 -0.21
C ARG A 116 -3.53 17.96 -1.12
N HIS A 117 -2.92 18.05 -2.31
CA HIS A 117 -3.29 19.07 -3.28
C HIS A 117 -4.75 18.91 -3.71
N LEU A 118 -5.14 17.66 -3.99
CA LEU A 118 -6.51 17.36 -4.40
C LEU A 118 -7.49 17.69 -3.30
N ALA A 119 -7.17 17.24 -2.08
CA ALA A 119 -8.02 17.49 -0.92
C ALA A 119 -8.16 18.98 -0.67
N ALA A 120 -7.02 19.69 -0.70
CA ALA A 120 -7.02 21.13 -0.48
C ALA A 120 -7.77 21.84 -1.60
N ALA A 121 -8.49 22.90 -1.24
CA ALA A 121 -9.26 23.67 -2.21
C ALA A 121 -9.42 25.11 -1.74
N LEU A 1 -9.34 13.54 -11.31
CA LEU A 1 -8.71 13.33 -12.61
C LEU A 1 -8.64 11.84 -12.93
N ALA A 2 -9.25 11.46 -14.06
CA ALA A 2 -9.26 10.06 -14.48
C ALA A 2 -7.84 9.53 -14.66
N ALA A 3 -6.97 10.33 -15.28
CA ALA A 3 -5.59 9.91 -15.54
C ALA A 3 -4.81 9.74 -14.24
N ALA A 4 -5.04 10.61 -13.27
CA ALA A 4 -4.33 10.54 -11.99
C ALA A 4 -4.72 9.28 -11.24
N LEU A 5 -6.04 9.06 -11.12
CA LEU A 5 -6.55 7.86 -10.47
C LEU A 5 -6.04 6.58 -11.14
N ALA A 6 -5.90 6.61 -12.46
CA ALA A 6 -5.40 5.46 -13.21
C ALA A 6 -3.97 5.12 -12.82
N GLU A 7 -3.13 6.15 -12.66
CA GLU A 7 -1.74 5.96 -12.30
C GLU A 7 -1.60 5.30 -10.93
N ILE A 8 -2.39 5.76 -9.96
CA ILE A 8 -2.32 5.24 -8.60
C ILE A 8 -2.77 3.78 -8.56
N TYR A 9 -3.87 3.48 -9.26
CA TYR A 9 -4.42 2.13 -9.28
C TYR A 9 -3.44 1.14 -9.89
N LYS A 10 -2.83 1.53 -11.01
CA LYS A 10 -1.87 0.67 -11.71
C LYS A 10 -0.68 0.34 -10.82
N GLY A 11 -0.17 1.34 -10.12
CA GLY A 11 0.96 1.14 -9.22
C GLY A 11 0.63 0.16 -8.10
N LEU A 12 -0.57 0.29 -7.54
CA LEU A 12 -1.00 -0.57 -6.45
C LEU A 12 -1.03 -2.04 -6.88
N ALA A 13 -1.52 -2.29 -8.10
CA ALA A 13 -1.61 -3.65 -8.62
C ALA A 13 -0.21 -4.28 -8.74
N GLU A 14 0.72 -3.50 -9.29
CA GLU A 14 2.10 -3.97 -9.46
C GLU A 14 2.72 -4.35 -8.11
N TYR A 15 2.49 -3.52 -7.10
CA TYR A 15 3.02 -3.77 -5.76
C TYR A 15 2.45 -5.07 -5.18
N GLN A 16 1.17 -5.33 -5.44
CA GLN A 16 0.52 -6.55 -4.93
C GLN A 16 1.19 -7.80 -5.49
N ALA A 17 1.51 -7.78 -6.78
CA ALA A 17 2.15 -8.92 -7.43
C ALA A 17 3.51 -9.21 -6.81
N ARG A 18 4.30 -8.15 -6.65
CA ARG A 18 5.65 -8.28 -6.07
C ARG A 18 5.58 -8.84 -4.65
N LEU A 19 4.59 -8.40 -3.88
CA LEU A 19 4.39 -8.92 -2.53
C LEU A 19 4.09 -10.42 -2.55
N LYS A 20 3.32 -10.87 -3.54
CA LYS A 20 3.00 -12.29 -3.68
C LYS A 20 4.27 -13.12 -3.83
N SER A 21 5.20 -12.63 -4.65
CA SER A 21 6.47 -13.34 -4.86
C SER A 21 7.28 -13.43 -3.57
N LEU A 22 7.30 -12.33 -2.80
CA LEU A 22 8.03 -12.29 -1.54
C LEU A 22 7.09 -12.55 -0.36
N GLU A 23 7.14 -13.77 0.18
CA GLU A 23 6.28 -14.15 1.30
C GLU A 23 7.05 -14.99 2.33
N GLY A 24 7.32 -16.26 2.02
CA GLY A 24 8.00 -17.16 2.95
C GLY A 24 7.29 -17.21 4.31
N ILE A 25 5.96 -17.25 4.27
CA ILE A 25 5.15 -17.17 5.47
C ILE A 25 5.09 -18.52 6.20
N SER A 26 5.19 -18.46 7.53
CA SER A 26 4.96 -19.64 8.36
C SER A 26 3.58 -19.56 8.99
N PRO A 27 3.00 -20.67 9.45
CA PRO A 27 1.58 -20.67 9.93
C PRO A 27 1.38 -19.83 11.19
N GLU A 28 2.41 -19.76 12.04
CA GLU A 28 2.35 -18.94 13.25
C GLU A 28 2.12 -17.46 12.94
N LEU A 29 2.65 -16.98 11.82
CA LEU A 29 2.51 -15.56 11.45
C LEU A 29 1.30 -15.29 10.54
N GLY A 30 0.32 -16.19 10.53
CA GLY A 30 -0.87 -16.03 9.69
C GLY A 30 -1.53 -14.65 9.79
N PRO A 31 -1.83 -14.13 10.97
CA PRO A 31 -2.61 -12.85 11.08
C PRO A 31 -1.81 -11.63 10.62
N ALA A 32 -0.48 -11.67 10.78
CA ALA A 32 0.35 -10.51 10.46
C ALA A 32 0.35 -10.23 8.96
N LEU A 33 0.79 -11.21 8.16
CA LEU A 33 0.85 -11.05 6.71
C LEU A 33 -0.54 -11.03 6.09
N ASP A 34 -1.45 -11.85 6.60
CA ASP A 34 -2.83 -11.87 6.14
C ASP A 34 -3.52 -10.51 6.34
N ALA A 35 -3.20 -9.84 7.47
CA ALA A 35 -3.80 -8.54 7.78
C ALA A 35 -3.36 -7.49 6.79
N LEU A 36 -2.05 -7.41 6.53
CA LEU A 36 -1.50 -6.41 5.62
C LEU A 36 -2.07 -6.59 4.21
N ARG A 37 -2.05 -7.83 3.73
CA ARG A 37 -2.52 -8.14 2.38
C ARG A 37 -4.02 -7.87 2.24
N LEU A 38 -4.79 -8.23 3.26
CA LEU A 38 -6.23 -8.03 3.25
C LEU A 38 -6.58 -6.55 3.17
N ASP A 39 -5.84 -5.71 3.88
CA ASP A 39 -6.05 -4.27 3.86
C ASP A 39 -5.83 -3.70 2.46
N MET A 40 -4.76 -4.15 1.80
CA MET A 40 -4.44 -3.71 0.45
C MET A 40 -5.57 -4.08 -0.53
N ALA A 41 -6.11 -5.29 -0.37
CA ALA A 41 -7.16 -5.79 -1.27
C ALA A 41 -8.41 -4.92 -1.16
N ASP A 42 -8.84 -4.67 0.08
CA ASP A 42 -10.05 -3.88 0.32
C ASP A 42 -9.89 -2.46 -0.23
N PHE A 43 -8.72 -1.87 -0.03
CA PHE A 43 -8.46 -0.52 -0.50
C PHE A 43 -8.56 -0.43 -2.03
N ALA A 44 -8.03 -1.44 -2.71
CA ALA A 44 -8.07 -1.48 -4.17
C ALA A 44 -9.51 -1.57 -4.67
N THR A 45 -10.32 -2.39 -4.02
CA THR A 45 -11.72 -2.57 -4.41
C THR A 45 -12.48 -1.25 -4.29
N THR A 46 -12.24 -0.51 -3.20
CA THR A 46 -12.90 0.77 -2.98
C THR A 46 -12.56 1.76 -4.08
N MET A 47 -11.28 1.80 -4.46
CA MET A 47 -10.83 2.71 -5.52
C MET A 47 -11.53 2.39 -6.85
N ALA A 48 -11.70 1.11 -7.15
CA ALA A 48 -12.36 0.68 -8.38
C ALA A 48 -13.79 1.19 -8.42
N GLN A 49 -14.50 1.06 -7.31
CA GLN A 49 -15.88 1.53 -7.21
C GLN A 49 -15.98 3.03 -7.48
N ALA A 50 -15.06 3.78 -6.89
CA ALA A 50 -15.03 5.23 -7.07
C ALA A 50 -14.88 5.61 -8.53
N MET A 51 -14.01 4.89 -9.25
CA MET A 51 -13.77 5.16 -10.67
C MET A 51 -15.03 4.92 -11.50
N GLU A 52 -15.75 3.84 -11.19
CA GLU A 52 -16.98 3.51 -11.90
C GLU A 52 -18.01 4.63 -11.78
N GLU A 53 -18.14 5.17 -10.57
CA GLU A 53 -19.10 6.25 -10.31
C GLU A 53 -18.71 7.51 -11.08
N GLY A 54 -17.41 7.83 -11.09
CA GLY A 54 -16.91 9.00 -11.80
C GLY A 54 -17.55 10.28 -11.28
N LEU A 55 -17.55 10.44 -9.95
CA LEU A 55 -18.12 11.64 -9.33
C LEU A 55 -17.10 12.77 -9.33
N ASP A 56 -17.61 14.00 -9.36
CA ASP A 56 -16.75 15.18 -9.37
C ASP A 56 -15.83 15.21 -8.14
N SER A 57 -16.39 14.86 -6.97
CA SER A 57 -15.63 14.85 -5.74
C SER A 57 -16.04 13.67 -4.86
N LEU A 58 -15.05 13.04 -4.22
CA LEU A 58 -15.32 11.89 -3.35
C LEU A 58 -15.78 12.37 -1.97
N PRO A 59 -16.57 11.58 -1.24
CA PRO A 59 -17.07 12.01 0.11
C PRO A 59 -15.93 12.38 1.06
N GLN A 60 -16.18 13.38 1.90
CA GLN A 60 -15.19 13.81 2.90
C GLN A 60 -14.79 12.64 3.81
N SER A 61 -15.77 11.83 4.20
CA SER A 61 -15.51 10.64 5.02
C SER A 61 -14.51 9.70 4.33
N PHE A 62 -14.64 9.55 3.01
CA PHE A 62 -13.71 8.73 2.25
C PHE A 62 -12.28 9.27 2.34
N LEU A 63 -12.14 10.60 2.29
CA LEU A 63 -10.82 11.23 2.36
C LEU A 63 -10.12 10.86 3.67
N LEU A 64 -10.81 11.05 4.80
CA LEU A 64 -10.22 10.78 6.11
C LEU A 64 -9.91 9.29 6.28
N LYS A 65 -10.85 8.45 5.84
CA LYS A 65 -10.70 7.00 5.98
C LYS A 65 -9.47 6.49 5.20
N ALA A 66 -9.26 7.03 4.01
CA ALA A 66 -8.12 6.63 3.18
C ALA A 66 -6.80 7.04 3.82
N LEU A 67 -6.75 8.26 4.38
CA LEU A 67 -5.53 8.76 4.99
C LEU A 67 -5.08 7.87 6.13
N GLU A 68 -6.02 7.50 7.00
CA GLU A 68 -5.71 6.63 8.15
C GLU A 68 -5.34 5.22 7.71
N GLN A 69 -5.96 4.72 6.63
CA GLN A 69 -5.63 3.40 6.10
C GLN A 69 -4.17 3.34 5.66
N ILE A 70 -3.70 4.39 4.99
CA ILE A 70 -2.30 4.46 4.55
C ILE A 70 -1.36 4.49 5.76
N ARG A 71 -1.72 5.24 6.80
CA ARG A 71 -0.90 5.31 8.00
C ARG A 71 -0.77 3.95 8.69
N LYS A 72 -1.87 3.19 8.72
CA LYS A 72 -1.88 1.89 9.39
C LYS A 72 -1.03 0.87 8.65
N ILE A 73 -1.17 0.84 7.33
CA ILE A 73 -0.44 -0.11 6.50
C ILE A 73 1.06 0.24 6.46
N GLN A 74 1.39 1.53 6.45
CA GLN A 74 2.77 1.97 6.38
C GLN A 74 3.52 1.65 7.67
N ALA A 75 2.88 1.89 8.81
CA ALA A 75 3.48 1.62 10.10
C ALA A 75 3.71 0.11 10.29
N ASP A 76 2.66 -0.66 9.98
CA ASP A 76 2.74 -2.11 10.07
C ASP A 76 3.78 -2.68 9.08
N ALA A 77 3.88 -2.07 7.91
CA ALA A 77 4.85 -2.51 6.90
C ALA A 77 6.29 -2.26 7.34
N ALA A 78 6.52 -1.12 8.01
CA ALA A 78 7.86 -0.77 8.48
C ALA A 78 8.32 -1.74 9.56
N ALA A 79 7.43 -2.04 10.50
CA ALA A 79 7.75 -2.95 11.61
C ALA A 79 7.98 -4.37 11.09
N LEU A 80 7.11 -4.82 10.19
CA LEU A 80 7.22 -6.15 9.60
C LEU A 80 8.52 -6.30 8.82
N ARG A 81 8.90 -5.27 8.07
CA ARG A 81 10.14 -5.28 7.29
C ARG A 81 11.35 -5.43 8.21
N GLU A 82 11.34 -4.70 9.32
CA GLU A 82 12.42 -4.78 10.30
C GLU A 82 12.52 -6.19 10.90
N LYS A 83 11.37 -6.80 11.17
CA LYS A 83 11.34 -8.16 11.73
C LYS A 83 11.93 -9.19 10.77
N LEU A 84 11.65 -9.02 9.48
CA LEU A 84 12.15 -9.94 8.45
C LEU A 84 13.68 -9.87 8.36
N ALA A 85 14.20 -8.65 8.38
CA ALA A 85 15.65 -8.44 8.27
C ALA A 85 16.39 -8.96 9.50
N ALA A 86 15.83 -8.72 10.68
CA ALA A 86 16.44 -9.16 11.93
C ALA A 86 16.43 -10.68 12.05
N THR A 87 15.33 -11.31 11.65
CA THR A 87 15.23 -12.76 11.65
C THR A 87 16.24 -13.40 10.69
N TYR A 88 16.44 -12.77 9.54
CA TYR A 88 17.42 -13.23 8.57
C TYR A 88 17.99 -12.04 7.80
N LYS A 89 19.31 -12.05 7.60
CA LYS A 89 20.00 -10.97 6.91
C LYS A 89 21.07 -11.53 5.99
N GLY A 90 21.43 -10.75 4.96
CA GLY A 90 22.40 -11.20 3.96
C GLY A 90 21.73 -11.96 2.82
N ASN A 91 20.68 -12.73 3.13
CA ASN A 91 19.97 -13.50 2.11
C ASN A 91 19.41 -12.57 1.04
N ASP A 92 19.36 -13.09 -0.19
CA ASP A 92 18.86 -12.31 -1.33
C ASP A 92 17.43 -11.84 -1.12
N ARG A 93 16.60 -12.69 -0.51
CA ARG A 93 15.19 -12.36 -0.27
C ARG A 93 15.04 -11.13 0.63
N ALA A 94 15.84 -11.09 1.69
CA ALA A 94 15.75 -10.01 2.67
C ALA A 94 16.19 -8.68 2.05
N ALA A 95 17.32 -8.71 1.33
CA ALA A 95 17.86 -7.51 0.72
C ALA A 95 16.88 -6.92 -0.30
N ALA A 96 16.30 -7.79 -1.11
CA ALA A 96 15.32 -7.36 -2.11
C ALA A 96 14.12 -6.68 -1.46
N ALA A 97 13.66 -7.25 -0.34
CA ALA A 97 12.51 -6.68 0.38
C ALA A 97 12.77 -5.24 0.79
N VAL A 98 13.99 -4.97 1.27
CA VAL A 98 14.37 -3.60 1.63
C VAL A 98 14.30 -2.69 0.40
N GLU A 99 14.78 -3.18 -0.74
CA GLU A 99 14.78 -2.39 -1.98
C GLU A 99 13.36 -2.01 -2.37
N ILE A 100 12.46 -2.99 -2.35
CA ILE A 100 11.06 -2.75 -2.71
C ILE A 100 10.44 -1.73 -1.74
N ALA A 101 10.72 -1.88 -0.45
CA ALA A 101 10.20 -0.97 0.56
C ALA A 101 10.64 0.47 0.29
N ALA A 102 11.92 0.63 -0.07
CA ALA A 102 12.46 1.96 -0.35
C ALA A 102 11.73 2.61 -1.51
N GLN A 103 11.54 1.84 -2.59
CA GLN A 103 10.83 2.33 -3.77
C GLN A 103 9.40 2.72 -3.42
N LEU A 104 8.73 1.86 -2.65
CA LEU A 104 7.35 2.12 -2.23
C LEU A 104 7.26 3.42 -1.43
N GLU A 105 8.23 3.66 -0.55
CA GLU A 105 8.25 4.87 0.26
C GLU A 105 8.30 6.12 -0.60
N ALA A 106 9.14 6.09 -1.64
CA ALA A 106 9.26 7.22 -2.56
C ALA A 106 7.94 7.46 -3.28
N PHE A 107 7.44 6.43 -3.95
CA PHE A 107 6.16 6.50 -4.64
C PHE A 107 5.01 6.88 -3.69
N LEU A 108 5.10 6.45 -2.42
CA LEU A 108 4.10 6.78 -1.42
C LEU A 108 4.11 8.28 -1.10
N GLU A 109 5.30 8.88 -1.04
CA GLU A 109 5.44 10.30 -0.73
C GLU A 109 4.83 11.16 -1.84
N LYS A 110 5.09 10.78 -3.09
CA LYS A 110 4.58 11.54 -4.23
C LYS A 110 3.06 11.48 -4.28
N ALA A 111 2.52 10.26 -4.15
CA ALA A 111 1.08 10.05 -4.18
C ALA A 111 0.38 10.79 -3.04
N TYR A 112 0.99 10.76 -1.85
CA TYR A 112 0.45 11.42 -0.67
C TYR A 112 0.28 12.91 -0.92
N GLN A 113 1.27 13.53 -1.54
CA GLN A 113 1.22 14.96 -1.86
C GLN A 113 0.05 15.27 -2.80
N ILE A 114 -0.13 14.42 -3.82
CA ILE A 114 -1.23 14.59 -4.77
C ILE A 114 -2.58 14.50 -4.05
N LEU A 115 -2.70 13.58 -3.08
CA LEU A 115 -3.97 13.33 -2.41
C LEU A 115 -4.40 14.53 -1.57
N ARG A 116 -3.49 15.05 -0.76
CA ARG A 116 -3.80 16.17 0.13
C ARG A 116 -4.06 17.46 -0.65
N HIS A 117 -3.26 17.70 -1.69
CA HIS A 117 -3.43 18.89 -2.53
C HIS A 117 -4.79 18.89 -3.20
N LEU A 118 -5.20 17.72 -3.72
CA LEU A 118 -6.49 17.60 -4.38
C LEU A 118 -7.64 17.87 -3.41
N ALA A 119 -7.51 17.40 -2.17
CA ALA A 119 -8.54 17.60 -1.16
C ALA A 119 -8.61 19.07 -0.73
N ALA A 120 -7.44 19.67 -0.53
CA ALA A 120 -7.38 21.07 -0.12
C ALA A 120 -7.88 21.98 -1.24
N ALA A 121 -8.58 23.04 -0.85
CA ALA A 121 -9.13 23.99 -1.82
C ALA A 121 -8.01 24.77 -2.49
N LEU A 1 -7.86 13.49 -11.34
CA LEU A 1 -8.34 13.18 -12.69
C LEU A 1 -8.20 11.68 -12.96
N ALA A 2 -8.65 11.28 -14.15
CA ALA A 2 -8.57 9.88 -14.56
C ALA A 2 -7.11 9.43 -14.60
N ALA A 3 -6.25 10.25 -15.19
CA ALA A 3 -4.83 9.95 -15.28
C ALA A 3 -4.21 9.77 -13.90
N ALA A 4 -4.55 10.68 -12.98
CA ALA A 4 -4.04 10.62 -11.61
C ALA A 4 -4.56 9.37 -10.90
N LEU A 5 -5.87 9.20 -10.93
CA LEU A 5 -6.51 8.03 -10.30
C LEU A 5 -5.97 6.73 -10.89
N ALA A 6 -5.82 6.70 -12.22
CA ALA A 6 -5.33 5.50 -12.90
C ALA A 6 -3.92 5.14 -12.44
N GLU A 7 -3.07 6.15 -12.27
CA GLU A 7 -1.69 5.93 -11.85
C GLU A 7 -1.63 5.32 -10.44
N ILE A 8 -2.47 5.83 -9.54
CA ILE A 8 -2.49 5.35 -8.16
C ILE A 8 -2.93 3.88 -8.13
N TYR A 9 -3.96 3.55 -8.91
CA TYR A 9 -4.49 2.18 -8.95
C TYR A 9 -3.45 1.19 -9.48
N LYS A 10 -2.72 1.60 -10.51
CA LYS A 10 -1.69 0.74 -11.11
C LYS A 10 -0.58 0.44 -10.10
N GLY A 11 -0.15 1.46 -9.37
CA GLY A 11 0.91 1.31 -8.37
C GLY A 11 0.48 0.33 -7.28
N LEU A 12 -0.77 0.46 -6.82
CA LEU A 12 -1.30 -0.41 -5.78
C LEU A 12 -1.34 -1.86 -6.24
N ALA A 13 -1.72 -2.08 -7.50
CA ALA A 13 -1.81 -3.43 -8.05
C ALA A 13 -0.43 -4.10 -8.09
N GLU A 14 0.59 -3.35 -8.49
CA GLU A 14 1.94 -3.88 -8.59
C GLU A 14 2.47 -4.29 -7.21
N TYR A 15 2.24 -3.44 -6.22
CA TYR A 15 2.69 -3.70 -4.85
C TYR A 15 1.98 -4.92 -4.26
N GLN A 16 0.68 -5.06 -4.55
CA GLN A 16 -0.10 -6.18 -4.05
C GLN A 16 0.40 -7.51 -4.61
N ALA A 17 0.71 -7.52 -5.91
CA ALA A 17 1.20 -8.73 -6.57
C ALA A 17 2.52 -9.19 -5.97
N ARG A 18 3.44 -8.24 -5.76
CA ARG A 18 4.75 -8.55 -5.20
C ARG A 18 4.61 -9.15 -3.80
N LEU A 19 3.77 -8.51 -2.98
CA LEU A 19 3.53 -8.97 -1.61
C LEU A 19 3.01 -10.41 -1.59
N LYS A 20 2.12 -10.73 -2.54
CA LYS A 20 1.55 -12.07 -2.64
C LYS A 20 2.64 -13.11 -2.85
N SER A 21 3.52 -12.86 -3.82
CA SER A 21 4.64 -13.77 -4.09
C SER A 21 5.52 -13.98 -2.85
N LEU A 22 5.70 -12.92 -2.06
CA LEU A 22 6.55 -12.98 -0.87
C LEU A 22 6.00 -13.94 0.20
N GLU A 23 4.69 -14.22 0.21
CA GLU A 23 4.08 -15.00 1.31
C GLU A 23 4.56 -16.46 1.40
N GLY A 24 5.49 -16.89 0.55
CA GLY A 24 6.02 -18.26 0.60
C GLY A 24 6.94 -18.53 1.80
N ILE A 25 7.05 -17.58 2.74
CA ILE A 25 7.80 -17.79 3.97
C ILE A 25 7.13 -18.88 4.82
N SER A 26 7.76 -19.22 5.95
CA SER A 26 7.26 -20.30 6.79
C SER A 26 5.88 -19.95 7.36
N PRO A 27 5.02 -20.93 7.62
CA PRO A 27 3.61 -20.65 8.04
C PRO A 27 3.54 -19.75 9.27
N GLU A 28 4.49 -19.94 10.19
CA GLU A 28 4.51 -19.16 11.44
C GLU A 28 4.57 -17.66 11.17
N LEU A 29 5.31 -17.26 10.14
CA LEU A 29 5.50 -15.84 9.82
C LEU A 29 4.41 -15.30 8.87
N GLY A 30 3.96 -16.14 7.94
CA GLY A 30 3.04 -15.73 6.88
C GLY A 30 1.90 -14.83 7.34
N PRO A 31 1.14 -15.19 8.37
CA PRO A 31 -0.04 -14.39 8.83
C PRO A 31 0.21 -12.88 8.88
N ALA A 32 1.40 -12.48 9.34
CA ALA A 32 1.75 -11.07 9.42
C ALA A 32 1.70 -10.42 8.05
N LEU A 33 2.44 -11.00 7.11
CA LEU A 33 2.49 -10.49 5.74
C LEU A 33 1.10 -10.45 5.10
N ASP A 34 0.28 -11.46 5.40
CA ASP A 34 -1.07 -11.55 4.83
C ASP A 34 -1.94 -10.38 5.30
N ALA A 35 -1.82 -10.01 6.57
CA ALA A 35 -2.60 -8.91 7.13
C ALA A 35 -2.28 -7.61 6.39
N LEU A 36 -0.98 -7.36 6.17
CA LEU A 36 -0.55 -6.15 5.47
C LEU A 36 -1.14 -6.10 4.06
N ARG A 37 -1.08 -7.23 3.36
CA ARG A 37 -1.62 -7.32 2.00
C ARG A 37 -3.12 -7.09 1.97
N LEU A 38 -3.83 -7.52 3.01
CA LEU A 38 -5.28 -7.33 3.10
C LEU A 38 -5.64 -5.85 3.16
N ASP A 39 -4.87 -5.08 3.95
CA ASP A 39 -5.11 -3.66 4.11
C ASP A 39 -4.95 -2.94 2.77
N MET A 40 -3.83 -3.19 2.09
CA MET A 40 -3.55 -2.54 0.81
C MET A 40 -4.60 -2.90 -0.24
N ALA A 41 -4.96 -4.18 -0.28
CA ALA A 41 -5.95 -4.68 -1.23
C ALA A 41 -7.31 -4.01 -1.02
N ASP A 42 -7.67 -3.77 0.25
CA ASP A 42 -8.94 -3.12 0.57
C ASP A 42 -8.99 -1.70 0.00
N PHE A 43 -7.88 -0.97 0.13
CA PHE A 43 -7.80 0.40 -0.38
C PHE A 43 -8.00 0.42 -1.89
N ALA A 44 -7.31 -0.49 -2.59
CA ALA A 44 -7.39 -0.55 -4.05
C ALA A 44 -8.80 -0.89 -4.51
N THR A 45 -9.43 -1.85 -3.83
CA THR A 45 -10.77 -2.28 -4.18
C THR A 45 -11.75 -1.11 -4.09
N THR A 46 -11.65 -0.34 -3.01
CA THR A 46 -12.51 0.82 -2.80
C THR A 46 -12.40 1.80 -3.97
N MET A 47 -11.16 2.03 -4.43
CA MET A 47 -10.92 2.91 -5.57
C MET A 47 -11.66 2.41 -6.82
N ALA A 48 -11.65 1.09 -7.02
CA ALA A 48 -12.31 0.49 -8.18
C ALA A 48 -13.81 0.79 -8.17
N GLN A 49 -14.43 0.65 -7.00
CA GLN A 49 -15.86 0.90 -6.86
C GLN A 49 -16.20 2.36 -7.20
N ALA A 50 -15.38 3.29 -6.71
CA ALA A 50 -15.58 4.71 -6.95
C ALA A 50 -15.56 5.01 -8.45
N MET A 51 -14.60 4.42 -9.15
CA MET A 51 -14.46 4.63 -10.59
C MET A 51 -15.70 4.16 -11.34
N GLU A 52 -16.22 3.00 -10.96
CA GLU A 52 -17.40 2.43 -11.60
C GLU A 52 -18.60 3.38 -11.46
N GLU A 53 -18.78 3.94 -10.26
CA GLU A 53 -19.89 4.85 -10.01
C GLU A 53 -19.77 6.10 -10.87
N GLY A 54 -18.56 6.67 -10.91
CA GLY A 54 -18.30 7.86 -11.69
C GLY A 54 -18.51 9.13 -10.86
N LEU A 55 -17.49 9.98 -10.82
CA LEU A 55 -17.57 11.22 -10.07
C LEU A 55 -16.33 12.09 -10.32
N ASP A 56 -16.48 13.40 -10.13
CA ASP A 56 -15.38 14.33 -10.35
C ASP A 56 -14.64 14.60 -9.04
N SER A 57 -15.35 15.18 -8.08
CA SER A 57 -14.77 15.49 -6.78
C SER A 57 -15.05 14.37 -5.79
N LEU A 58 -14.06 14.03 -4.98
CA LEU A 58 -14.21 12.96 -3.99
C LEU A 58 -14.94 13.48 -2.74
N PRO A 59 -15.65 12.64 -2.02
CA PRO A 59 -16.40 13.09 -0.80
C PRO A 59 -15.51 13.19 0.43
N GLN A 60 -15.97 13.97 1.41
CA GLN A 60 -15.23 14.13 2.66
C GLN A 60 -14.96 12.80 3.35
N SER A 61 -15.93 11.88 3.28
CA SER A 61 -15.78 10.56 3.89
C SER A 61 -14.61 9.80 3.28
N PHE A 62 -14.47 9.88 1.96
CA PHE A 62 -13.40 9.17 1.25
C PHE A 62 -12.03 9.70 1.63
N LEU A 63 -11.91 11.03 1.70
CA LEU A 63 -10.63 11.67 1.98
C LEU A 63 -10.16 11.39 3.41
N LEU A 64 -11.10 11.47 4.36
CA LEU A 64 -10.79 11.28 5.77
C LEU A 64 -10.34 9.84 6.02
N LYS A 65 -11.16 8.90 5.58
CA LYS A 65 -10.84 7.47 5.72
C LYS A 65 -9.51 7.13 5.05
N ALA A 66 -9.24 7.73 3.89
CA ALA A 66 -8.01 7.50 3.16
C ALA A 66 -6.78 7.96 3.96
N LEU A 67 -6.91 9.09 4.65
CA LEU A 67 -5.80 9.66 5.42
C LEU A 67 -5.41 8.75 6.58
N GLU A 68 -6.41 8.33 7.36
CA GLU A 68 -6.16 7.49 8.53
C GLU A 68 -5.72 6.08 8.12
N GLN A 69 -6.33 5.55 7.07
CA GLN A 69 -6.05 4.19 6.61
C GLN A 69 -4.61 4.08 6.09
N ILE A 70 -4.26 4.93 5.12
CA ILE A 70 -2.94 4.89 4.51
C ILE A 70 -1.83 5.05 5.56
N ARG A 71 -2.06 5.93 6.54
CA ARG A 71 -1.11 6.10 7.64
C ARG A 71 -0.93 4.79 8.41
N LYS A 72 -2.04 4.10 8.65
CA LYS A 72 -1.99 2.80 9.34
C LYS A 72 -1.15 1.79 8.56
N ILE A 73 -1.30 1.79 7.23
CA ILE A 73 -0.56 0.85 6.38
C ILE A 73 0.94 1.15 6.43
N GLN A 74 1.31 2.43 6.44
CA GLN A 74 2.72 2.83 6.49
C GLN A 74 3.38 2.37 7.79
N ALA A 75 2.65 2.52 8.90
CA ALA A 75 3.17 2.11 10.21
C ALA A 75 3.36 0.59 10.26
N ASP A 76 2.40 -0.15 9.73
CA ASP A 76 2.46 -1.60 9.71
C ASP A 76 3.62 -2.10 8.85
N ALA A 77 3.88 -1.42 7.73
CA ALA A 77 4.96 -1.79 6.83
C ALA A 77 6.33 -1.59 7.49
N ALA A 78 6.48 -0.48 8.22
CA ALA A 78 7.74 -0.18 8.90
C ALA A 78 8.05 -1.26 9.93
N ALA A 79 7.04 -1.61 10.73
CA ALA A 79 7.20 -2.64 11.76
C ALA A 79 7.55 -3.99 11.13
N LEU A 80 6.89 -4.32 10.02
CA LEU A 80 7.14 -5.57 9.31
C LEU A 80 8.57 -5.65 8.79
N ARG A 81 9.11 -4.51 8.34
CA ARG A 81 10.46 -4.47 7.81
C ARG A 81 11.49 -4.75 8.90
N GLU A 82 11.28 -4.17 10.08
CA GLU A 82 12.19 -4.37 11.20
C GLU A 82 12.20 -5.84 11.65
N LYS A 83 11.02 -6.43 11.75
CA LYS A 83 10.87 -7.80 12.20
C LYS A 83 11.47 -8.78 11.20
N LEU A 84 11.25 -8.53 9.91
CA LEU A 84 11.72 -9.41 8.84
C LEU A 84 13.26 -9.41 8.78
N ALA A 85 13.85 -8.23 8.89
CA ALA A 85 15.31 -8.11 8.85
C ALA A 85 15.95 -8.87 10.00
N ALA A 86 15.40 -8.70 11.20
CA ALA A 86 15.91 -9.39 12.38
C ALA A 86 15.84 -10.91 12.21
N THR A 87 14.72 -11.38 11.68
CA THR A 87 14.51 -12.81 11.47
C THR A 87 15.44 -13.34 10.38
N TYR A 88 15.53 -12.60 9.28
CA TYR A 88 16.38 -13.00 8.15
C TYR A 88 17.05 -11.78 7.53
N LYS A 89 18.36 -11.89 7.28
CA LYS A 89 19.12 -10.80 6.69
C LYS A 89 20.31 -11.36 5.90
N GLY A 90 20.67 -10.66 4.81
CA GLY A 90 21.79 -11.08 3.98
C GLY A 90 21.32 -11.92 2.80
N ASN A 91 20.37 -12.83 3.05
CA ASN A 91 19.85 -13.71 2.01
C ASN A 91 19.24 -12.89 0.87
N ASP A 92 19.06 -13.54 -0.28
CA ASP A 92 18.51 -12.87 -1.46
C ASP A 92 17.04 -12.49 -1.24
N ARG A 93 16.28 -13.39 -0.64
CA ARG A 93 14.85 -13.15 -0.41
C ARG A 93 14.64 -11.97 0.53
N ALA A 94 15.35 -11.98 1.66
CA ALA A 94 15.23 -10.92 2.65
C ALA A 94 15.58 -9.56 2.04
N ALA A 95 16.70 -9.51 1.33
CA ALA A 95 17.16 -8.28 0.70
C ALA A 95 16.10 -7.72 -0.26
N ALA A 96 15.47 -8.60 -1.03
CA ALA A 96 14.44 -8.19 -1.98
C ALA A 96 13.29 -7.48 -1.27
N ALA A 97 12.84 -8.07 -0.15
CA ALA A 97 11.75 -7.49 0.63
C ALA A 97 12.07 -6.06 1.07
N VAL A 98 13.32 -5.84 1.50
CA VAL A 98 13.75 -4.50 1.92
C VAL A 98 13.62 -3.51 0.76
N GLU A 99 14.05 -3.92 -0.43
CA GLU A 99 13.98 -3.07 -1.61
C GLU A 99 12.55 -2.65 -1.91
N ILE A 100 11.62 -3.61 -1.85
CA ILE A 100 10.21 -3.33 -2.09
C ILE A 100 9.69 -2.32 -1.06
N ALA A 101 10.03 -2.55 0.21
CA ALA A 101 9.60 -1.66 1.29
C ALA A 101 10.09 -0.23 1.05
N ALA A 102 11.35 -0.10 0.65
CA ALA A 102 11.94 1.21 0.38
C ALA A 102 11.18 1.92 -0.74
N GLN A 103 10.93 1.18 -1.82
CA GLN A 103 10.21 1.73 -2.97
C GLN A 103 8.81 2.19 -2.55
N LEU A 104 8.12 1.35 -1.77
CA LEU A 104 6.78 1.67 -1.30
C LEU A 104 6.75 2.97 -0.52
N GLU A 105 7.76 3.20 0.33
CA GLU A 105 7.83 4.40 1.14
C GLU A 105 7.82 5.66 0.28
N ALA A 106 8.66 5.66 -0.76
CA ALA A 106 8.76 6.80 -1.66
C ALA A 106 7.44 7.01 -2.40
N PHE A 107 6.94 5.94 -3.03
CA PHE A 107 5.69 6.01 -3.76
C PHE A 107 4.53 6.44 -2.86
N LEU A 108 4.52 5.92 -1.63
CA LEU A 108 3.49 6.28 -0.65
C LEU A 108 3.48 7.79 -0.40
N GLU A 109 4.67 8.39 -0.29
CA GLU A 109 4.79 9.82 -0.05
C GLU A 109 4.16 10.62 -1.18
N LYS A 110 4.45 10.22 -2.42
CA LYS A 110 3.91 10.89 -3.59
C LYS A 110 2.38 10.86 -3.59
N ALA A 111 1.83 9.69 -3.27
CA ALA A 111 0.37 9.51 -3.23
C ALA A 111 -0.26 10.46 -2.21
N TYR A 112 0.35 10.55 -1.03
CA TYR A 112 -0.14 11.44 0.02
C TYR A 112 -0.24 12.89 -0.46
N GLN A 113 0.76 13.32 -1.23
CA GLN A 113 0.76 14.66 -1.81
C GLN A 113 -0.47 14.85 -2.70
N ILE A 114 -0.83 13.84 -3.48
CA ILE A 114 -1.99 13.90 -4.36
C ILE A 114 -3.26 14.13 -3.55
N LEU A 115 -3.40 13.40 -2.43
CA LEU A 115 -4.59 13.50 -1.60
C LEU A 115 -4.78 14.92 -1.08
N ARG A 116 -3.85 15.36 -0.23
CA ARG A 116 -3.96 16.69 0.40
C ARG A 116 -4.11 17.80 -0.64
N HIS A 117 -3.37 17.69 -1.74
CA HIS A 117 -3.40 18.70 -2.80
C HIS A 117 -4.82 18.81 -3.37
N LEU A 118 -5.44 17.67 -3.63
CA LEU A 118 -6.79 17.64 -4.19
C LEU A 118 -7.78 18.32 -3.26
N ALA A 119 -7.69 18.00 -1.97
CA ALA A 119 -8.58 18.60 -0.96
C ALA A 119 -8.40 20.11 -0.92
N ALA A 120 -7.14 20.56 -0.91
CA ALA A 120 -6.84 21.98 -0.88
C ALA A 120 -7.39 22.67 -2.12
N ALA A 121 -7.14 22.07 -3.28
CA ALA A 121 -7.62 22.62 -4.55
C ALA A 121 -7.62 21.55 -5.63
N LEU A 1 -9.31 11.94 -11.48
CA LEU A 1 -9.03 11.86 -12.90
C LEU A 1 -8.74 10.43 -13.31
N ALA A 2 -9.15 10.07 -14.53
CA ALA A 2 -8.90 8.73 -15.06
C ALA A 2 -7.40 8.47 -15.16
N ALA A 3 -6.67 9.44 -15.70
CA ALA A 3 -5.22 9.33 -15.82
C ALA A 3 -4.57 9.17 -14.44
N ALA A 4 -5.00 9.99 -13.49
CA ALA A 4 -4.50 9.91 -12.13
C ALA A 4 -4.82 8.55 -11.51
N LEU A 5 -6.09 8.16 -11.62
CA LEU A 5 -6.53 6.87 -11.09
C LEU A 5 -5.76 5.71 -11.73
N ALA A 6 -5.56 5.80 -13.05
CA ALA A 6 -4.83 4.77 -13.77
C ALA A 6 -3.41 4.60 -13.23
N GLU A 7 -2.75 5.71 -12.92
CA GLU A 7 -1.39 5.69 -12.39
C GLU A 7 -1.32 4.97 -11.05
N ILE A 8 -2.29 5.27 -10.17
CA ILE A 8 -2.32 4.67 -8.84
C ILE A 8 -2.50 3.15 -8.92
N TYR A 9 -3.40 2.71 -9.81
CA TYR A 9 -3.71 1.29 -9.94
C TYR A 9 -2.52 0.52 -10.52
N LYS A 10 -1.84 1.10 -11.51
CA LYS A 10 -0.71 0.46 -12.15
C LYS A 10 0.43 0.24 -11.16
N GLY A 11 0.75 1.29 -10.41
CA GLY A 11 1.82 1.22 -9.42
C GLY A 11 1.51 0.20 -8.33
N LEU A 12 0.24 0.19 -7.88
CA LEU A 12 -0.19 -0.74 -6.84
C LEU A 12 -0.06 -2.19 -7.31
N ALA A 13 -0.37 -2.45 -8.58
CA ALA A 13 -0.30 -3.80 -9.14
C ALA A 13 1.13 -4.32 -9.14
N GLU A 14 2.07 -3.46 -9.56
CA GLU A 14 3.47 -3.86 -9.64
C GLU A 14 4.01 -4.23 -8.26
N TYR A 15 3.73 -3.37 -7.28
CA TYR A 15 4.20 -3.58 -5.91
C TYR A 15 3.54 -4.82 -5.28
N GLN A 16 2.27 -5.06 -5.59
CA GLN A 16 1.54 -6.19 -5.06
C GLN A 16 2.13 -7.51 -5.55
N ALA A 17 2.50 -7.57 -6.82
CA ALA A 17 3.06 -8.78 -7.41
C ALA A 17 4.38 -9.15 -6.74
N ARG A 18 5.27 -8.17 -6.61
CA ARG A 18 6.58 -8.41 -6.01
C ARG A 18 6.43 -8.88 -4.57
N LEU A 19 5.56 -8.21 -3.82
CA LEU A 19 5.30 -8.58 -2.43
C LEU A 19 4.75 -10.01 -2.33
N LYS A 20 3.92 -10.42 -3.28
CA LYS A 20 3.33 -11.75 -3.29
C LYS A 20 4.42 -12.83 -3.28
N SER A 21 5.37 -12.70 -4.21
CA SER A 21 6.50 -13.64 -4.28
C SER A 21 7.28 -13.66 -2.96
N LEU A 22 7.49 -12.48 -2.38
CA LEU A 22 8.16 -12.35 -1.09
C LEU A 22 7.34 -12.92 0.08
N GLU A 23 6.02 -13.01 -0.09
CA GLU A 23 5.12 -13.40 1.00
C GLU A 23 5.08 -14.91 1.27
N GLY A 24 6.10 -15.66 0.83
CA GLY A 24 6.13 -17.11 1.05
C GLY A 24 6.68 -17.50 2.43
N ILE A 25 6.49 -16.63 3.43
CA ILE A 25 6.87 -16.94 4.81
C ILE A 25 5.93 -18.03 5.35
N SER A 26 6.32 -18.71 6.43
CA SER A 26 5.61 -19.92 6.86
C SER A 26 4.17 -19.59 7.28
N PRO A 27 3.23 -20.52 7.16
CA PRO A 27 1.79 -20.23 7.48
C PRO A 27 1.59 -19.73 8.91
N GLU A 28 2.44 -20.18 9.84
CA GLU A 28 2.37 -19.72 11.23
C GLU A 28 2.42 -18.19 11.33
N LEU A 29 3.23 -17.57 10.47
CA LEU A 29 3.32 -16.12 10.40
C LEU A 29 2.22 -15.59 9.47
N GLY A 30 0.99 -16.04 9.71
CA GLY A 30 -0.13 -15.74 8.82
C GLY A 30 -0.83 -14.43 9.19
N PRO A 31 -1.34 -14.26 10.40
CA PRO A 31 -2.12 -13.04 10.77
C PRO A 31 -1.47 -11.74 10.33
N ALA A 32 -0.14 -11.69 10.40
CA ALA A 32 0.61 -10.50 10.01
C ALA A 32 0.42 -10.21 8.52
N LEU A 33 0.86 -11.14 7.68
CA LEU A 33 0.78 -10.97 6.23
C LEU A 33 -0.66 -10.75 5.78
N ASP A 34 -1.53 -11.69 6.11
CA ASP A 34 -2.95 -11.63 5.73
C ASP A 34 -3.58 -10.28 6.09
N ALA A 35 -3.21 -9.73 7.24
CA ALA A 35 -3.69 -8.42 7.66
C ALA A 35 -3.28 -7.35 6.66
N LEU A 36 -2.01 -7.39 6.24
CA LEU A 36 -1.48 -6.41 5.29
C LEU A 36 -2.18 -6.50 3.94
N ARG A 37 -2.40 -7.73 3.47
CA ARG A 37 -3.03 -7.94 2.17
C ARG A 37 -4.49 -7.48 2.17
N LEU A 38 -5.19 -7.71 3.27
CA LEU A 38 -6.59 -7.29 3.40
C LEU A 38 -6.71 -5.77 3.38
N ASP A 39 -5.79 -5.08 4.04
CA ASP A 39 -5.78 -3.61 4.05
C ASP A 39 -5.61 -3.06 2.64
N MET A 40 -4.65 -3.62 1.91
CA MET A 40 -4.36 -3.18 0.55
C MET A 40 -5.57 -3.40 -0.37
N ALA A 41 -6.20 -4.56 -0.24
CA ALA A 41 -7.36 -4.90 -1.06
C ALA A 41 -8.55 -3.98 -0.77
N ASP A 42 -8.73 -3.61 0.50
CA ASP A 42 -9.81 -2.71 0.90
C ASP A 42 -9.63 -1.31 0.30
N PHE A 43 -8.39 -0.82 0.29
CA PHE A 43 -8.09 0.50 -0.26
C PHE A 43 -8.40 0.55 -1.76
N ALA A 44 -7.95 -0.48 -2.47
CA ALA A 44 -8.15 -0.56 -3.92
C ALA A 44 -9.63 -0.71 -4.27
N THR A 45 -10.34 -1.54 -3.51
CA THR A 45 -11.76 -1.78 -3.75
C THR A 45 -12.58 -0.51 -3.54
N THR A 46 -12.25 0.26 -2.50
CA THR A 46 -12.97 1.49 -2.21
C THR A 46 -12.81 2.51 -3.33
N MET A 47 -11.57 2.66 -3.81
CA MET A 47 -11.29 3.60 -4.89
C MET A 47 -12.05 3.24 -6.16
N ALA A 48 -12.07 1.94 -6.48
CA ALA A 48 -12.75 1.46 -7.67
C ALA A 48 -14.26 1.72 -7.60
N GLN A 49 -14.84 1.52 -6.41
CA GLN A 49 -16.27 1.73 -6.20
C GLN A 49 -16.66 3.18 -6.47
N ALA A 50 -15.84 4.10 -5.96
CA ALA A 50 -16.09 5.53 -6.15
C ALA A 50 -16.06 5.90 -7.64
N MET A 51 -15.06 5.36 -8.35
CA MET A 51 -14.92 5.63 -9.78
C MET A 51 -16.17 5.20 -10.55
N GLU A 52 -16.68 4.02 -10.21
CA GLU A 52 -17.87 3.48 -10.88
C GLU A 52 -19.08 4.38 -10.67
N GLU A 53 -19.26 4.86 -9.43
CA GLU A 53 -20.38 5.73 -9.11
C GLU A 53 -20.32 7.01 -9.92
N GLY A 54 -19.13 7.61 -9.99
CA GLY A 54 -18.93 8.85 -10.74
C GLY A 54 -19.65 10.01 -10.07
N LEU A 55 -19.36 10.22 -8.79
CA LEU A 55 -19.97 11.30 -8.03
C LEU A 55 -19.31 12.62 -8.36
N ASP A 56 -20.06 13.71 -8.22
CA ASP A 56 -19.55 15.05 -8.52
C ASP A 56 -18.35 15.37 -7.63
N SER A 57 -18.48 15.08 -6.34
CA SER A 57 -17.40 15.35 -5.39
C SER A 57 -17.40 14.28 -4.30
N LEU A 58 -16.21 13.98 -3.78
CA LEU A 58 -16.07 12.99 -2.72
C LEU A 58 -16.27 13.63 -1.35
N PRO A 59 -16.74 12.91 -0.34
CA PRO A 59 -16.96 13.50 1.02
C PRO A 59 -15.68 13.55 1.84
N GLN A 60 -15.66 14.43 2.84
CA GLN A 60 -14.51 14.56 3.73
C GLN A 60 -14.17 13.23 4.41
N SER A 61 -15.20 12.47 4.78
CA SER A 61 -15.00 11.16 5.40
C SER A 61 -14.18 10.23 4.50
N PHE A 62 -14.47 10.26 3.19
CA PHE A 62 -13.78 9.41 2.23
C PHE A 62 -12.30 9.76 2.16
N LEU A 63 -12.01 11.06 2.02
CA LEU A 63 -10.63 11.51 1.88
C LEU A 63 -9.79 11.11 3.09
N LEU A 64 -10.35 11.32 4.29
CA LEU A 64 -9.65 11.00 5.53
C LEU A 64 -9.39 9.50 5.67
N LYS A 65 -10.38 8.69 5.27
CA LYS A 65 -10.26 7.23 5.34
C LYS A 65 -9.13 6.72 4.42
N ALA A 66 -8.98 7.34 3.25
CA ALA A 66 -7.95 6.94 2.30
C ALA A 66 -6.56 7.21 2.85
N LEU A 67 -6.37 8.39 3.44
CA LEU A 67 -5.07 8.78 4.00
C LEU A 67 -4.69 7.86 5.16
N GLU A 68 -5.66 7.59 6.04
CA GLU A 68 -5.42 6.74 7.20
C GLU A 68 -5.17 5.29 6.82
N GLN A 69 -5.87 4.80 5.79
CA GLN A 69 -5.73 3.42 5.34
C GLN A 69 -4.32 3.15 4.83
N ILE A 70 -3.92 3.89 3.79
CA ILE A 70 -2.59 3.74 3.20
C ILE A 70 -1.49 3.92 4.26
N ARG A 71 -1.66 4.91 5.12
CA ARG A 71 -0.71 5.16 6.20
C ARG A 71 -0.60 3.93 7.11
N LYS A 72 -1.72 3.31 7.43
CA LYS A 72 -1.75 2.13 8.28
C LYS A 72 -0.98 0.97 7.65
N ILE A 73 -1.10 0.80 6.33
CA ILE A 73 -0.39 -0.26 5.62
C ILE A 73 1.12 -0.05 5.73
N GLN A 74 1.57 1.20 5.57
CA GLN A 74 3.00 1.52 5.65
C GLN A 74 3.55 1.18 7.04
N ALA A 75 2.80 1.56 8.07
CA ALA A 75 3.22 1.31 9.45
C ALA A 75 3.33 -0.19 9.73
N ASP A 76 2.34 -0.94 9.26
CA ASP A 76 2.32 -2.39 9.44
C ASP A 76 3.52 -3.07 8.76
N ALA A 77 3.90 -2.55 7.59
CA ALA A 77 5.04 -3.08 6.84
C ALA A 77 6.35 -2.84 7.60
N ALA A 78 6.49 -1.67 8.21
CA ALA A 78 7.70 -1.31 8.94
C ALA A 78 7.90 -2.22 10.15
N ALA A 79 6.81 -2.46 10.89
CA ALA A 79 6.88 -3.27 12.10
C ALA A 79 7.15 -4.74 11.76
N LEU A 80 6.41 -5.24 10.76
CA LEU A 80 6.55 -6.64 10.33
C LEU A 80 7.98 -6.92 9.87
N ARG A 81 8.49 -6.02 9.03
CA ARG A 81 9.86 -6.15 8.50
C ARG A 81 10.90 -6.09 9.60
N GLU A 82 10.68 -5.23 10.60
CA GLU A 82 11.61 -5.09 11.73
C GLU A 82 11.78 -6.41 12.45
N LYS A 83 10.66 -7.08 12.73
CA LYS A 83 10.68 -8.35 13.46
C LYS A 83 11.36 -9.45 12.64
N LEU A 84 11.04 -9.51 11.35
CA LEU A 84 11.60 -10.53 10.47
C LEU A 84 13.12 -10.38 10.32
N ALA A 85 13.58 -9.14 10.21
CA ALA A 85 15.00 -8.86 10.05
C ALA A 85 15.79 -9.30 11.27
N ALA A 86 15.27 -8.97 12.45
CA ALA A 86 15.90 -9.37 13.71
C ALA A 86 16.02 -10.89 13.81
N THR A 87 14.95 -11.58 13.43
CA THR A 87 14.93 -13.04 13.48
C THR A 87 15.82 -13.64 12.40
N TYR A 88 15.71 -13.10 11.18
CA TYR A 88 16.52 -13.59 10.06
C TYR A 88 16.90 -12.44 9.14
N LYS A 89 18.16 -12.42 8.71
CA LYS A 89 18.66 -11.37 7.82
C LYS A 89 19.91 -11.84 7.10
N GLY A 90 20.43 -10.99 6.21
CA GLY A 90 21.64 -11.32 5.45
C GLY A 90 21.31 -12.02 4.13
N ASN A 91 20.30 -12.89 4.14
CA ASN A 91 19.93 -13.65 2.94
C ASN A 91 19.61 -12.73 1.77
N ASP A 92 19.85 -13.23 0.56
CA ASP A 92 19.68 -12.44 -0.65
C ASP A 92 18.25 -11.90 -0.76
N ARG A 93 17.27 -12.73 -0.42
CA ARG A 93 15.87 -12.32 -0.49
C ARG A 93 15.60 -11.09 0.38
N ALA A 94 16.17 -11.10 1.59
CA ALA A 94 16.02 -9.97 2.50
C ALA A 94 16.56 -8.68 1.87
N ALA A 95 17.73 -8.78 1.24
CA ALA A 95 18.35 -7.63 0.59
C ALA A 95 17.43 -7.04 -0.48
N ALA A 96 16.79 -7.91 -1.26
CA ALA A 96 15.86 -7.48 -2.29
C ALA A 96 14.71 -6.68 -1.70
N ALA A 97 14.17 -7.16 -0.57
CA ALA A 97 13.07 -6.46 0.11
C ALA A 97 13.45 -5.02 0.45
N VAL A 98 14.69 -4.82 0.90
CA VAL A 98 15.18 -3.49 1.22
C VAL A 98 15.13 -2.60 -0.03
N GLU A 99 15.58 -3.14 -1.16
CA GLU A 99 15.59 -2.40 -2.42
C GLU A 99 14.18 -1.96 -2.80
N ILE A 100 13.23 -2.89 -2.70
CA ILE A 100 11.83 -2.60 -3.03
C ILE A 100 11.29 -1.50 -2.12
N ALA A 101 11.59 -1.58 -0.82
CA ALA A 101 11.12 -0.61 0.15
C ALA A 101 11.53 0.82 -0.24
N ALA A 102 12.77 0.97 -0.71
CA ALA A 102 13.29 2.27 -1.11
C ALA A 102 12.43 2.87 -2.23
N GLN A 103 12.11 2.04 -3.22
CA GLN A 103 11.29 2.48 -4.35
C GLN A 103 9.88 2.83 -3.88
N LEU A 104 9.30 1.96 -3.05
CA LEU A 104 7.95 2.16 -2.53
C LEU A 104 7.84 3.50 -1.80
N GLU A 105 8.86 3.85 -1.01
CA GLU A 105 8.86 5.09 -0.24
C GLU A 105 8.71 6.30 -1.17
N ALA A 106 9.48 6.30 -2.26
CA ALA A 106 9.43 7.39 -3.23
C ALA A 106 8.03 7.52 -3.82
N PHE A 107 7.52 6.40 -4.35
CA PHE A 107 6.17 6.36 -4.91
C PHE A 107 5.12 6.76 -3.88
N LEU A 108 5.28 6.25 -2.66
CA LEU A 108 4.35 6.56 -1.57
C LEU A 108 4.29 8.07 -1.32
N GLU A 109 5.46 8.71 -1.30
CA GLU A 109 5.55 10.15 -1.05
C GLU A 109 4.75 10.93 -2.08
N LYS A 110 4.93 10.58 -3.35
CA LYS A 110 4.22 11.25 -4.44
C LYS A 110 2.71 11.11 -4.27
N ALA A 111 2.26 9.91 -3.93
CA ALA A 111 0.84 9.65 -3.74
C ALA A 111 0.26 10.53 -2.63
N TYR A 112 1.01 10.73 -1.55
CA TYR A 112 0.58 11.57 -0.45
C TYR A 112 0.32 13.00 -0.92
N GLN A 113 1.23 13.52 -1.74
CA GLN A 113 1.09 14.87 -2.27
C GLN A 113 -0.22 15.02 -3.07
N ILE A 114 -0.50 14.02 -3.90
CA ILE A 114 -1.70 14.03 -4.73
C ILE A 114 -2.96 14.04 -3.85
N LEU A 115 -2.96 13.22 -2.80
CA LEU A 115 -4.12 13.08 -1.93
C LEU A 115 -4.49 14.42 -1.30
N ARG A 116 -3.59 14.95 -0.48
CA ARG A 116 -3.82 16.22 0.22
C ARG A 116 -4.18 17.35 -0.75
N HIS A 117 -3.49 17.38 -1.90
CA HIS A 117 -3.74 18.41 -2.91
C HIS A 117 -5.20 18.38 -3.38
N LEU A 118 -5.72 17.18 -3.61
CA LEU A 118 -7.09 17.03 -4.08
C LEU A 118 -8.08 17.58 -3.05
N ALA A 119 -7.86 17.21 -1.78
CA ALA A 119 -8.71 17.67 -0.70
C ALA A 119 -8.69 19.19 -0.60
N ALA A 120 -7.49 19.77 -0.65
CA ALA A 120 -7.32 21.22 -0.58
C ALA A 120 -7.90 21.87 -1.83
N ALA A 121 -8.51 23.04 -1.64
CA ALA A 121 -9.11 23.78 -2.75
C ALA A 121 -9.01 25.28 -2.50
N LEU A 1 -8.44 13.59 -13.86
CA LEU A 1 -9.08 12.97 -12.70
C LEU A 1 -9.08 11.46 -12.85
N ALA A 2 -9.79 10.96 -13.85
CA ALA A 2 -9.88 9.54 -14.11
C ALA A 2 -8.50 8.95 -14.40
N ALA A 3 -7.75 9.65 -15.25
CA ALA A 3 -6.40 9.20 -15.62
C ALA A 3 -5.50 9.11 -14.40
N ALA A 4 -5.55 10.15 -13.56
CA ALA A 4 -4.74 10.20 -12.35
C ALA A 4 -5.08 9.04 -11.42
N LEU A 5 -6.38 8.81 -11.23
CA LEU A 5 -6.84 7.73 -10.36
C LEU A 5 -6.33 6.37 -10.85
N ALA A 6 -6.40 6.15 -12.16
CA ALA A 6 -5.95 4.90 -12.76
C ALA A 6 -4.49 4.61 -12.42
N GLU A 7 -3.65 5.65 -12.51
CA GLU A 7 -2.22 5.50 -12.23
C GLU A 7 -1.99 4.99 -10.80
N ILE A 8 -2.72 5.57 -9.85
CA ILE A 8 -2.60 5.16 -8.45
C ILE A 8 -3.00 3.71 -8.29
N TYR A 9 -4.14 3.35 -8.88
CA TYR A 9 -4.65 1.98 -8.80
C TYR A 9 -3.65 0.99 -9.38
N LYS A 10 -3.11 1.33 -10.55
CA LYS A 10 -2.14 0.47 -11.23
C LYS A 10 -0.90 0.26 -10.35
N GLY A 11 -0.40 1.36 -9.78
CA GLY A 11 0.77 1.28 -8.91
C GLY A 11 0.52 0.37 -7.71
N LEU A 12 -0.65 0.53 -7.09
CA LEU A 12 -1.01 -0.27 -5.93
C LEU A 12 -1.04 -1.76 -6.29
N ALA A 13 -1.75 -2.08 -7.37
CA ALA A 13 -1.87 -3.45 -7.83
C ALA A 13 -0.50 -4.06 -8.15
N GLU A 14 0.35 -3.28 -8.81
CA GLU A 14 1.69 -3.73 -9.18
C GLU A 14 2.49 -4.09 -7.93
N TYR A 15 2.44 -3.21 -6.93
CA TYR A 15 3.16 -3.44 -5.68
C TYR A 15 2.60 -4.65 -4.95
N GLN A 16 1.27 -4.74 -4.87
CA GLN A 16 0.61 -5.85 -4.19
C GLN A 16 0.98 -7.18 -4.84
N ALA A 17 0.96 -7.21 -6.17
CA ALA A 17 1.31 -8.43 -6.92
C ALA A 17 2.73 -8.88 -6.58
N ARG A 18 3.67 -7.94 -6.56
CA ARG A 18 5.06 -8.24 -6.26
C ARG A 18 5.19 -8.87 -4.87
N LEU A 19 4.50 -8.28 -3.90
CA LEU A 19 4.53 -8.78 -2.52
C LEU A 19 4.04 -10.23 -2.46
N LYS A 20 2.94 -10.51 -3.18
CA LYS A 20 2.36 -11.84 -3.19
C LYS A 20 3.37 -12.91 -3.61
N SER A 21 4.21 -12.58 -4.60
CA SER A 21 5.22 -13.52 -5.08
C SER A 21 6.19 -13.89 -3.95
N LEU A 22 6.56 -12.90 -3.13
CA LEU A 22 7.45 -13.12 -1.98
C LEU A 22 6.71 -13.65 -0.73
N GLU A 23 5.41 -13.39 -0.64
CA GLU A 23 4.67 -13.53 0.61
C GLU A 23 4.91 -14.85 1.35
N GLY A 24 5.30 -15.91 0.62
CA GLY A 24 5.53 -17.21 1.24
C GLY A 24 6.75 -17.20 2.16
N ILE A 25 6.57 -16.65 3.36
CA ILE A 25 7.64 -16.61 4.36
C ILE A 25 7.06 -16.81 5.75
N SER A 26 7.50 -17.87 6.44
CA SER A 26 7.07 -18.13 7.81
C SER A 26 5.53 -18.23 7.91
N PRO A 27 4.93 -19.31 7.44
CA PRO A 27 3.43 -19.47 7.50
C PRO A 27 2.87 -19.21 8.90
N GLU A 28 3.67 -19.46 9.94
CA GLU A 28 3.23 -19.26 11.32
C GLU A 28 2.77 -17.82 11.55
N LEU A 29 3.55 -16.87 11.06
CA LEU A 29 3.20 -15.46 11.19
C LEU A 29 2.31 -15.03 10.02
N GLY A 30 1.25 -15.80 9.80
CA GLY A 30 0.33 -15.56 8.69
C GLY A 30 -0.60 -14.36 8.97
N PRO A 31 -1.34 -14.35 10.06
CA PRO A 31 -2.33 -13.25 10.35
C PRO A 31 -1.83 -11.85 10.03
N ALA A 32 -0.53 -11.62 10.24
CA ALA A 32 0.07 -10.32 9.94
C ALA A 32 0.05 -10.05 8.44
N LEU A 33 0.44 -11.05 7.66
CA LEU A 33 0.46 -10.93 6.20
C LEU A 33 -0.94 -10.69 5.66
N ASP A 34 -1.92 -11.45 6.17
CA ASP A 34 -3.30 -11.32 5.73
C ASP A 34 -3.82 -9.91 5.95
N ALA A 35 -3.53 -9.36 7.13
CA ALA A 35 -3.98 -8.01 7.48
C ALA A 35 -3.42 -6.99 6.51
N LEU A 36 -2.11 -7.10 6.22
CA LEU A 36 -1.45 -6.18 5.31
C LEU A 36 -2.07 -6.26 3.92
N ARG A 37 -2.26 -7.49 3.44
CA ARG A 37 -2.85 -7.70 2.11
C ARG A 37 -4.28 -7.18 2.07
N LEU A 38 -5.06 -7.48 3.11
CA LEU A 38 -6.45 -7.05 3.18
C LEU A 38 -6.56 -5.53 3.12
N ASP A 39 -5.70 -4.84 3.88
CA ASP A 39 -5.68 -3.39 3.91
C ASP A 39 -5.41 -2.82 2.51
N MET A 40 -4.39 -3.38 1.85
CA MET A 40 -4.02 -2.93 0.51
C MET A 40 -5.12 -3.29 -0.50
N ALA A 41 -5.61 -4.51 -0.42
CA ALA A 41 -6.66 -4.98 -1.32
C ALA A 41 -7.92 -4.10 -1.18
N ASP A 42 -8.30 -3.83 0.06
CA ASP A 42 -9.49 -3.03 0.33
C ASP A 42 -9.34 -1.64 -0.29
N PHE A 43 -8.17 -1.03 -0.11
CA PHE A 43 -7.91 0.30 -0.65
C PHE A 43 -8.05 0.30 -2.17
N ALA A 44 -7.45 -0.71 -2.81
CA ALA A 44 -7.47 -0.83 -4.27
C ALA A 44 -8.91 -1.06 -4.76
N THR A 45 -9.61 -1.97 -4.10
CA THR A 45 -10.98 -2.30 -4.47
C THR A 45 -11.87 -1.06 -4.36
N THR A 46 -11.74 -0.34 -3.25
CA THR A 46 -12.53 0.86 -3.03
C THR A 46 -12.28 1.89 -4.12
N MET A 47 -11.01 2.10 -4.47
CA MET A 47 -10.64 3.05 -5.50
C MET A 47 -11.29 2.70 -6.84
N ALA A 48 -11.27 1.40 -7.18
CA ALA A 48 -11.86 0.93 -8.43
C ALA A 48 -13.34 1.29 -8.51
N GLN A 49 -14.06 1.07 -7.41
CA GLN A 49 -15.49 1.36 -7.35
C GLN A 49 -15.75 2.84 -7.64
N ALA A 50 -14.94 3.72 -7.04
CA ALA A 50 -15.08 5.16 -7.24
C ALA A 50 -14.93 5.52 -8.72
N MET A 51 -13.92 4.94 -9.37
CA MET A 51 -13.67 5.19 -10.78
C MET A 51 -14.87 4.83 -11.64
N GLU A 52 -15.47 3.67 -11.35
CA GLU A 52 -16.64 3.20 -12.09
C GLU A 52 -17.78 4.21 -12.01
N GLU A 53 -18.02 4.74 -10.81
CA GLU A 53 -19.09 5.70 -10.59
C GLU A 53 -18.86 6.95 -11.45
N GLY A 54 -17.62 7.45 -11.45
CA GLY A 54 -17.28 8.62 -12.24
C GLY A 54 -17.64 9.90 -11.49
N LEU A 55 -17.29 9.95 -10.20
CA LEU A 55 -17.58 11.12 -9.37
C LEU A 55 -16.40 12.08 -9.39
N ASP A 56 -16.72 13.38 -9.40
CA ASP A 56 -15.69 14.42 -9.41
C ASP A 56 -14.80 14.32 -8.18
N SER A 57 -15.44 14.16 -7.01
CA SER A 57 -14.71 14.06 -5.76
C SER A 57 -15.44 13.13 -4.80
N LEU A 58 -14.69 12.54 -3.86
CA LEU A 58 -15.27 11.63 -2.87
C LEU A 58 -15.70 12.39 -1.62
N PRO A 59 -16.67 11.90 -0.85
CA PRO A 59 -17.14 12.61 0.38
C PRO A 59 -15.99 12.96 1.31
N GLN A 60 -16.20 13.99 2.14
CA GLN A 60 -15.18 14.43 3.09
C GLN A 60 -14.81 13.31 4.05
N SER A 61 -15.82 12.60 4.56
CA SER A 61 -15.61 11.50 5.50
C SER A 61 -14.69 10.43 4.91
N PHE A 62 -14.91 10.12 3.63
CA PHE A 62 -14.10 9.10 2.95
C PHE A 62 -12.61 9.45 2.99
N LEU A 63 -12.29 10.72 2.77
CA LEU A 63 -10.91 11.19 2.78
C LEU A 63 -10.23 10.89 4.13
N LEU A 64 -10.97 11.09 5.22
CA LEU A 64 -10.44 10.84 6.56
C LEU A 64 -10.00 9.39 6.71
N LYS A 65 -10.91 8.47 6.37
CA LYS A 65 -10.62 7.04 6.46
C LYS A 65 -9.43 6.66 5.59
N ALA A 66 -9.41 7.18 4.36
CA ALA A 66 -8.32 6.89 3.44
C ALA A 66 -6.98 7.35 4.01
N LEU A 67 -6.96 8.55 4.57
CA LEU A 67 -5.74 9.10 5.16
C LEU A 67 -5.22 8.19 6.28
N GLU A 68 -6.14 7.71 7.12
CA GLU A 68 -5.77 6.83 8.23
C GLU A 68 -5.39 5.44 7.75
N GLN A 69 -6.16 4.91 6.80
CA GLN A 69 -5.93 3.56 6.27
C GLN A 69 -4.54 3.43 5.68
N ILE A 70 -4.22 4.31 4.75
CA ILE A 70 -2.90 4.29 4.08
C ILE A 70 -1.77 4.45 5.10
N ARG A 71 -1.96 5.35 6.06
CA ARG A 71 -0.96 5.60 7.10
C ARG A 71 -0.66 4.32 7.88
N LYS A 72 -1.71 3.59 8.25
CA LYS A 72 -1.55 2.35 9.00
C LYS A 72 -0.68 1.34 8.25
N ILE A 73 -0.91 1.23 6.94
CA ILE A 73 -0.14 0.30 6.10
C ILE A 73 1.35 0.65 6.14
N GLN A 74 1.66 1.94 5.99
CA GLN A 74 3.04 2.41 6.02
C GLN A 74 3.70 2.07 7.35
N ALA A 75 2.99 2.34 8.45
CA ALA A 75 3.50 2.05 9.79
C ALA A 75 3.66 0.55 9.99
N ASP A 76 2.62 -0.20 9.62
CA ASP A 76 2.63 -1.66 9.76
C ASP A 76 3.78 -2.27 8.97
N ALA A 77 3.97 -1.80 7.74
CA ALA A 77 5.03 -2.32 6.88
C ALA A 77 6.40 -2.12 7.51
N ALA A 78 6.62 -0.92 8.07
CA ALA A 78 7.89 -0.60 8.72
C ALA A 78 8.20 -1.57 9.86
N ALA A 79 7.18 -1.82 10.68
CA ALA A 79 7.32 -2.72 11.82
C ALA A 79 7.68 -4.13 11.34
N LEU A 80 6.97 -4.61 10.32
CA LEU A 80 7.21 -5.94 9.77
C LEU A 80 8.64 -6.07 9.26
N ARG A 81 9.10 -5.04 8.55
CA ARG A 81 10.45 -5.05 7.99
C ARG A 81 11.51 -5.21 9.09
N GLU A 82 11.32 -4.47 10.19
CA GLU A 82 12.25 -4.52 11.31
C GLU A 82 12.33 -5.93 11.88
N LYS A 83 11.18 -6.55 12.06
CA LYS A 83 11.11 -7.92 12.60
C LYS A 83 11.79 -8.89 11.66
N LEU A 84 11.46 -8.79 10.38
CA LEU A 84 12.03 -9.67 9.36
C LEU A 84 13.56 -9.52 9.31
N ALA A 85 14.01 -8.27 9.29
CA ALA A 85 15.44 -7.98 9.23
C ALA A 85 16.16 -8.57 10.44
N ALA A 86 15.58 -8.36 11.63
CA ALA A 86 16.17 -8.87 12.86
C ALA A 86 16.19 -10.39 12.86
N THR A 87 15.06 -10.99 12.48
CA THR A 87 14.94 -12.45 12.44
C THR A 87 15.93 -13.04 11.44
N TYR A 88 15.97 -12.45 10.24
CA TYR A 88 16.87 -12.92 9.19
C TYR A 88 17.34 -11.77 8.32
N LYS A 89 18.53 -11.91 7.76
CA LYS A 89 19.11 -10.86 6.90
C LYS A 89 20.43 -11.34 6.30
N GLY A 90 20.94 -10.54 5.36
CA GLY A 90 22.22 -10.87 4.71
C GLY A 90 21.99 -11.63 3.41
N ASN A 91 21.07 -12.60 3.44
CA ASN A 91 20.77 -13.41 2.26
C ASN A 91 20.30 -12.54 1.10
N ASP A 92 20.61 -12.98 -0.11
CA ASP A 92 20.22 -12.23 -1.32
C ASP A 92 18.70 -12.09 -1.40
N ARG A 93 17.99 -13.18 -1.13
CA ARG A 93 16.53 -13.17 -1.18
C ARG A 93 15.95 -12.15 -0.20
N ALA A 94 16.49 -12.15 1.01
CA ALA A 94 16.03 -11.21 2.04
C ALA A 94 16.32 -9.77 1.64
N ALA A 95 17.53 -9.54 1.14
CA ALA A 95 17.94 -8.19 0.72
C ALA A 95 17.01 -7.65 -0.37
N ALA A 96 16.64 -8.50 -1.32
CA ALA A 96 15.77 -8.10 -2.41
C ALA A 96 14.44 -7.57 -1.89
N ALA A 97 13.87 -8.28 -0.92
CA ALA A 97 12.60 -7.88 -0.32
C ALA A 97 12.67 -6.47 0.28
N VAL A 98 13.78 -6.20 0.97
CA VAL A 98 13.98 -4.89 1.60
C VAL A 98 13.97 -3.79 0.53
N GLU A 99 14.66 -4.03 -0.58
CA GLU A 99 14.74 -3.06 -1.67
C GLU A 99 13.34 -2.67 -2.17
N ILE A 100 12.46 -3.66 -2.29
CA ILE A 100 11.09 -3.41 -2.76
C ILE A 100 10.39 -2.47 -1.78
N ALA A 101 10.52 -2.74 -0.48
CA ALA A 101 9.89 -1.91 0.55
C ALA A 101 10.34 -0.46 0.45
N ALA A 102 11.63 -0.25 0.20
CA ALA A 102 12.18 1.10 0.07
C ALA A 102 11.49 1.86 -1.06
N GLN A 103 11.31 1.19 -2.20
CA GLN A 103 10.65 1.80 -3.35
C GLN A 103 9.23 2.24 -2.99
N LEU A 104 8.51 1.39 -2.27
CA LEU A 104 7.14 1.68 -1.86
C LEU A 104 7.07 2.98 -1.06
N GLU A 105 8.03 3.16 -0.14
CA GLU A 105 8.07 4.36 0.70
C GLU A 105 8.16 5.63 -0.15
N ALA A 106 9.04 5.60 -1.16
CA ALA A 106 9.21 6.73 -2.05
C ALA A 106 7.92 7.01 -2.81
N PHE A 107 7.33 5.95 -3.37
CA PHE A 107 6.07 6.09 -4.10
C PHE A 107 4.95 6.58 -3.20
N LEU A 108 4.88 6.02 -1.99
CA LEU A 108 3.84 6.41 -1.03
C LEU A 108 3.87 7.91 -0.73
N GLU A 109 5.09 8.44 -0.57
CA GLU A 109 5.26 9.87 -0.28
C GLU A 109 4.67 10.72 -1.41
N LYS A 110 4.96 10.35 -2.64
CA LYS A 110 4.45 11.07 -3.81
C LYS A 110 2.93 11.03 -3.83
N ALA A 111 2.36 9.84 -3.60
CA ALA A 111 0.91 9.67 -3.59
C ALA A 111 0.26 10.58 -2.56
N TYR A 112 0.86 10.66 -1.37
CA TYR A 112 0.32 11.49 -0.29
C TYR A 112 0.20 12.95 -0.72
N GLN A 113 1.24 13.46 -1.40
CA GLN A 113 1.24 14.84 -1.86
C GLN A 113 0.09 15.07 -2.83
N ILE A 114 -0.09 14.16 -3.78
CA ILE A 114 -1.16 14.26 -4.76
C ILE A 114 -2.52 14.24 -4.05
N LEU A 115 -2.68 13.26 -3.15
CA LEU A 115 -3.93 13.12 -2.41
C LEU A 115 -4.23 14.38 -1.61
N ARG A 116 -3.22 14.91 -0.93
CA ARG A 116 -3.37 16.12 -0.12
C ARG A 116 -3.84 17.28 -0.99
N HIS A 117 -3.22 17.45 -2.15
CA HIS A 117 -3.57 18.53 -3.07
C HIS A 117 -5.02 18.41 -3.51
N LEU A 118 -5.42 17.20 -3.88
CA LEU A 118 -6.78 16.94 -4.33
C LEU A 118 -7.79 17.27 -3.22
N ALA A 119 -7.49 16.83 -2.00
CA ALA A 119 -8.35 17.07 -0.86
C ALA A 119 -8.50 18.57 -0.61
N ALA A 120 -7.37 19.27 -0.62
CA ALA A 120 -7.37 20.72 -0.40
C ALA A 120 -8.09 21.43 -1.54
N ALA A 121 -8.78 22.52 -1.19
CA ALA A 121 -9.52 23.30 -2.19
C ALA A 121 -8.56 23.90 -3.22
N LEU A 1 -8.61 14.31 -11.84
CA LEU A 1 -8.14 13.68 -13.07
C LEU A 1 -8.36 12.17 -13.01
N ALA A 2 -9.29 11.68 -13.83
CA ALA A 2 -9.60 10.26 -13.87
C ALA A 2 -8.36 9.43 -14.23
N ALA A 3 -7.59 9.93 -15.20
CA ALA A 3 -6.38 9.23 -15.64
C ALA A 3 -5.41 9.01 -14.48
N ALA A 4 -5.30 9.98 -13.58
CA ALA A 4 -4.40 9.88 -12.43
C ALA A 4 -4.77 8.67 -11.57
N LEU A 5 -6.06 8.50 -11.32
CA LEU A 5 -6.55 7.37 -10.52
C LEU A 5 -6.14 6.03 -11.14
N ALA A 6 -6.24 5.95 -12.48
CA ALA A 6 -5.84 4.75 -13.19
C ALA A 6 -4.37 4.41 -12.94
N GLU A 7 -3.52 5.43 -12.97
CA GLU A 7 -2.09 5.25 -12.73
C GLU A 7 -1.84 4.64 -11.35
N ILE A 8 -2.57 5.15 -10.35
CA ILE A 8 -2.43 4.63 -8.98
C ILE A 8 -2.79 3.14 -8.93
N TYR A 9 -3.85 2.75 -9.65
CA TYR A 9 -4.27 1.35 -9.67
C TYR A 9 -3.17 0.45 -10.24
N LYS A 10 -2.52 0.89 -11.30
CA LYS A 10 -1.48 0.11 -11.95
C LYS A 10 -0.28 -0.11 -11.03
N GLY A 11 0.12 0.96 -10.34
CA GLY A 11 1.30 0.89 -9.46
C GLY A 11 1.08 -0.06 -8.30
N LEU A 12 0.05 0.22 -7.50
CA LEU A 12 -0.28 -0.61 -6.35
C LEU A 12 -0.50 -2.08 -6.74
N ALA A 13 -1.13 -2.31 -7.89
CA ALA A 13 -1.38 -3.67 -8.37
C ALA A 13 -0.07 -4.43 -8.56
N GLU A 14 0.90 -3.77 -9.20
CA GLU A 14 2.20 -4.37 -9.44
C GLU A 14 2.87 -4.78 -8.12
N TYR A 15 2.80 -3.88 -7.13
CA TYR A 15 3.38 -4.14 -5.82
C TYR A 15 2.74 -5.38 -5.17
N GLN A 16 1.43 -5.54 -5.35
CA GLN A 16 0.71 -6.68 -4.78
C GLN A 16 1.22 -7.99 -5.36
N ALA A 17 1.50 -8.01 -6.67
CA ALA A 17 1.98 -9.21 -7.34
C ALA A 17 3.32 -9.65 -6.75
N ARG A 18 4.28 -8.72 -6.70
CA ARG A 18 5.61 -9.02 -6.17
C ARG A 18 5.53 -9.51 -4.72
N LEU A 19 4.65 -8.89 -3.93
CA LEU A 19 4.47 -9.28 -2.53
C LEU A 19 3.96 -10.72 -2.42
N LYS A 20 3.04 -11.11 -3.31
CA LYS A 20 2.47 -12.45 -3.28
C LYS A 20 3.55 -13.50 -3.44
N SER A 21 4.48 -13.28 -4.38
CA SER A 21 5.59 -14.20 -4.59
C SER A 21 6.44 -14.31 -3.32
N LEU A 22 6.74 -13.16 -2.72
CA LEU A 22 7.50 -13.11 -1.47
C LEU A 22 6.72 -13.66 -0.28
N GLU A 23 5.39 -13.66 -0.34
CA GLU A 23 4.55 -14.00 0.82
C GLU A 23 4.97 -15.31 1.51
N GLY A 24 5.60 -16.23 0.77
CA GLY A 24 5.98 -17.52 1.32
C GLY A 24 7.27 -17.46 2.12
N ILE A 25 7.19 -16.96 3.35
CA ILE A 25 8.32 -16.95 4.27
C ILE A 25 7.80 -17.23 5.69
N SER A 26 8.39 -18.23 6.34
CA SER A 26 8.01 -18.60 7.69
C SER A 26 6.52 -18.97 7.76
N PRO A 27 6.12 -20.13 7.26
CA PRO A 27 4.68 -20.57 7.30
C PRO A 27 4.06 -20.41 8.69
N GLU A 28 4.87 -20.56 9.74
CA GLU A 28 4.40 -20.43 11.11
C GLU A 28 3.80 -19.05 11.35
N LEU A 29 4.60 -18.01 11.10
CA LEU A 29 4.14 -16.64 11.24
C LEU A 29 3.56 -16.14 9.91
N GLY A 30 2.69 -16.97 9.31
CA GLY A 30 2.09 -16.65 8.03
C GLY A 30 0.84 -15.77 8.20
N PRO A 31 -0.15 -16.18 8.98
CA PRO A 31 -1.41 -15.38 9.14
C PRO A 31 -1.18 -13.89 9.35
N ALA A 32 -0.04 -13.54 9.95
CA ALA A 32 0.30 -12.13 10.18
C ALA A 32 0.40 -11.39 8.85
N LEU A 33 1.34 -11.82 8.01
CA LEU A 33 1.53 -11.21 6.70
C LEU A 33 0.25 -11.25 5.86
N ASP A 34 -0.52 -12.32 5.99
CA ASP A 34 -1.77 -12.47 5.25
C ASP A 34 -2.76 -11.36 5.60
N ALA A 35 -2.84 -11.03 6.89
CA ALA A 35 -3.74 -9.98 7.36
C ALA A 35 -3.39 -8.65 6.72
N LEU A 36 -2.10 -8.32 6.69
CA LEU A 36 -1.63 -7.08 6.08
C LEU A 36 -2.04 -6.99 4.62
N ARG A 37 -1.86 -8.10 3.90
CA ARG A 37 -2.24 -8.16 2.49
C ARG A 37 -3.73 -7.92 2.29
N LEU A 38 -4.56 -8.45 3.19
CA LEU A 38 -6.00 -8.27 3.13
C LEU A 38 -6.38 -6.79 3.22
N ASP A 39 -5.69 -6.05 4.09
CA ASP A 39 -5.96 -4.62 4.25
C ASP A 39 -5.72 -3.87 2.95
N MET A 40 -4.58 -4.16 2.32
CA MET A 40 -4.22 -3.53 1.06
C MET A 40 -5.26 -3.82 -0.04
N ALA A 41 -5.74 -5.07 -0.07
CA ALA A 41 -6.72 -5.49 -1.06
C ALA A 41 -7.99 -4.66 -0.95
N ASP A 42 -8.50 -4.53 0.28
CA ASP A 42 -9.73 -3.79 0.54
C ASP A 42 -9.62 -2.34 0.06
N PHE A 43 -8.48 -1.71 0.31
CA PHE A 43 -8.26 -0.34 -0.12
C PHE A 43 -8.36 -0.20 -1.63
N ALA A 44 -7.77 -1.16 -2.35
CA ALA A 44 -7.81 -1.14 -3.81
C ALA A 44 -9.24 -1.25 -4.33
N THR A 45 -10.03 -2.12 -3.71
CA THR A 45 -11.42 -2.33 -4.12
C THR A 45 -12.23 -1.05 -3.98
N THR A 46 -12.02 -0.32 -2.88
CA THR A 46 -12.74 0.92 -2.64
C THR A 46 -12.45 1.95 -3.74
N MET A 47 -11.17 2.06 -4.11
CA MET A 47 -10.77 3.01 -5.15
C MET A 47 -11.45 2.68 -6.49
N ALA A 48 -11.52 1.38 -6.81
CA ALA A 48 -12.13 0.95 -8.06
C ALA A 48 -13.61 1.35 -8.12
N GLN A 49 -14.31 1.15 -7.02
CA GLN A 49 -15.73 1.50 -6.95
C GLN A 49 -15.95 2.98 -7.18
N ALA A 50 -15.09 3.81 -6.58
CA ALA A 50 -15.18 5.26 -6.74
C ALA A 50 -15.06 5.66 -8.21
N MET A 51 -14.13 5.03 -8.92
CA MET A 51 -13.92 5.32 -10.34
C MET A 51 -15.14 4.96 -11.18
N GLU A 52 -15.78 3.83 -10.85
CA GLU A 52 -16.96 3.39 -11.58
C GLU A 52 -18.08 4.42 -11.49
N GLU A 53 -18.28 4.98 -10.30
CA GLU A 53 -19.30 6.00 -10.08
C GLU A 53 -19.04 7.23 -10.94
N GLY A 54 -17.77 7.64 -11.03
CA GLY A 54 -17.39 8.82 -11.81
C GLY A 54 -18.01 10.09 -11.24
N LEU A 55 -18.03 10.21 -9.91
CA LEU A 55 -18.58 11.38 -9.24
C LEU A 55 -17.73 12.61 -9.54
N ASP A 56 -18.37 13.77 -9.62
CA ASP A 56 -17.66 15.03 -9.87
C ASP A 56 -16.61 15.30 -8.81
N SER A 57 -16.97 15.06 -7.54
CA SER A 57 -16.05 15.25 -6.43
C SER A 57 -16.39 14.31 -5.29
N LEU A 58 -15.36 13.75 -4.65
CA LEU A 58 -15.54 12.82 -3.54
C LEU A 58 -15.99 13.58 -2.28
N PRO A 59 -16.73 12.97 -1.38
CA PRO A 59 -17.20 13.66 -0.14
C PRO A 59 -16.08 13.82 0.88
N GLN A 60 -16.16 14.88 1.68
CA GLN A 60 -15.14 15.17 2.70
C GLN A 60 -14.95 14.00 3.66
N SER A 61 -16.06 13.33 4.02
CA SER A 61 -16.01 12.22 4.95
C SER A 61 -15.12 11.10 4.41
N PHE A 62 -15.37 10.72 3.16
CA PHE A 62 -14.57 9.68 2.51
C PHE A 62 -13.08 10.05 2.47
N LEU A 63 -12.79 11.32 2.24
CA LEU A 63 -11.40 11.79 2.19
C LEU A 63 -10.70 11.53 3.52
N LEU A 64 -11.38 11.83 4.62
CA LEU A 64 -10.82 11.61 5.96
C LEU A 64 -10.50 10.14 6.18
N LYS A 65 -11.42 9.27 5.75
CA LYS A 65 -11.23 7.82 5.90
C LYS A 65 -9.99 7.34 5.13
N ALA A 66 -9.75 7.91 3.95
CA ALA A 66 -8.61 7.53 3.13
C ALA A 66 -7.28 7.91 3.80
N LEU A 67 -7.24 9.09 4.41
CA LEU A 67 -6.02 9.58 5.03
C LEU A 67 -5.62 8.72 6.24
N GLU A 68 -6.61 8.41 7.09
CA GLU A 68 -6.36 7.63 8.29
C GLU A 68 -5.98 6.18 7.96
N GLN A 69 -6.62 5.61 6.93
CA GLN A 69 -6.38 4.23 6.55
C GLN A 69 -4.95 4.04 6.06
N ILE A 70 -4.54 4.88 5.09
CA ILE A 70 -3.21 4.77 4.51
C ILE A 70 -2.12 4.98 5.56
N ARG A 71 -2.35 5.92 6.49
CA ARG A 71 -1.39 6.18 7.57
C ARG A 71 -1.16 4.91 8.41
N LYS A 72 -2.24 4.22 8.73
CA LYS A 72 -2.16 2.99 9.52
C LYS A 72 -1.33 1.93 8.79
N ILE A 73 -1.53 1.80 7.48
CA ILE A 73 -0.78 0.84 6.68
C ILE A 73 0.72 1.15 6.72
N GLN A 74 1.08 2.44 6.67
CA GLN A 74 2.48 2.84 6.70
C GLN A 74 3.16 2.38 7.98
N ALA A 75 2.48 2.57 9.11
CA ALA A 75 3.02 2.19 10.41
C ALA A 75 3.26 0.67 10.48
N ASP A 76 2.28 -0.09 10.00
CA ASP A 76 2.37 -1.55 10.01
C ASP A 76 3.53 -2.06 9.14
N ALA A 77 3.75 -1.41 8.00
CA ALA A 77 4.81 -1.80 7.08
C ALA A 77 6.20 -1.60 7.70
N ALA A 78 6.38 -0.48 8.39
CA ALA A 78 7.67 -0.16 8.99
C ALA A 78 8.03 -1.17 10.08
N ALA A 79 7.07 -1.45 10.96
CA ALA A 79 7.30 -2.36 12.07
C ALA A 79 7.60 -3.77 11.57
N LEU A 80 6.80 -4.23 10.61
CA LEU A 80 6.97 -5.56 10.04
C LEU A 80 8.34 -5.74 9.39
N ARG A 81 8.79 -4.70 8.68
CA ARG A 81 10.08 -4.75 8.01
C ARG A 81 11.22 -4.94 9.02
N GLU A 82 11.14 -4.25 10.15
CA GLU A 82 12.16 -4.37 11.20
C GLU A 82 12.21 -5.81 11.72
N LYS A 83 11.04 -6.40 11.96
CA LYS A 83 10.96 -7.77 12.45
C LYS A 83 11.62 -8.75 11.49
N LEU A 84 11.40 -8.54 10.18
CA LEU A 84 11.98 -9.41 9.17
C LEU A 84 13.51 -9.36 9.19
N ALA A 85 14.06 -8.15 9.35
CA ALA A 85 15.50 -7.97 9.39
C ALA A 85 16.13 -8.77 10.53
N ALA A 86 15.49 -8.73 11.71
CA ALA A 86 15.99 -9.45 12.87
C ALA A 86 15.93 -10.96 12.65
N THR A 87 14.85 -11.44 12.05
CA THR A 87 14.65 -12.87 11.83
C THR A 87 15.76 -13.46 10.96
N TYR A 88 16.22 -12.70 9.96
CA TYR A 88 17.26 -13.19 9.06
C TYR A 88 17.99 -12.01 8.40
N LYS A 89 19.21 -12.27 7.94
CA LYS A 89 20.02 -11.24 7.29
C LYS A 89 21.11 -11.88 6.46
N GLY A 90 21.49 -11.22 5.36
CA GLY A 90 22.53 -11.72 4.48
C GLY A 90 21.96 -12.46 3.26
N ASN A 91 20.85 -13.17 3.46
CA ASN A 91 20.23 -13.94 2.37
C ASN A 91 19.84 -13.02 1.22
N ASP A 92 20.06 -13.49 -0.01
CA ASP A 92 19.75 -12.71 -1.19
C ASP A 92 18.26 -12.38 -1.27
N ARG A 93 17.42 -13.38 -1.00
CA ARG A 93 15.97 -13.18 -1.04
C ARG A 93 15.53 -12.09 -0.07
N ALA A 94 16.10 -12.11 1.14
CA ALA A 94 15.77 -11.11 2.15
C ALA A 94 16.09 -9.71 1.66
N ALA A 95 17.27 -9.55 1.06
CA ALA A 95 17.71 -8.25 0.55
C ALA A 95 16.74 -7.71 -0.49
N ALA A 96 16.26 -8.58 -1.37
CA ALA A 96 15.32 -8.18 -2.41
C ALA A 96 14.02 -7.64 -1.80
N ALA A 97 13.53 -8.32 -0.77
CA ALA A 97 12.29 -7.90 -0.10
C ALA A 97 12.42 -6.49 0.46
N VAL A 98 13.56 -6.20 1.09
CA VAL A 98 13.79 -4.88 1.68
C VAL A 98 13.79 -3.80 0.59
N GLU A 99 14.41 -4.10 -0.56
CA GLU A 99 14.51 -3.15 -1.65
C GLU A 99 13.14 -2.69 -2.12
N ILE A 100 12.21 -3.64 -2.24
CA ILE A 100 10.84 -3.34 -2.66
C ILE A 100 10.18 -2.37 -1.68
N ALA A 101 10.35 -2.63 -0.38
CA ALA A 101 9.76 -1.80 0.66
C ALA A 101 10.28 -0.36 0.57
N ALA A 102 11.58 -0.21 0.34
CA ALA A 102 12.20 1.11 0.26
C ALA A 102 11.58 1.93 -0.86
N GLN A 103 11.39 1.30 -2.02
CA GLN A 103 10.81 1.99 -3.17
C GLN A 103 9.41 2.52 -2.84
N LEU A 104 8.61 1.71 -2.15
CA LEU A 104 7.26 2.10 -1.77
C LEU A 104 7.25 3.39 -0.93
N GLU A 105 8.24 3.54 -0.05
CA GLU A 105 8.32 4.71 0.81
C GLU A 105 8.34 6.02 0.01
N ALA A 106 9.06 6.01 -1.11
CA ALA A 106 9.16 7.19 -1.96
C ALA A 106 7.83 7.45 -2.66
N PHE A 107 7.35 6.45 -3.40
CA PHE A 107 6.08 6.57 -4.12
C PHE A 107 4.91 6.88 -3.17
N LEU A 108 4.97 6.36 -1.95
CA LEU A 108 3.93 6.62 -0.95
C LEU A 108 3.85 8.11 -0.62
N GLU A 109 5.01 8.72 -0.43
CA GLU A 109 5.07 10.16 -0.13
C GLU A 109 4.47 10.98 -1.26
N LYS A 110 4.77 10.60 -2.50
CA LYS A 110 4.23 11.30 -3.67
C LYS A 110 2.70 11.26 -3.67
N ALA A 111 2.13 10.10 -3.35
CA ALA A 111 0.69 9.95 -3.29
C ALA A 111 0.07 10.91 -2.27
N TYR A 112 0.72 11.02 -1.11
CA TYR A 112 0.24 11.92 -0.06
C TYR A 112 0.18 13.37 -0.57
N GLN A 113 1.19 13.78 -1.33
CA GLN A 113 1.23 15.12 -1.89
C GLN A 113 0.02 15.38 -2.78
N ILE A 114 -0.32 14.40 -3.62
CA ILE A 114 -1.47 14.53 -4.50
C ILE A 114 -2.76 14.75 -3.70
N LEU A 115 -2.91 14.00 -2.61
CA LEU A 115 -4.09 14.12 -1.76
C LEU A 115 -4.22 15.54 -1.21
N ARG A 116 -3.09 16.12 -0.78
CA ARG A 116 -3.08 17.49 -0.27
C ARG A 116 -3.60 18.48 -1.31
N HIS A 117 -3.17 18.29 -2.56
CA HIS A 117 -3.61 19.17 -3.65
C HIS A 117 -5.13 19.12 -3.83
N LEU A 118 -5.69 17.91 -3.73
CA LEU A 118 -7.13 17.72 -3.89
C LEU A 118 -7.92 18.53 -2.85
N ALA A 119 -7.40 18.61 -1.63
CA ALA A 119 -8.07 19.35 -0.56
C ALA A 119 -8.03 20.86 -0.82
N ALA A 120 -6.88 21.36 -1.26
CA ALA A 120 -6.72 22.79 -1.55
C ALA A 120 -7.59 23.18 -2.74
N ALA A 121 -8.14 24.40 -2.68
CA ALA A 121 -8.99 24.90 -3.75
C ALA A 121 -8.17 25.69 -4.77
N LEU A 1 -9.83 14.07 -14.27
CA LEU A 1 -8.65 13.32 -13.86
C LEU A 1 -8.76 11.87 -14.31
N ALA A 2 -7.68 11.36 -14.91
CA ALA A 2 -7.64 9.99 -15.41
C ALA A 2 -6.21 9.46 -15.41
N ALA A 3 -5.29 10.28 -15.94
CA ALA A 3 -3.88 9.90 -16.00
C ALA A 3 -3.33 9.66 -14.60
N ALA A 4 -3.63 10.58 -13.69
CA ALA A 4 -3.18 10.46 -12.30
C ALA A 4 -3.79 9.22 -11.65
N LEU A 5 -5.11 9.09 -11.77
CA LEU A 5 -5.83 7.95 -11.20
C LEU A 5 -5.29 6.64 -11.75
N ALA A 6 -5.07 6.59 -13.07
CA ALA A 6 -4.54 5.40 -13.72
C ALA A 6 -3.19 5.00 -13.12
N GLU A 7 -2.34 5.99 -12.87
CA GLU A 7 -1.01 5.74 -12.31
C GLU A 7 -1.09 5.07 -10.94
N ILE A 8 -2.01 5.57 -10.11
CA ILE A 8 -2.17 5.05 -8.74
C ILE A 8 -2.60 3.57 -8.79
N TYR A 9 -3.56 3.27 -9.67
CA TYR A 9 -4.09 1.91 -9.75
C TYR A 9 -3.02 0.92 -10.19
N LYS A 10 -2.22 1.30 -11.18
CA LYS A 10 -1.16 0.44 -11.69
C LYS A 10 -0.12 0.14 -10.62
N GLY A 11 0.25 1.17 -9.86
CA GLY A 11 1.24 1.00 -8.78
C GLY A 11 0.76 0.00 -7.74
N LEU A 12 -0.52 0.09 -7.38
CA LEU A 12 -1.09 -0.80 -6.38
C LEU A 12 -1.02 -2.26 -6.85
N ALA A 13 -1.36 -2.48 -8.12
CA ALA A 13 -1.34 -3.83 -8.69
C ALA A 13 0.06 -4.44 -8.59
N GLU A 14 1.07 -3.65 -8.93
CA GLU A 14 2.46 -4.12 -8.90
C GLU A 14 2.85 -4.55 -7.48
N TYR A 15 2.47 -3.75 -6.49
CA TYR A 15 2.77 -4.05 -5.09
C TYR A 15 2.11 -5.35 -4.64
N GLN A 16 0.89 -5.61 -5.11
CA GLN A 16 0.17 -6.82 -4.74
C GLN A 16 0.89 -8.08 -5.22
N ALA A 17 1.35 -8.03 -6.48
CA ALA A 17 2.03 -9.18 -7.08
C ALA A 17 3.31 -9.51 -6.33
N ARG A 18 4.11 -8.48 -6.06
CA ARG A 18 5.38 -8.65 -5.36
C ARG A 18 5.15 -9.26 -3.97
N LEU A 19 4.16 -8.74 -3.26
CA LEU A 19 3.81 -9.26 -1.94
C LEU A 19 3.43 -10.74 -2.00
N LYS A 20 2.75 -11.15 -3.08
CA LYS A 20 2.36 -12.54 -3.26
C LYS A 20 3.57 -13.46 -3.22
N SER A 21 4.61 -13.11 -3.99
CA SER A 21 5.85 -13.88 -3.99
C SER A 21 6.46 -13.96 -2.58
N LEU A 22 6.43 -12.84 -1.87
CA LEU A 22 6.92 -12.78 -0.49
C LEU A 22 6.14 -13.70 0.46
N GLU A 23 4.89 -14.04 0.12
CA GLU A 23 4.00 -14.78 1.01
C GLU A 23 4.43 -16.24 1.27
N GLY A 24 5.62 -16.65 0.84
CA GLY A 24 6.14 -17.98 1.17
C GLY A 24 6.84 -18.02 2.54
N ILE A 25 6.43 -17.17 3.48
CA ILE A 25 6.99 -17.15 4.83
C ILE A 25 6.34 -18.26 5.66
N SER A 26 6.93 -18.59 6.81
CA SER A 26 6.42 -19.70 7.63
C SER A 26 5.00 -19.38 8.13
N PRO A 27 4.10 -20.35 8.23
CA PRO A 27 2.68 -20.07 8.62
C PRO A 27 2.57 -19.22 9.87
N GLU A 28 3.46 -19.44 10.84
CA GLU A 28 3.45 -18.69 12.10
C GLU A 28 3.49 -17.19 11.87
N LEU A 29 4.24 -16.76 10.86
CA LEU A 29 4.32 -15.34 10.49
C LEU A 29 3.21 -15.01 9.48
N GLY A 30 2.00 -15.50 9.75
CA GLY A 30 0.88 -15.35 8.82
C GLY A 30 0.01 -14.14 9.16
N PRO A 31 -0.50 -14.02 10.37
CA PRO A 31 -1.41 -12.87 10.74
C PRO A 31 -0.89 -11.51 10.28
N ALA A 32 0.42 -11.31 10.42
CA ALA A 32 1.04 -10.04 10.05
C ALA A 32 0.90 -9.76 8.55
N LEU A 33 1.54 -10.59 7.74
CA LEU A 33 1.55 -10.39 6.29
C LEU A 33 0.14 -10.37 5.71
N ASP A 34 -0.61 -11.44 5.97
CA ASP A 34 -1.99 -11.56 5.46
C ASP A 34 -2.85 -10.35 5.81
N ALA A 35 -2.67 -9.82 7.02
CA ALA A 35 -3.39 -8.62 7.45
C ALA A 35 -3.11 -7.45 6.52
N LEU A 36 -1.83 -7.26 6.20
CA LEU A 36 -1.42 -6.19 5.29
C LEU A 36 -2.08 -6.34 3.93
N ARG A 37 -2.14 -7.58 3.43
CA ARG A 37 -2.74 -7.86 2.13
C ARG A 37 -4.24 -7.56 2.12
N LEU A 38 -4.92 -7.84 3.24
CA LEU A 38 -6.35 -7.60 3.35
C LEU A 38 -6.67 -6.11 3.26
N ASP A 39 -5.86 -5.29 3.95
CA ASP A 39 -6.06 -3.84 3.95
C ASP A 39 -5.86 -3.27 2.55
N MET A 40 -4.80 -3.71 1.87
CA MET A 40 -4.50 -3.24 0.53
C MET A 40 -5.61 -3.61 -0.46
N ALA A 41 -6.13 -4.83 -0.32
CA ALA A 41 -7.20 -5.31 -1.21
C ALA A 41 -8.46 -4.47 -1.05
N ASP A 42 -8.80 -4.13 0.19
CA ASP A 42 -9.98 -3.32 0.46
C ASP A 42 -9.87 -1.95 -0.21
N PHE A 43 -8.69 -1.33 -0.10
CA PHE A 43 -8.44 -0.03 -0.72
C PHE A 43 -8.60 -0.11 -2.24
N ALA A 44 -8.07 -1.17 -2.84
CA ALA A 44 -8.13 -1.36 -4.29
C ALA A 44 -9.56 -1.55 -4.78
N THR A 45 -10.38 -2.26 -4.01
CA THR A 45 -11.76 -2.54 -4.41
C THR A 45 -12.58 -1.25 -4.47
N THR A 46 -12.65 -0.56 -3.34
CA THR A 46 -13.40 0.70 -3.25
C THR A 46 -12.91 1.72 -4.27
N MET A 47 -11.59 1.80 -4.44
CA MET A 47 -10.98 2.76 -5.35
C MET A 47 -11.36 2.47 -6.80
N ALA A 48 -11.35 1.19 -7.17
CA ALA A 48 -11.63 0.78 -8.54
C ALA A 48 -13.07 1.12 -8.94
N GLN A 49 -14.03 0.58 -8.20
CA GLN A 49 -15.45 0.80 -8.48
C GLN A 49 -15.78 2.29 -8.52
N ALA A 50 -15.22 3.05 -7.58
CA ALA A 50 -15.47 4.49 -7.51
C ALA A 50 -14.98 5.19 -8.78
N MET A 51 -13.79 4.81 -9.24
CA MET A 51 -13.20 5.40 -10.44
C MET A 51 -14.11 5.21 -11.64
N GLU A 52 -14.65 4.00 -11.79
CA GLU A 52 -15.53 3.68 -12.90
C GLU A 52 -16.78 4.57 -12.89
N GLU A 53 -17.36 4.75 -11.70
CA GLU A 53 -18.56 5.57 -11.56
C GLU A 53 -18.24 7.03 -11.89
N GLY A 54 -17.14 7.54 -11.33
CA GLY A 54 -16.73 8.91 -11.57
C GLY A 54 -17.58 9.89 -10.77
N LEU A 55 -17.44 9.84 -9.44
CA LEU A 55 -18.19 10.72 -8.56
C LEU A 55 -17.68 12.15 -8.67
N ASP A 56 -18.62 13.10 -8.67
CA ASP A 56 -18.26 14.51 -8.78
C ASP A 56 -17.36 14.94 -7.61
N SER A 57 -17.75 14.53 -6.40
CA SER A 57 -16.97 14.87 -5.21
C SER A 57 -17.07 13.74 -4.18
N LEU A 58 -16.39 13.95 -3.05
CA LEU A 58 -16.41 12.96 -1.96
C LEU A 58 -16.49 13.66 -0.60
N PRO A 59 -16.97 13.00 0.44
CA PRO A 59 -17.11 13.64 1.78
C PRO A 59 -15.80 13.67 2.56
N GLN A 60 -15.70 14.60 3.50
CA GLN A 60 -14.51 14.72 4.33
C GLN A 60 -14.19 13.42 5.07
N SER A 61 -15.23 12.72 5.52
CA SER A 61 -15.04 11.44 6.21
C SER A 61 -14.32 10.44 5.32
N PHE A 62 -14.70 10.39 4.04
CA PHE A 62 -14.10 9.46 3.10
C PHE A 62 -12.61 9.74 2.91
N LEU A 63 -12.27 11.00 2.70
CA LEU A 63 -10.88 11.40 2.47
C LEU A 63 -10.01 11.02 3.66
N LEU A 64 -10.51 11.27 4.87
CA LEU A 64 -9.77 10.96 6.10
C LEU A 64 -9.53 9.46 6.23
N LYS A 65 -10.53 8.65 5.87
CA LYS A 65 -10.41 7.20 5.94
C LYS A 65 -9.32 6.67 5.00
N ALA A 66 -9.19 7.28 3.82
CA ALA A 66 -8.19 6.85 2.84
C ALA A 66 -6.78 7.11 3.35
N LEU A 67 -6.58 8.30 3.92
CA LEU A 67 -5.25 8.68 4.43
C LEU A 67 -4.84 7.80 5.60
N GLU A 68 -5.78 7.54 6.51
CA GLU A 68 -5.49 6.75 7.70
C GLU A 68 -5.23 5.28 7.35
N GLN A 69 -5.97 4.76 6.36
CA GLN A 69 -5.81 3.36 5.95
C GLN A 69 -4.41 3.12 5.40
N ILE A 70 -4.05 3.85 4.34
CA ILE A 70 -2.74 3.70 3.72
C ILE A 70 -1.60 3.91 4.72
N ARG A 71 -1.76 4.89 5.60
CA ARG A 71 -0.76 5.17 6.63
C ARG A 71 -0.58 3.98 7.56
N LYS A 72 -1.69 3.34 7.94
CA LYS A 72 -1.64 2.20 8.85
C LYS A 72 -0.90 1.02 8.22
N ILE A 73 -1.13 0.79 6.92
CA ILE A 73 -0.49 -0.33 6.21
C ILE A 73 1.02 -0.10 6.09
N GLN A 74 1.44 1.14 5.84
CA GLN A 74 2.85 1.46 5.67
C GLN A 74 3.63 1.33 6.98
N ALA A 75 3.02 1.78 8.08
CA ALA A 75 3.67 1.73 9.39
C ALA A 75 3.86 0.29 9.84
N ASP A 76 2.79 -0.50 9.71
CA ASP A 76 2.83 -1.91 10.09
C ASP A 76 3.89 -2.66 9.27
N ALA A 77 3.88 -2.42 7.96
CA ALA A 77 4.84 -3.04 7.05
C ALA A 77 6.28 -2.73 7.46
N ALA A 78 6.53 -1.48 7.87
CA ALA A 78 7.85 -1.08 8.34
C ALA A 78 8.28 -1.93 9.55
N ALA A 79 7.34 -2.18 10.46
CA ALA A 79 7.61 -3.04 11.61
C ALA A 79 8.05 -4.43 11.17
N LEU A 80 7.37 -4.98 10.17
CA LEU A 80 7.73 -6.28 9.61
C LEU A 80 9.17 -6.26 9.06
N ARG A 81 9.54 -5.16 8.40
CA ARG A 81 10.88 -5.03 7.83
C ARG A 81 11.96 -5.08 8.92
N GLU A 82 11.71 -4.40 10.03
CA GLU A 82 12.68 -4.33 11.12
C GLU A 82 12.89 -5.71 11.76
N LYS A 83 11.81 -6.43 11.99
CA LYS A 83 11.87 -7.74 12.65
C LYS A 83 12.58 -8.77 11.77
N LEU A 84 12.30 -8.74 10.47
CA LEU A 84 12.89 -9.70 9.54
C LEU A 84 14.40 -9.48 9.40
N ALA A 85 14.79 -8.21 9.27
CA ALA A 85 16.21 -7.86 9.12
C ALA A 85 17.02 -8.34 10.33
N ALA A 86 16.48 -8.10 11.52
CA ALA A 86 17.15 -8.50 12.75
C ALA A 86 17.31 -10.02 12.82
N THR A 87 16.25 -10.74 12.47
CA THR A 87 16.28 -12.20 12.49
C THR A 87 17.24 -12.74 11.44
N TYR A 88 17.14 -12.23 10.23
CA TYR A 88 17.99 -12.66 9.13
C TYR A 88 18.15 -11.56 8.09
N LYS A 89 19.20 -11.67 7.27
CA LYS A 89 19.47 -10.68 6.23
C LYS A 89 20.58 -11.16 5.31
N GLY A 90 20.70 -10.52 4.15
CA GLY A 90 21.73 -10.88 3.17
C GLY A 90 21.14 -11.69 2.02
N ASN A 91 20.23 -12.62 2.35
CA ASN A 91 19.61 -13.47 1.33
C ASN A 91 18.90 -12.64 0.27
N ASP A 92 18.66 -13.27 -0.88
CA ASP A 92 18.01 -12.58 -2.00
C ASP A 92 16.58 -12.17 -1.65
N ARG A 93 15.86 -13.07 -0.99
CA ARG A 93 14.47 -12.82 -0.61
C ARG A 93 14.36 -11.59 0.29
N ALA A 94 15.22 -11.54 1.30
CA ALA A 94 15.23 -10.42 2.24
C ALA A 94 15.49 -9.09 1.53
N ALA A 95 16.46 -9.10 0.61
CA ALA A 95 16.80 -7.90 -0.15
C ALA A 95 15.60 -7.35 -0.91
N ALA A 96 14.83 -8.26 -1.51
CA ALA A 96 13.65 -7.87 -2.28
C ALA A 96 12.64 -7.14 -1.38
N ALA A 97 12.39 -7.70 -0.20
CA ALA A 97 11.45 -7.11 0.75
C ALA A 97 11.83 -5.68 1.09
N VAL A 98 13.13 -5.43 1.28
CA VAL A 98 13.62 -4.08 1.56
C VAL A 98 13.28 -3.14 0.40
N GLU A 99 13.49 -3.61 -0.83
CA GLU A 99 13.22 -2.81 -2.03
C GLU A 99 11.76 -2.43 -2.09
N ILE A 100 10.87 -3.40 -1.85
CA ILE A 100 9.43 -3.15 -1.90
C ILE A 100 9.05 -2.13 -0.83
N ALA A 101 9.54 -2.32 0.39
CA ALA A 101 9.27 -1.40 1.49
C ALA A 101 9.75 0.01 1.15
N ALA A 102 10.97 0.10 0.61
CA ALA A 102 11.54 1.39 0.22
C ALA A 102 10.66 2.08 -0.82
N GLN A 103 10.23 1.32 -1.82
CA GLN A 103 9.36 1.86 -2.86
C GLN A 103 8.06 2.40 -2.28
N LEU A 104 7.48 1.65 -1.34
CA LEU A 104 6.24 2.06 -0.69
C LEU A 104 6.42 3.40 0.03
N GLU A 105 7.55 3.56 0.72
CA GLU A 105 7.85 4.79 1.44
C GLU A 105 7.91 5.97 0.47
N ALA A 106 8.64 5.79 -0.63
CA ALA A 106 8.75 6.81 -1.66
C ALA A 106 7.37 7.08 -2.27
N PHE A 107 6.70 6.01 -2.67
CA PHE A 107 5.35 6.10 -3.23
C PHE A 107 4.39 6.80 -2.27
N LEU A 108 4.56 6.58 -0.96
CA LEU A 108 3.74 7.23 0.05
C LEU A 108 3.91 8.75 0.02
N GLU A 109 5.16 9.20 -0.14
CA GLU A 109 5.47 10.63 -0.16
C GLU A 109 4.76 11.33 -1.32
N LYS A 110 5.01 10.85 -2.54
CA LYS A 110 4.42 11.45 -3.74
C LYS A 110 2.90 11.44 -3.67
N ALA A 111 2.35 10.28 -3.29
CA ALA A 111 0.91 10.13 -3.16
C ALA A 111 0.31 11.13 -2.16
N TYR A 112 1.04 11.41 -1.08
CA TYR A 112 0.58 12.35 -0.06
C TYR A 112 0.46 13.77 -0.63
N GLN A 113 1.44 14.17 -1.45
CA GLN A 113 1.44 15.50 -2.04
C GLN A 113 0.25 15.69 -2.98
N ILE A 114 -0.01 14.68 -3.81
CA ILE A 114 -1.07 14.77 -4.81
C ILE A 114 -2.44 14.82 -4.14
N LEU A 115 -2.65 13.93 -3.17
CA LEU A 115 -3.92 13.84 -2.47
C LEU A 115 -4.23 15.12 -1.71
N ARG A 116 -3.23 15.68 -1.05
CA ARG A 116 -3.39 16.92 -0.29
C ARG A 116 -3.86 18.05 -1.19
N HIS A 117 -3.26 18.16 -2.37
CA HIS A 117 -3.64 19.18 -3.34
C HIS A 117 -5.10 19.02 -3.74
N LEU A 118 -5.52 17.77 -3.99
CA LEU A 118 -6.89 17.49 -4.40
C LEU A 118 -7.85 17.72 -3.25
N ALA A 119 -7.50 17.19 -2.08
CA ALA A 119 -8.34 17.34 -0.89
C ALA A 119 -8.52 18.82 -0.54
N ALA A 120 -7.41 19.56 -0.54
CA ALA A 120 -7.44 20.99 -0.25
C ALA A 120 -8.30 21.72 -1.28
N ALA A 121 -8.09 21.41 -2.55
CA ALA A 121 -8.86 22.04 -3.63
C ALA A 121 -10.23 21.39 -3.76
N LEU A 1 -9.41 12.85 -12.62
CA LEU A 1 -8.18 12.57 -13.35
C LEU A 1 -8.09 11.09 -13.69
N ALA A 2 -8.54 10.74 -14.90
CA ALA A 2 -8.51 9.35 -15.35
C ALA A 2 -7.07 8.84 -15.38
N ALA A 3 -6.16 9.64 -15.91
CA ALA A 3 -4.75 9.25 -16.01
C ALA A 3 -4.10 9.10 -14.63
N ALA A 4 -4.46 10.00 -13.71
CA ALA A 4 -3.92 9.95 -12.35
C ALA A 4 -4.36 8.68 -11.63
N LEU A 5 -5.65 8.40 -11.72
CA LEU A 5 -6.22 7.19 -11.10
C LEU A 5 -5.58 5.92 -11.67
N ALA A 6 -5.31 5.91 -12.97
CA ALA A 6 -4.70 4.76 -13.63
C ALA A 6 -3.30 4.49 -13.07
N GLU A 7 -2.53 5.56 -12.87
CA GLU A 7 -1.15 5.43 -12.38
C GLU A 7 -1.13 4.86 -10.97
N ILE A 8 -1.95 5.41 -10.09
CA ILE A 8 -1.97 4.98 -8.69
C ILE A 8 -2.42 3.53 -8.57
N TYR A 9 -3.50 3.20 -9.28
CA TYR A 9 -4.05 1.85 -9.25
C TYR A 9 -3.04 0.82 -9.77
N LYS A 10 -2.36 1.17 -10.86
CA LYS A 10 -1.35 0.28 -11.45
C LYS A 10 -0.22 -0.01 -10.47
N GLY A 11 0.22 1.02 -9.75
CA GLY A 11 1.30 0.87 -8.78
C GLY A 11 0.90 -0.07 -7.65
N LEU A 12 -0.32 0.09 -7.16
CA LEU A 12 -0.82 -0.75 -6.07
C LEU A 12 -0.86 -2.22 -6.49
N ALA A 13 -1.31 -2.48 -7.72
CA ALA A 13 -1.39 -3.84 -8.23
C ALA A 13 -0.02 -4.49 -8.29
N GLU A 14 0.96 -3.74 -8.78
CA GLU A 14 2.33 -4.25 -8.89
C GLU A 14 2.88 -4.65 -7.53
N TYR A 15 2.65 -3.81 -6.52
CA TYR A 15 3.13 -4.07 -5.17
C TYR A 15 2.54 -5.36 -4.62
N GLN A 16 1.24 -5.56 -4.85
CA GLN A 16 0.55 -6.77 -4.38
C GLN A 16 1.15 -8.02 -5.00
N ALA A 17 1.46 -7.95 -6.29
CA ALA A 17 2.04 -9.09 -7.01
C ALA A 17 3.39 -9.49 -6.41
N ARG A 18 4.22 -8.48 -6.13
CA ARG A 18 5.54 -8.72 -5.57
C ARG A 18 5.45 -9.44 -4.22
N LEU A 19 4.50 -9.01 -3.39
CA LEU A 19 4.29 -9.63 -2.08
C LEU A 19 3.91 -11.11 -2.24
N LYS A 20 3.03 -11.39 -3.19
CA LYS A 20 2.58 -12.75 -3.45
C LYS A 20 3.75 -13.67 -3.83
N SER A 21 4.68 -13.15 -4.63
CA SER A 21 5.84 -13.93 -5.06
C SER A 21 6.68 -14.34 -3.86
N LEU A 22 6.93 -13.38 -2.96
CA LEU A 22 7.70 -13.66 -1.75
C LEU A 22 6.90 -14.57 -0.81
N GLU A 23 7.55 -15.62 -0.32
CA GLU A 23 6.89 -16.58 0.56
C GLU A 23 7.88 -17.65 1.04
N GLY A 24 7.39 -18.57 1.86
CA GLY A 24 8.21 -19.67 2.37
C GLY A 24 9.24 -19.17 3.39
N ILE A 25 8.81 -18.26 4.26
CA ILE A 25 9.69 -17.73 5.31
C ILE A 25 9.48 -18.54 6.59
N SER A 26 8.31 -18.38 7.19
CA SER A 26 7.95 -19.13 8.39
C SER A 26 6.44 -19.06 8.62
N PRO A 27 5.79 -20.09 9.12
CA PRO A 27 4.29 -20.12 9.19
C PRO A 27 3.72 -19.08 10.16
N GLU A 28 4.44 -18.83 11.24
CA GLU A 28 4.06 -17.78 12.20
C GLU A 28 4.06 -16.40 11.56
N LEU A 29 4.95 -16.17 10.60
CA LEU A 29 5.09 -14.85 9.96
C LEU A 29 4.05 -14.59 8.85
N GLY A 30 3.32 -15.62 8.42
CA GLY A 30 2.39 -15.50 7.31
C GLY A 30 1.12 -14.71 7.68
N PRO A 31 0.41 -15.05 8.75
CA PRO A 31 -0.84 -14.33 9.13
C PRO A 31 -0.65 -12.80 9.16
N ALA A 32 0.52 -12.36 9.61
CA ALA A 32 0.81 -10.92 9.69
C ALA A 32 0.74 -10.30 8.30
N LEU A 33 1.48 -10.87 7.37
CA LEU A 33 1.49 -10.39 5.98
C LEU A 33 0.08 -10.40 5.37
N ASP A 34 -0.73 -11.39 5.74
CA ASP A 34 -2.09 -11.51 5.22
C ASP A 34 -2.95 -10.31 5.64
N ALA A 35 -2.81 -9.89 6.90
CA ALA A 35 -3.58 -8.76 7.42
C ALA A 35 -3.25 -7.48 6.66
N LEU A 36 -1.95 -7.22 6.49
CA LEU A 36 -1.50 -6.02 5.80
C LEU A 36 -2.01 -6.00 4.36
N ARG A 37 -1.90 -7.15 3.68
CA ARG A 37 -2.37 -7.28 2.30
C ARG A 37 -3.87 -7.00 2.20
N LEU A 38 -4.64 -7.43 3.19
CA LEU A 38 -6.08 -7.20 3.21
C LEU A 38 -6.40 -5.70 3.25
N ASP A 39 -5.64 -4.95 4.04
CA ASP A 39 -5.85 -3.51 4.16
C ASP A 39 -5.62 -2.82 2.83
N MET A 40 -4.49 -3.12 2.18
CA MET A 40 -4.15 -2.53 0.90
C MET A 40 -5.17 -2.88 -0.18
N ALA A 41 -5.62 -4.14 -0.17
CA ALA A 41 -6.60 -4.62 -1.14
C ALA A 41 -7.89 -3.82 -1.04
N ASP A 42 -8.38 -3.66 0.18
CA ASP A 42 -9.62 -2.92 0.41
C ASP A 42 -9.53 -1.49 -0.12
N PHE A 43 -8.38 -0.85 0.09
CA PHE A 43 -8.17 0.52 -0.40
C PHE A 43 -8.29 0.59 -1.92
N ALA A 44 -7.66 -0.38 -2.60
CA ALA A 44 -7.68 -0.41 -4.06
C ALA A 44 -9.09 -0.65 -4.61
N THR A 45 -9.81 -1.56 -3.97
CA THR A 45 -11.16 -1.90 -4.40
C THR A 45 -12.11 -0.71 -4.26
N THR A 46 -11.97 0.03 -3.16
CA THR A 46 -12.81 1.19 -2.91
C THR A 46 -12.59 2.28 -3.97
N MET A 47 -11.32 2.50 -4.32
CA MET A 47 -10.96 3.49 -5.33
C MET A 47 -11.56 3.13 -6.68
N ALA A 48 -11.48 1.84 -7.04
CA ALA A 48 -11.99 1.37 -8.32
C ALA A 48 -13.50 1.58 -8.41
N GLN A 49 -14.21 1.27 -7.33
CA GLN A 49 -15.66 1.42 -7.30
C GLN A 49 -16.07 2.88 -7.50
N ALA A 50 -15.34 3.79 -6.84
CA ALA A 50 -15.60 5.22 -6.96
C ALA A 50 -15.46 5.68 -8.41
N MET A 51 -14.43 5.16 -9.10
CA MET A 51 -14.19 5.52 -10.49
C MET A 51 -15.35 5.07 -11.39
N GLU A 52 -15.87 3.87 -11.13
CA GLU A 52 -17.00 3.35 -11.89
C GLU A 52 -18.21 4.27 -11.78
N GLU A 53 -18.46 4.76 -10.56
CA GLU A 53 -19.58 5.67 -10.32
C GLU A 53 -19.41 6.96 -11.11
N GLY A 54 -18.19 7.47 -11.16
CA GLY A 54 -17.89 8.72 -11.87
C GLY A 54 -18.48 9.93 -11.14
N LEU A 55 -18.39 9.93 -9.81
CA LEU A 55 -18.90 11.04 -9.01
C LEU A 55 -18.07 12.29 -9.27
N ASP A 56 -18.74 13.45 -9.25
CA ASP A 56 -18.06 14.73 -9.47
C ASP A 56 -16.96 14.95 -8.45
N SER A 57 -17.26 14.67 -7.18
CA SER A 57 -16.31 14.86 -6.10
C SER A 57 -16.54 13.83 -4.99
N LEU A 58 -15.45 13.40 -4.35
CA LEU A 58 -15.54 12.43 -3.27
C LEU A 58 -16.09 13.10 -2.00
N PRO A 59 -16.80 12.39 -1.14
CA PRO A 59 -17.36 13.00 0.12
C PRO A 59 -16.27 13.20 1.18
N GLN A 60 -16.53 14.11 2.12
CA GLN A 60 -15.60 14.37 3.20
C GLN A 60 -15.27 13.10 3.99
N SER A 61 -16.26 12.22 4.16
CA SER A 61 -16.05 10.95 4.86
C SER A 61 -14.98 10.11 4.16
N PHE A 62 -15.05 10.06 2.82
CA PHE A 62 -14.10 9.28 2.03
C PHE A 62 -12.68 9.79 2.22
N LEU A 63 -12.52 11.11 2.13
CA LEU A 63 -11.19 11.72 2.23
C LEU A 63 -10.55 11.42 3.58
N LEU A 64 -11.31 11.66 4.65
CA LEU A 64 -10.79 11.47 6.01
C LEU A 64 -10.38 10.01 6.25
N LYS A 65 -11.23 9.09 5.81
CA LYS A 65 -10.95 7.67 5.95
C LYS A 65 -9.68 7.27 5.20
N ALA A 66 -9.46 7.85 4.03
CA ALA A 66 -8.28 7.56 3.23
C ALA A 66 -7.00 8.00 3.95
N LEU A 67 -7.04 9.18 4.57
CA LEU A 67 -5.88 9.72 5.26
C LEU A 67 -5.47 8.84 6.43
N GLU A 68 -6.45 8.45 7.24
CA GLU A 68 -6.17 7.64 8.44
C GLU A 68 -5.82 6.19 8.08
N GLN A 69 -6.48 5.64 7.06
CA GLN A 69 -6.27 4.25 6.66
C GLN A 69 -4.87 4.05 6.10
N ILE A 70 -4.50 4.87 5.12
CA ILE A 70 -3.18 4.77 4.49
C ILE A 70 -2.06 4.94 5.52
N ARG A 71 -2.24 5.87 6.48
CA ARG A 71 -1.26 6.06 7.54
C ARG A 71 -1.07 4.78 8.35
N LYS A 72 -2.17 4.10 8.66
CA LYS A 72 -2.12 2.85 9.40
C LYS A 72 -1.33 1.78 8.63
N ILE A 73 -1.53 1.72 7.31
CA ILE A 73 -0.83 0.75 6.47
C ILE A 73 0.68 1.02 6.47
N GLN A 74 1.07 2.30 6.46
CA GLN A 74 2.48 2.68 6.48
C GLN A 74 3.16 2.24 7.77
N ALA A 75 2.46 2.41 8.90
CA ALA A 75 2.99 2.03 10.21
C ALA A 75 3.17 0.52 10.29
N ASP A 76 2.18 -0.23 9.84
CA ASP A 76 2.22 -1.68 9.87
C ASP A 76 3.31 -2.24 8.96
N ALA A 77 3.47 -1.63 7.78
CA ALA A 77 4.47 -2.08 6.81
C ALA A 77 5.88 -1.85 7.35
N ALA A 78 6.11 -0.70 7.97
CA ALA A 78 7.43 -0.37 8.52
C ALA A 78 7.83 -1.36 9.61
N ALA A 79 6.88 -1.62 10.52
CA ALA A 79 7.12 -2.57 11.61
C ALA A 79 7.44 -3.96 11.06
N LEU A 80 6.67 -4.39 10.06
CA LEU A 80 6.87 -5.69 9.43
C LEU A 80 8.26 -5.81 8.81
N ARG A 81 8.74 -4.73 8.19
CA ARG A 81 10.05 -4.71 7.55
C ARG A 81 11.15 -4.94 8.57
N GLU A 82 11.05 -4.27 9.72
CA GLU A 82 12.06 -4.39 10.76
C GLU A 82 12.13 -5.82 11.31
N LYS A 83 10.96 -6.37 11.59
CA LYS A 83 10.87 -7.73 12.14
C LYS A 83 11.40 -8.77 11.15
N LEU A 84 11.06 -8.59 9.86
CA LEU A 84 11.48 -9.50 8.82
C LEU A 84 13.00 -9.52 8.66
N ALA A 85 13.61 -8.34 8.70
CA ALA A 85 15.05 -8.20 8.53
C ALA A 85 15.79 -8.92 9.66
N ALA A 86 15.31 -8.72 10.89
CA ALA A 86 15.93 -9.36 12.06
C ALA A 86 15.83 -10.88 11.97
N THR A 87 14.68 -11.38 11.53
CA THR A 87 14.46 -12.82 11.41
C THR A 87 15.34 -13.42 10.30
N TYR A 88 15.51 -12.69 9.21
CA TYR A 88 16.34 -13.15 8.10
C TYR A 88 17.02 -11.97 7.42
N LYS A 89 18.30 -12.13 7.09
CA LYS A 89 19.06 -11.08 6.43
C LYS A 89 20.24 -11.68 5.66
N GLY A 90 20.68 -10.98 4.62
CA GLY A 90 21.78 -11.45 3.79
C GLY A 90 21.29 -12.32 2.63
N ASN A 91 20.24 -13.12 2.87
CA ASN A 91 19.67 -13.96 1.82
C ASN A 91 19.15 -13.11 0.67
N ASP A 92 19.13 -13.68 -0.52
CA ASP A 92 18.67 -12.97 -1.71
C ASP A 92 17.20 -12.59 -1.58
N ARG A 93 16.38 -13.54 -1.12
CA ARG A 93 14.94 -13.33 -1.00
C ARG A 93 14.64 -12.23 0.01
N ALA A 94 15.29 -12.29 1.17
CA ALA A 94 15.05 -11.34 2.24
C ALA A 94 15.45 -9.93 1.82
N ALA A 95 16.65 -9.81 1.26
CA ALA A 95 17.17 -8.52 0.81
C ALA A 95 16.25 -7.88 -0.22
N ALA A 96 15.74 -8.70 -1.15
CA ALA A 96 14.82 -8.22 -2.18
C ALA A 96 13.57 -7.60 -1.56
N ALA A 97 13.03 -8.27 -0.54
CA ALA A 97 11.83 -7.77 0.14
C ALA A 97 12.07 -6.38 0.73
N VAL A 98 13.24 -6.18 1.33
CA VAL A 98 13.59 -4.88 1.90
C VAL A 98 13.59 -3.79 0.82
N GLU A 99 14.16 -4.11 -0.35
CA GLU A 99 14.23 -3.16 -1.45
C GLU A 99 12.83 -2.73 -1.89
N ILE A 100 11.92 -3.70 -2.01
CA ILE A 100 10.54 -3.42 -2.41
C ILE A 100 9.88 -2.50 -1.38
N ALA A 101 10.09 -2.79 -0.10
CA ALA A 101 9.51 -1.98 0.98
C ALA A 101 10.00 -0.52 0.88
N ALA A 102 11.29 -0.35 0.61
CA ALA A 102 11.87 0.99 0.50
C ALA A 102 11.18 1.79 -0.60
N GLN A 103 10.98 1.14 -1.76
CA GLN A 103 10.33 1.79 -2.89
C GLN A 103 8.93 2.27 -2.53
N LEU A 104 8.19 1.42 -1.82
CA LEU A 104 6.83 1.75 -1.40
C LEU A 104 6.80 3.02 -0.55
N GLU A 105 7.78 3.17 0.35
CA GLU A 105 7.85 4.34 1.22
C GLU A 105 7.94 5.62 0.40
N ALA A 106 8.79 5.60 -0.64
CA ALA A 106 8.96 6.76 -1.51
C ALA A 106 7.67 7.06 -2.26
N PHE A 107 7.14 6.03 -2.94
CA PHE A 107 5.89 6.17 -3.69
C PHE A 107 4.74 6.61 -2.79
N LEU A 108 4.75 6.19 -1.52
CA LEU A 108 3.72 6.60 -0.56
C LEU A 108 3.76 8.10 -0.32
N GLU A 109 4.97 8.66 -0.19
CA GLU A 109 5.13 10.09 0.04
C GLU A 109 4.59 10.91 -1.13
N LYS A 110 4.85 10.46 -2.35
CA LYS A 110 4.37 11.16 -3.54
C LYS A 110 2.84 11.16 -3.57
N ALA A 111 2.25 10.01 -3.28
CA ALA A 111 0.79 9.88 -3.26
C ALA A 111 0.16 10.82 -2.24
N TYR A 112 0.80 10.94 -1.07
CA TYR A 112 0.29 11.81 -0.01
C TYR A 112 0.24 13.27 -0.48
N GLN A 113 1.27 13.71 -1.20
CA GLN A 113 1.33 15.08 -1.70
C GLN A 113 0.17 15.36 -2.65
N ILE A 114 -0.07 14.42 -3.56
CA ILE A 114 -1.15 14.58 -4.55
C ILE A 114 -2.51 14.72 -3.85
N LEU A 115 -2.74 13.85 -2.87
CA LEU A 115 -4.01 13.85 -2.14
C LEU A 115 -4.23 15.17 -1.40
N ARG A 116 -3.18 15.69 -0.78
CA ARG A 116 -3.27 16.93 -0.03
C ARG A 116 -3.70 18.08 -0.94
N HIS A 117 -3.14 18.13 -2.15
CA HIS A 117 -3.50 19.17 -3.12
C HIS A 117 -4.98 19.07 -3.49
N LEU A 118 -5.45 17.85 -3.72
CA LEU A 118 -6.86 17.62 -4.07
C LEU A 118 -7.79 18.05 -2.94
N ALA A 119 -7.38 17.76 -1.69
CA ALA A 119 -8.21 18.10 -0.53
C ALA A 119 -8.24 19.60 -0.31
N ALA A 120 -7.09 20.25 -0.45
CA ALA A 120 -7.01 21.70 -0.26
C ALA A 120 -7.77 22.42 -1.38
N ALA A 121 -8.40 23.54 -1.02
CA ALA A 121 -9.18 24.31 -1.98
C ALA A 121 -8.25 24.99 -2.98
#